data_8XK8
#
_entry.id   8XK8
#
_cell.length_a   84.124
_cell.length_b   111.909
_cell.length_c   87.856
_cell.angle_alpha   90.00
_cell.angle_beta   94.33
_cell.angle_gamma   90.00
#
_symmetry.space_group_name_H-M   'P 1 2 1'
#
loop_
_entity.id
_entity.type
_entity.pdbx_description
1 polymer 'Envelopment polyprotein'
2 polymer 'mAb N1D10 Fab heavy chain'
3 polymer 'mAb N1D10 Fab light chain'
#
loop_
_entity_poly.entity_id
_entity_poly.type
_entity_poly.pdbx_seq_one_letter_code
_entity_poly.pdbx_strand_id
1 'polypeptide(L)'
;MMKVIWFSSLICLVIQCGGDTGPIICAGPIHSNKSADIPHLLGYSEKICQIDRLIHVSSWLRNHSQFQGYVGQRGGRSQV
SYYPAENSYSRWSGLLSPCDADWLGMLVVKKAKGSDMIVPGPSYKGKVFFERPTFDGYVGWGCGSGKSRTESGELCSSDS
RTSSGLLPSDRVLWIGDVACQPMTPIPEETFLELKSFSQSEFPDICKIDGIVFNQCEGESLPQPFDVAWMDVGHSHKIIM
REHKTKWVQESSSKDFVCYKEGTGPCSESEEKTCKTSGSCRGDMQFCKVAGCEHGEEASEAKCRCSLVHKPGEVVVSYGG
MRVRPKCYGFSRMMATLEVSGSTLEVLFQGPHHHHHH
;
A,B
2 'polypeptide(L)'
;MGWSCIILFLVATATGVHSEVKLVESGGGLVQPGGSLKLSCAASGFTFSTYTMSWVRQTPEKRLEWVAYISNGGGSTYYP
DTVKGRFTISRDNAKNTLYLQMSSLNSEDTAMYYCARSYGNFDVWGAGTTVTVSSASTKGPSVFPLAPSSKSTSGGTAAL
GCLVKDYFPEPVTVSWNSGALTSGVHTFPAVLQSSGLYSLSSVVTVPSSSLGTQTYICNVNHKPSNTKVDKKVEPKSCDK
THHHHHH
;
H,C
3 'polypeptide(L)'
;MGWSCIILFLVATATGVHSDVVMTQTPLSLPVSFGDQVSISCRSSQSLANSYGNTYLSWYLHKPGQSPQLLIYGISKRFS
GVPDRFSGSGSGTDFTLKISTIKPEDLGMYYCLQGTHQPWTFGGGTKLEIKRTVAAPSVFIFPPSDEQLKSGTASVVCLL
NNFYPREAKVQWKVDNALQSGNSQESVTEQDSKDSTYSLSSTLTLSKADYEKHKVYACEVTHQGLSSPVTKSFNRGEC
;
L,D
#
# COMPACT_ATOMS: atom_id res chain seq x y z
N THR A 21 -10.11 22.74 21.77
CA THR A 21 -11.44 23.21 21.37
C THR A 21 -11.73 24.59 21.94
N GLY A 22 -11.02 24.94 23.01
CA GLY A 22 -11.26 26.17 23.72
C GLY A 22 -11.64 25.89 25.16
N PRO A 23 -11.39 26.85 26.05
CA PRO A 23 -11.65 26.64 27.47
C PRO A 23 -13.07 26.99 27.91
N ILE A 24 -13.39 26.58 29.14
CA ILE A 24 -14.70 26.87 29.72
C ILE A 24 -14.73 28.27 30.32
N ILE A 25 -13.77 28.58 31.18
CA ILE A 25 -13.76 29.86 31.89
C ILE A 25 -12.44 30.59 31.70
N CYS A 26 -11.33 29.87 31.80
CA CYS A 26 -10.02 30.49 31.93
C CYS A 26 -9.08 29.98 30.87
N ALA A 27 -8.30 30.88 30.28
CA ALA A 27 -7.30 30.49 29.30
C ALA A 27 -6.16 29.76 30.02
N GLY A 28 -5.30 29.13 29.22
CA GLY A 28 -4.21 28.34 29.75
C GLY A 28 -3.39 29.09 30.79
N PRO A 29 -2.93 28.38 31.81
CA PRO A 29 -2.19 29.05 32.88
C PRO A 29 -0.77 29.40 32.44
N ILE A 30 -0.29 30.53 32.96
CA ILE A 30 1.09 30.95 32.73
C ILE A 30 1.73 31.09 34.11
N HIS A 31 2.22 29.97 34.63
CA HIS A 31 2.73 29.95 36.00
C HIS A 31 4.09 30.64 36.07
N SER A 32 4.47 31.03 37.28
CA SER A 32 5.71 31.74 37.54
C SER A 32 6.72 30.89 38.29
N ASN A 33 6.34 30.31 39.44
CA ASN A 33 7.22 29.46 40.23
C ASN A 33 6.54 28.13 40.50
N LYS A 34 7.30 27.04 40.35
CA LYS A 34 6.76 25.71 40.59
C LYS A 34 6.34 25.49 42.04
N SER A 35 6.92 26.24 42.97
CA SER A 35 6.66 26.03 44.40
C SER A 35 5.37 26.69 44.87
N ALA A 36 4.77 27.55 44.05
CA ALA A 36 3.52 28.21 44.40
C ALA A 36 2.47 27.18 44.82
N ASP A 37 1.76 27.49 45.89
CA ASP A 37 0.77 26.59 46.47
C ASP A 37 -0.39 26.32 45.52
N ILE A 38 -1.32 25.49 45.95
CA ILE A 38 -2.54 25.25 45.18
C ILE A 38 -3.68 25.79 46.04
N PRO A 39 -4.09 27.05 45.86
CA PRO A 39 -5.24 27.53 46.62
C PRO A 39 -6.48 26.74 46.22
N HIS A 40 -7.01 25.97 47.14
CA HIS A 40 -8.22 25.21 46.89
C HIS A 40 -9.43 26.15 46.90
N LEU A 41 -10.22 26.11 45.83
CA LEU A 41 -11.38 26.98 45.67
C LEU A 41 -12.65 26.15 45.72
N LEU A 42 -13.56 26.50 46.64
CA LEU A 42 -14.84 25.80 46.72
C LEU A 42 -15.79 26.22 45.62
N GLY A 43 -15.73 27.48 45.18
CA GLY A 43 -16.64 27.99 44.18
C GLY A 43 -16.61 27.14 42.94
N TYR A 44 -17.78 26.68 42.50
CA TYR A 44 -17.87 25.73 41.39
C TYR A 44 -17.15 26.26 40.15
N SER A 45 -17.53 27.46 39.70
CA SER A 45 -16.82 28.07 38.58
C SER A 45 -15.33 28.19 38.87
N GLU A 46 -14.97 28.55 40.10
CA GLU A 46 -13.56 28.63 40.46
C GLU A 46 -12.91 27.25 40.37
N LYS A 47 -13.64 26.20 40.73
CA LYS A 47 -13.12 24.84 40.57
C LYS A 47 -12.97 24.47 39.10
N ILE A 48 -13.80 25.03 38.23
CA ILE A 48 -13.69 24.72 36.80
C ILE A 48 -12.61 25.56 36.14
N CYS A 49 -12.36 26.78 36.65
CA CYS A 49 -11.24 27.56 36.14
C CYS A 49 -9.91 26.91 36.50
N GLN A 50 -9.84 26.19 37.62
CA GLN A 50 -8.66 25.38 37.89
C GLN A 50 -8.56 24.22 36.91
N ILE A 51 -9.70 23.60 36.59
CA ILE A 51 -9.71 22.48 35.66
C ILE A 51 -9.28 22.94 34.27
N ASP A 52 -9.72 24.13 33.86
CA ASP A 52 -9.29 24.68 32.58
C ASP A 52 -7.79 24.88 32.55
N ARG A 53 -7.18 25.09 33.71
CA ARG A 53 -5.74 25.36 33.81
C ARG A 53 -4.98 24.16 34.35
N LEU A 54 -5.62 22.98 34.41
CA LEU A 54 -4.99 21.76 34.90
C LEU A 54 -4.37 21.93 36.29
N ILE A 55 -4.92 22.84 37.09
CA ILE A 55 -4.49 22.96 38.47
C ILE A 55 -4.90 21.74 39.28
N HIS A 56 -5.82 20.92 38.76
CA HIS A 56 -6.25 19.72 39.47
C HIS A 56 -5.28 18.57 39.27
N VAL A 57 -4.97 18.25 38.00
CA VAL A 57 -3.91 17.26 37.75
C VAL A 57 -2.61 17.76 38.36
N SER A 58 -2.42 19.08 38.40
CA SER A 58 -1.27 19.64 39.09
C SER A 58 -1.25 19.22 40.56
N SER A 59 -2.39 19.39 41.24
CA SER A 59 -2.49 18.98 42.64
C SER A 59 -2.29 17.47 42.81
N TRP A 60 -3.06 16.68 42.07
CA TRP A 60 -2.94 15.22 42.11
C TRP A 60 -1.48 14.80 41.95
N LEU A 61 -0.82 15.32 40.91
CA LEU A 61 0.59 15.01 40.70
C LEU A 61 1.42 15.33 41.94
N ARG A 62 1.14 16.47 42.57
CA ARG A 62 1.81 16.82 43.82
C ARG A 62 1.38 15.90 44.95
N ASN A 63 0.07 15.73 45.16
CA ASN A 63 -0.42 14.97 46.30
C ASN A 63 0.01 13.52 46.26
N HIS A 64 0.29 12.98 45.07
CA HIS A 64 0.49 11.54 44.93
C HIS A 64 1.83 11.13 44.33
N SER A 65 2.67 12.08 43.89
CA SER A 65 3.92 11.64 43.26
C SER A 65 5.03 12.69 43.29
N GLN A 66 5.28 13.30 44.45
CA GLN A 66 6.43 14.18 44.69
C GLN A 66 6.65 15.14 43.53
N PHE A 67 5.59 15.65 42.94
CA PHE A 67 5.71 16.48 41.74
C PHE A 67 5.74 17.95 42.15
N GLN A 68 6.83 18.64 41.84
CA GLN A 68 6.98 20.05 42.18
C GLN A 68 6.58 20.86 40.95
N GLY A 69 5.40 21.47 41.00
CA GLY A 69 5.00 22.39 39.96
C GLY A 69 3.64 22.05 39.41
N TYR A 70 3.43 22.47 38.17
CA TYR A 70 2.13 22.38 37.51
C TYR A 70 2.26 21.70 36.16
N VAL A 71 1.13 21.22 35.66
CA VAL A 71 0.99 20.82 34.26
C VAL A 71 -0.01 21.78 33.61
N GLY A 72 0.14 21.94 32.29
CA GLY A 72 -0.77 22.77 31.53
C GLY A 72 -0.24 24.13 31.15
N GLN A 73 1.06 24.38 31.28
CA GLN A 73 1.62 25.70 31.05
C GLN A 73 1.35 26.17 29.61
N ARG A 74 0.86 27.40 29.49
CA ARG A 74 0.60 28.07 28.22
C ARG A 74 -0.54 27.41 27.45
N GLY A 75 -0.65 26.09 27.52
CA GLY A 75 -1.68 25.38 26.78
C GLY A 75 -3.01 25.24 27.50
N GLY A 76 -2.97 24.81 28.76
CA GLY A 76 -4.17 24.53 29.51
C GLY A 76 -4.67 23.12 29.29
N ARG A 77 -5.81 22.81 29.90
CA ARG A 77 -6.34 21.46 29.80
C ARG A 77 -6.80 21.13 28.39
N SER A 78 -7.28 22.13 27.64
CA SER A 78 -7.69 21.94 26.25
C SER A 78 -6.58 21.33 25.39
N GLN A 79 -5.40 21.13 25.96
CA GLN A 79 -4.25 20.59 25.26
C GLN A 79 -3.77 19.26 25.81
N VAL A 80 -4.51 18.65 26.74
CA VAL A 80 -4.07 17.38 27.27
C VAL A 80 -4.08 16.35 26.14
N SER A 81 -3.14 15.42 26.19
CA SER A 81 -3.10 14.36 25.20
C SER A 81 -4.13 13.30 25.56
N TYR A 82 -4.87 12.86 24.56
CA TYR A 82 -5.86 11.80 24.72
C TYR A 82 -5.37 10.62 23.91
N TYR A 83 -5.35 9.43 24.51
CA TYR A 83 -4.78 8.28 23.79
C TYR A 83 -5.58 7.99 22.52
N PRO A 84 -6.90 7.75 22.58
CA PRO A 84 -7.66 7.73 21.33
C PRO A 84 -7.62 9.12 20.70
N ALA A 85 -6.63 9.37 19.84
CA ALA A 85 -6.53 10.66 19.17
C ALA A 85 -7.87 11.09 18.62
N GLU A 86 -8.61 10.13 18.04
CA GLU A 86 -10.03 10.34 17.74
C GLU A 86 -10.79 10.32 19.07
N ASN A 87 -10.72 11.45 19.76
CA ASN A 87 -11.42 11.63 21.04
C ASN A 87 -12.61 12.55 20.78
N SER A 88 -13.82 12.01 20.93
CA SER A 88 -15.02 12.77 20.61
C SER A 88 -15.41 13.72 21.73
N TYR A 89 -15.39 13.24 22.97
CA TYR A 89 -15.90 13.99 24.11
C TYR A 89 -14.90 15.05 24.58
N SER A 90 -13.73 15.10 23.95
CA SER A 90 -12.74 16.14 24.24
C SER A 90 -13.07 17.41 23.50
N ARG A 91 -13.60 17.29 22.27
CA ARG A 91 -14.02 18.46 21.51
C ARG A 91 -15.01 19.32 22.29
N TRP A 92 -15.73 18.72 23.23
CA TRP A 92 -16.62 19.46 24.12
C TRP A 92 -15.83 19.81 25.39
N SER A 93 -15.58 21.11 25.59
CA SER A 93 -14.76 21.53 26.72
C SER A 93 -15.43 21.21 28.04
N GLY A 94 -16.76 21.13 28.06
CA GLY A 94 -17.49 20.98 29.31
C GLY A 94 -17.71 19.56 29.77
N LEU A 95 -17.41 18.57 28.93
CA LEU A 95 -17.52 17.18 29.35
C LEU A 95 -16.33 16.84 30.24
N LEU A 96 -16.61 16.31 31.42
CA LEU A 96 -15.59 16.14 32.44
C LEU A 96 -14.85 14.82 32.23
N SER A 97 -13.52 14.88 32.28
CA SER A 97 -12.69 13.68 32.28
C SER A 97 -12.70 13.05 33.66
N PRO A 98 -12.19 11.82 33.79
CA PRO A 98 -11.99 11.26 35.15
C PRO A 98 -11.31 12.22 36.10
N CYS A 99 -10.14 12.74 35.71
CA CYS A 99 -9.43 13.70 36.55
C CYS A 99 -10.29 14.91 36.88
N ASP A 100 -10.97 15.47 35.87
CA ASP A 100 -11.77 16.67 36.08
C ASP A 100 -12.87 16.43 37.11
N ALA A 101 -13.36 15.20 37.21
CA ALA A 101 -14.34 14.88 38.25
C ALA A 101 -13.67 14.64 39.60
N ASP A 102 -12.39 14.27 39.61
CA ASP A 102 -11.65 14.17 40.87
C ASP A 102 -11.59 15.51 41.58
N TRP A 103 -11.57 16.60 40.83
CA TRP A 103 -11.50 17.92 41.46
C TRP A 103 -12.85 18.33 42.03
N LEU A 104 -13.95 17.84 41.46
CA LEU A 104 -15.29 18.19 41.89
C LEU A 104 -15.91 17.18 42.84
N GLY A 105 -15.20 16.10 43.17
CA GLY A 105 -15.74 15.14 44.11
C GLY A 105 -16.80 14.21 43.54
N MET A 106 -16.57 13.66 42.35
CA MET A 106 -17.45 12.67 41.75
C MET A 106 -16.79 11.31 41.63
N LEU A 107 -15.47 11.28 41.53
CA LEU A 107 -14.69 10.06 41.50
C LEU A 107 -13.30 10.41 41.97
N VAL A 108 -12.64 9.45 42.61
CA VAL A 108 -11.26 9.62 43.05
C VAL A 108 -10.38 8.88 42.06
N VAL A 109 -9.49 9.62 41.38
CA VAL A 109 -8.51 8.97 40.53
C VAL A 109 -7.50 8.34 41.47
N LYS A 110 -7.68 7.06 41.77
CA LYS A 110 -6.80 6.40 42.70
C LYS A 110 -5.40 6.36 42.13
N LYS A 111 -4.41 6.52 43.00
CA LYS A 111 -3.03 6.33 42.56
C LYS A 111 -2.84 4.88 42.14
N ALA A 112 -1.92 4.67 41.21
CA ALA A 112 -1.71 3.33 40.68
C ALA A 112 -1.18 2.41 41.76
N LYS A 113 -1.22 1.11 41.46
CA LYS A 113 -0.65 0.09 42.32
C LYS A 113 0.12 -0.86 41.43
N GLY A 114 1.01 -1.65 42.03
CA GLY A 114 1.77 -2.62 41.26
C GLY A 114 0.89 -3.59 40.49
N SER A 115 -0.38 -3.69 40.87
CA SER A 115 -1.36 -4.55 40.21
C SER A 115 -2.25 -3.82 39.21
N ASP A 116 -2.37 -2.49 39.31
CA ASP A 116 -3.11 -1.71 38.32
C ASP A 116 -2.34 -1.71 37.01
N MET A 117 -2.89 -2.39 36.00
CA MET A 117 -2.16 -2.59 34.75
C MET A 117 -2.22 -1.35 33.88
N ILE A 118 -1.05 -0.94 33.38
CA ILE A 118 -0.97 0.08 32.36
C ILE A 118 -1.43 -0.52 31.03
N VAL A 119 -2.26 0.22 30.31
CA VAL A 119 -2.79 -0.27 29.04
C VAL A 119 -1.82 0.07 27.92
N PRO A 120 -1.58 -0.84 26.98
CA PRO A 120 -0.73 -0.54 25.84
C PRO A 120 -1.48 0.29 24.82
N GLY A 121 -0.73 0.99 23.98
CA GLY A 121 -1.33 1.87 23.01
C GLY A 121 -0.83 3.30 23.16
N PRO A 122 -1.12 3.93 24.30
CA PRO A 122 -0.69 5.33 24.50
C PRO A 122 0.82 5.47 24.38
N SER A 123 1.24 6.50 23.66
CA SER A 123 2.66 6.85 23.59
C SER A 123 3.01 7.53 24.90
N TYR A 124 3.46 6.71 25.87
CA TYR A 124 3.73 7.20 27.21
C TYR A 124 5.05 7.97 27.32
N LYS A 125 5.96 7.77 26.37
CA LYS A 125 7.31 8.33 26.46
C LYS A 125 7.27 9.83 26.69
N GLY A 126 7.69 10.26 27.88
CA GLY A 126 7.73 11.67 28.23
C GLY A 126 6.59 12.14 29.10
N LYS A 127 5.55 11.34 29.24
CA LYS A 127 4.37 11.75 29.99
C LYS A 127 4.72 11.97 31.46
N VAL A 128 4.10 12.98 32.06
CA VAL A 128 4.32 13.27 33.47
C VAL A 128 3.16 12.72 34.30
N PHE A 129 1.96 12.78 33.73
CA PHE A 129 0.77 12.21 34.34
C PHE A 129 -0.01 11.47 33.27
N PHE A 130 -0.56 10.32 33.63
CA PHE A 130 -1.52 9.68 32.75
C PHE A 130 -2.50 8.88 33.58
N GLU A 131 -3.68 8.68 33.00
CA GLU A 131 -4.85 8.19 33.70
C GLU A 131 -5.64 7.30 32.76
N ARG A 132 -6.31 6.30 33.33
CA ARG A 132 -7.12 5.41 32.54
C ARG A 132 -8.27 4.88 33.38
N PRO A 133 -9.48 4.81 32.82
CA PRO A 133 -10.56 4.10 33.51
C PRO A 133 -10.20 2.63 33.70
N THR A 134 -10.34 2.18 34.93
CA THR A 134 -10.20 0.76 35.25
C THR A 134 -11.56 0.19 35.62
N PHE A 135 -11.69 -1.12 35.48
CA PHE A 135 -13.00 -1.75 35.68
C PHE A 135 -13.58 -1.41 37.06
N ASP A 136 -12.73 -1.16 38.06
CA ASP A 136 -13.20 -0.88 39.41
C ASP A 136 -13.09 0.59 39.77
N GLY A 137 -12.86 1.46 38.78
CA GLY A 137 -12.71 2.87 39.07
C GLY A 137 -11.66 3.53 38.20
N TYR A 138 -10.97 4.53 38.73
CA TYR A 138 -10.05 5.32 37.95
C TYR A 138 -8.68 5.33 38.60
N VAL A 139 -7.64 5.27 37.78
CA VAL A 139 -6.28 5.09 38.25
C VAL A 139 -5.38 6.04 37.48
N GLY A 140 -4.45 6.69 38.19
CA GLY A 140 -3.53 7.60 37.56
C GLY A 140 -2.10 7.24 37.90
N TRP A 141 -1.19 7.67 37.04
CA TRP A 141 0.23 7.44 37.21
C TRP A 141 0.93 8.78 37.17
N GLY A 142 1.78 9.04 38.15
CA GLY A 142 2.53 10.27 38.22
C GLY A 142 4.03 10.02 38.17
N CYS A 143 4.75 11.03 37.70
CA CYS A 143 6.20 11.04 37.73
C CYS A 143 6.66 12.16 38.65
N GLY A 144 7.75 11.94 39.36
CA GLY A 144 8.27 12.95 40.27
C GLY A 144 8.78 14.16 39.52
N SER A 145 9.20 15.15 40.30
CA SER A 145 9.76 16.36 39.71
C SER A 145 10.95 16.02 38.83
N GLY A 146 11.12 16.80 37.75
CA GLY A 146 12.17 16.54 36.78
C GLY A 146 12.21 15.12 36.27
N LYS A 147 11.06 14.45 36.21
CA LYS A 147 10.98 13.07 35.77
C LYS A 147 9.89 12.91 34.73
N SER A 148 9.98 11.81 33.98
CA SER A 148 9.08 11.55 32.89
C SER A 148 9.07 10.06 32.58
N ARG A 149 7.92 9.56 32.16
CA ARG A 149 7.73 8.14 31.92
C ARG A 149 8.63 7.64 30.79
N THR A 150 8.85 6.33 30.79
CA THR A 150 9.46 5.62 29.69
C THR A 150 8.37 5.25 28.67
N GLU A 151 8.80 4.73 27.51
CA GLU A 151 7.82 4.41 26.47
C GLU A 151 6.81 3.38 26.96
N SER A 152 7.19 2.54 27.92
CA SER A 152 6.25 1.57 28.48
C SER A 152 5.40 2.14 29.60
N GLY A 153 5.82 3.24 30.22
CA GLY A 153 5.05 3.89 31.26
C GLY A 153 5.27 3.41 32.66
N GLU A 154 6.10 2.40 32.89
CA GLU A 154 6.20 1.79 34.20
C GLU A 154 7.37 2.29 35.02
N LEU A 155 8.13 3.26 34.51
CA LEU A 155 9.20 3.87 35.29
C LEU A 155 9.24 5.35 34.96
N CYS A 156 9.90 6.12 35.81
CA CYS A 156 10.04 7.56 35.65
C CYS A 156 11.52 7.90 35.53
N SER A 157 12.02 7.89 34.30
CA SER A 157 13.40 8.25 34.04
C SER A 157 13.57 9.76 34.05
N SER A 158 14.82 10.21 33.94
CA SER A 158 15.13 11.63 33.95
C SER A 158 14.70 12.26 32.63
N ASP A 159 14.39 13.57 32.68
CA ASP A 159 13.95 14.31 31.50
C ASP A 159 14.29 15.78 31.71
N SER A 160 15.38 16.24 31.09
CA SER A 160 15.81 17.63 31.23
C SER A 160 14.71 18.61 30.83
N ARG A 161 13.81 18.22 29.92
CA ARG A 161 12.69 19.09 29.57
C ARG A 161 11.63 19.16 30.65
N THR A 162 11.83 18.51 31.79
CA THR A 162 10.90 18.58 32.90
C THR A 162 11.48 19.25 34.14
N SER A 163 12.72 19.74 34.08
CA SER A 163 13.33 20.42 35.22
C SER A 163 12.56 21.66 35.65
N SER A 164 11.91 22.35 34.71
CA SER A 164 11.25 23.61 35.01
C SER A 164 10.17 23.45 36.07
N GLY A 165 9.46 22.33 36.07
CA GLY A 165 8.31 22.17 36.94
C GLY A 165 7.06 22.84 36.42
N LEU A 166 7.19 23.71 35.43
CA LEU A 166 6.08 24.36 34.74
C LEU A 166 5.97 23.69 33.38
N LEU A 167 5.41 22.46 33.38
CA LEU A 167 5.43 21.53 32.26
C LEU A 167 4.24 21.76 31.33
N PRO A 168 4.42 21.46 30.05
CA PRO A 168 3.30 21.58 29.11
C PRO A 168 2.21 20.58 29.43
N SER A 169 1.04 20.84 28.84
CA SER A 169 -0.12 19.99 29.03
C SER A 169 -0.05 18.71 28.21
N ASP A 170 0.71 18.68 27.10
CA ASP A 170 0.90 17.44 26.38
C ASP A 170 1.52 16.38 27.28
N ARG A 171 2.23 16.81 28.33
CA ARG A 171 2.79 15.88 29.31
C ARG A 171 1.74 15.25 30.18
N VAL A 172 0.46 15.52 29.94
CA VAL A 172 -0.66 14.87 30.60
C VAL A 172 -1.42 14.07 29.56
N LEU A 173 -1.59 12.77 29.79
CA LEU A 173 -2.28 11.89 28.87
C LEU A 173 -3.51 11.29 29.54
N TRP A 174 -4.68 11.52 28.98
CA TRP A 174 -5.93 10.95 29.49
C TRP A 174 -6.37 9.85 28.54
N ILE A 175 -6.37 8.61 29.01
CA ILE A 175 -6.68 7.46 28.17
C ILE A 175 -8.19 7.26 28.15
N GLY A 176 -8.74 7.20 26.96
CA GLY A 176 -10.13 6.85 26.76
C GLY A 176 -10.99 8.05 26.40
N ASP A 177 -12.06 7.77 25.67
CA ASP A 177 -13.14 8.72 25.47
C ASP A 177 -14.04 8.63 26.70
N VAL A 178 -14.03 9.66 27.54
CA VAL A 178 -14.72 9.61 28.82
C VAL A 178 -15.51 10.89 29.03
N ALA A 179 -16.70 10.76 29.59
CA ALA A 179 -17.56 11.90 29.90
C ALA A 179 -18.19 11.67 31.25
N CYS A 180 -17.98 12.62 32.17
CA CYS A 180 -18.44 12.50 33.54
C CYS A 180 -19.45 13.61 33.84
N GLN A 181 -20.32 13.36 34.81
CA GLN A 181 -21.50 14.19 35.03
C GLN A 181 -22.16 13.74 36.33
N PRO A 182 -23.03 14.58 36.91
CA PRO A 182 -23.81 14.12 38.05
C PRO A 182 -24.69 12.96 37.64
N MET A 183 -24.68 11.91 38.45
CA MET A 183 -25.35 10.66 38.14
C MET A 183 -26.63 10.53 38.93
N THR A 184 -27.66 10.00 38.29
CA THR A 184 -28.83 9.56 39.04
C THR A 184 -28.47 8.22 39.66
N PRO A 185 -28.33 8.13 40.99
CA PRO A 185 -28.03 6.85 41.59
C PRO A 185 -29.13 5.85 41.26
N ILE A 186 -28.72 4.60 41.07
CA ILE A 186 -29.66 3.58 40.64
C ILE A 186 -29.82 2.58 41.78
N PRO A 187 -30.99 1.99 41.97
CA PRO A 187 -31.10 0.91 42.94
C PRO A 187 -30.03 -0.11 42.64
N GLU A 188 -29.45 -0.69 43.69
CA GLU A 188 -28.38 -1.65 43.49
C GLU A 188 -28.85 -2.80 42.61
N GLU A 189 -30.11 -3.21 42.78
CA GLU A 189 -30.70 -4.25 41.95
C GLU A 189 -30.50 -3.95 40.47
N THR A 190 -30.64 -2.68 40.08
CA THR A 190 -30.38 -2.26 38.71
C THR A 190 -28.96 -2.60 38.28
N PHE A 191 -27.97 -2.10 39.02
CA PHE A 191 -26.57 -2.41 38.77
C PHE A 191 -26.36 -3.91 38.58
N LEU A 192 -26.79 -4.71 39.57
CA LEU A 192 -26.65 -6.15 39.48
C LEU A 192 -27.42 -6.70 38.29
N GLU A 193 -28.61 -6.16 38.03
CA GLU A 193 -29.31 -6.47 36.79
C GLU A 193 -28.46 -6.10 35.58
N LEU A 194 -27.84 -4.91 35.61
CA LEU A 194 -26.94 -4.50 34.53
C LEU A 194 -25.72 -5.42 34.45
N LYS A 195 -25.05 -5.65 35.59
CA LYS A 195 -23.90 -6.54 35.55
C LYS A 195 -24.28 -7.91 34.99
N SER A 196 -25.52 -8.35 35.24
CA SER A 196 -25.94 -9.63 34.67
C SER A 196 -26.08 -9.54 33.16
N PHE A 197 -26.59 -8.40 32.67
CA PHE A 197 -26.66 -8.20 31.23
C PHE A 197 -25.27 -8.04 30.62
N SER A 198 -24.37 -7.36 31.33
CA SER A 198 -23.01 -7.21 30.82
C SER A 198 -22.29 -8.55 30.77
N GLN A 199 -22.71 -9.52 31.59
CA GLN A 199 -22.08 -10.82 31.61
C GLN A 199 -22.62 -11.71 30.51
N SER A 200 -23.93 -11.70 30.28
CA SER A 200 -24.49 -12.42 29.14
C SER A 200 -24.01 -11.82 27.83
N GLU A 201 -23.81 -10.50 27.79
CA GLU A 201 -23.27 -9.88 26.58
C GLU A 201 -21.80 -10.22 26.37
N PHE A 202 -21.04 -10.31 27.46
CA PHE A 202 -19.59 -10.56 27.40
C PHE A 202 -19.27 -11.88 28.09
N PRO A 203 -19.73 -13.00 27.57
CA PRO A 203 -19.48 -14.29 28.24
C PRO A 203 -18.03 -14.70 28.20
N ASP A 204 -17.28 -14.28 27.17
CA ASP A 204 -15.89 -14.67 27.07
C ASP A 204 -15.05 -14.08 28.19
N ILE A 205 -15.48 -12.94 28.74
CA ILE A 205 -14.67 -12.24 29.72
C ILE A 205 -14.77 -12.95 31.05
N CYS A 206 -13.62 -13.24 31.65
CA CYS A 206 -13.55 -13.84 32.97
C CYS A 206 -13.21 -12.81 34.04
N LYS A 207 -12.24 -11.93 33.76
CA LYS A 207 -11.85 -10.87 34.65
C LYS A 207 -11.62 -9.60 33.84
N ILE A 208 -11.82 -8.45 34.47
CA ILE A 208 -11.50 -7.16 33.86
C ILE A 208 -10.68 -6.38 34.86
N ASP A 209 -9.44 -6.04 34.48
CA ASP A 209 -8.55 -5.24 35.31
C ASP A 209 -8.41 -5.81 36.72
N GLY A 210 -8.43 -7.14 36.83
CA GLY A 210 -8.32 -7.78 38.11
C GLY A 210 -9.61 -7.95 38.87
N ILE A 211 -10.74 -7.53 38.33
CA ILE A 211 -12.03 -7.64 39.00
C ILE A 211 -12.82 -8.74 38.32
N VAL A 212 -13.22 -9.74 39.09
CA VAL A 212 -13.98 -10.85 38.55
C VAL A 212 -15.24 -10.32 37.89
N PHE A 213 -15.48 -10.77 36.66
CA PHE A 213 -16.64 -10.37 35.88
C PHE A 213 -17.43 -11.58 35.39
N ASN A 214 -16.82 -12.76 35.35
CA ASN A 214 -17.50 -14.02 35.09
C ASN A 214 -16.64 -15.12 35.70
N GLN A 215 -17.09 -16.35 35.61
CA GLN A 215 -16.34 -17.50 36.11
C GLN A 215 -15.91 -18.39 34.96
N CYS A 216 -14.62 -18.73 34.94
CA CYS A 216 -14.07 -19.51 33.85
C CYS A 216 -13.24 -20.66 34.42
N GLU A 217 -13.43 -21.86 33.88
CA GLU A 217 -12.55 -22.98 34.21
C GLU A 217 -11.24 -22.92 33.43
N GLY A 218 -11.01 -21.83 32.72
CA GLY A 218 -9.75 -21.59 32.03
C GLY A 218 -9.74 -20.17 31.51
N GLU A 219 -8.83 -19.37 32.05
CA GLU A 219 -8.70 -17.94 31.73
C GLU A 219 -7.36 -17.64 31.10
N SER A 220 -7.37 -16.93 29.98
CA SER A 220 -6.14 -16.41 29.41
C SER A 220 -5.70 -15.13 30.10
N LEU A 221 -4.41 -14.81 29.95
CA LEU A 221 -3.79 -13.71 30.65
C LEU A 221 -4.42 -12.39 30.21
N PRO A 222 -4.13 -11.30 30.93
CA PRO A 222 -4.68 -10.00 30.56
C PRO A 222 -4.48 -9.65 29.09
N GLN A 223 -5.47 -8.97 28.51
CA GLN A 223 -5.51 -8.59 27.09
C GLN A 223 -6.14 -7.22 26.95
N PRO A 224 -5.58 -6.37 26.08
CA PRO A 224 -6.21 -5.10 25.76
C PRO A 224 -7.67 -5.29 25.40
N PHE A 225 -8.51 -4.39 25.91
CA PHE A 225 -9.96 -4.55 25.79
C PHE A 225 -10.56 -3.17 25.61
N ASP A 226 -10.69 -2.75 24.36
CA ASP A 226 -11.40 -1.51 24.05
C ASP A 226 -12.88 -1.80 24.19
N VAL A 227 -13.51 -1.20 25.20
CA VAL A 227 -14.90 -1.50 25.52
C VAL A 227 -15.60 -0.20 25.89
N ALA A 228 -16.82 -0.05 25.40
CA ALA A 228 -17.67 0.99 25.94
C ALA A 228 -18.09 0.57 27.34
N TRP A 229 -17.83 1.44 28.30
CA TRP A 229 -18.08 1.13 29.69
C TRP A 229 -18.95 2.22 30.30
N MET A 230 -19.39 1.99 31.52
CA MET A 230 -20.26 2.96 32.17
C MET A 230 -20.13 2.82 33.67
N ASP A 231 -20.11 3.96 34.36
CA ASP A 231 -20.05 3.99 35.82
C ASP A 231 -21.43 4.41 36.30
N VAL A 232 -22.16 3.45 36.87
CA VAL A 232 -23.47 3.70 37.42
C VAL A 232 -23.38 3.99 38.93
N GLY A 233 -22.18 4.24 39.43
CA GLY A 233 -21.98 4.58 40.84
C GLY A 233 -21.87 3.40 41.77
N HIS A 234 -21.36 2.28 41.29
CA HIS A 234 -21.32 1.08 42.12
C HIS A 234 -19.94 0.43 42.03
N SER A 235 -19.80 -0.79 42.54
CA SER A 235 -18.49 -1.39 42.76
C SER A 235 -17.60 -1.31 41.53
N HIS A 236 -18.02 -1.95 40.45
CA HIS A 236 -17.30 -1.88 39.20
C HIS A 236 -18.13 -1.11 38.19
N LYS A 237 -17.67 -1.12 36.94
CA LYS A 237 -18.33 -0.42 35.86
C LYS A 237 -19.20 -1.42 35.10
N ILE A 238 -20.08 -0.90 34.27
CA ILE A 238 -20.93 -1.73 33.41
C ILE A 238 -20.39 -1.62 31.99
N ILE A 239 -19.75 -2.70 31.52
CA ILE A 239 -19.16 -2.72 30.19
C ILE A 239 -20.25 -3.09 29.18
N MET A 240 -20.12 -2.56 27.96
CA MET A 240 -21.24 -2.55 27.04
C MET A 240 -20.79 -2.75 25.61
N ARG A 241 -21.62 -3.44 24.84
CA ARG A 241 -21.49 -3.56 23.40
C ARG A 241 -22.72 -3.02 22.68
N GLU A 242 -23.92 -3.50 23.03
CA GLU A 242 -25.16 -3.00 22.46
C GLU A 242 -25.73 -2.00 23.48
N HIS A 243 -25.53 -0.72 23.22
CA HIS A 243 -26.07 0.30 24.11
C HIS A 243 -26.37 1.52 23.27
N LYS A 244 -27.35 2.30 23.71
CA LYS A 244 -27.74 3.51 23.01
C LYS A 244 -27.37 4.72 23.86
N THR A 245 -26.92 5.78 23.20
CA THR A 245 -26.59 7.03 23.85
C THR A 245 -27.57 8.11 23.45
N LYS A 246 -27.70 9.11 24.33
CA LYS A 246 -28.60 10.23 24.07
C LYS A 246 -28.34 11.28 25.12
N TRP A 247 -28.36 12.54 24.72
CA TRP A 247 -27.84 13.64 25.53
C TRP A 247 -28.99 14.58 25.86
N VAL A 248 -28.87 15.24 27.00
CA VAL A 248 -29.95 16.04 27.55
C VAL A 248 -29.39 17.40 27.90
N GLN A 249 -30.18 18.21 28.60
CA GLN A 249 -29.64 19.40 29.24
C GLN A 249 -30.59 19.84 30.35
N GLU A 250 -30.17 19.75 31.60
CA GLU A 250 -31.06 20.13 32.70
C GLU A 250 -30.97 21.61 33.02
N SER A 251 -30.04 22.33 32.38
CA SER A 251 -29.80 23.75 32.62
C SER A 251 -29.70 24.04 34.11
N SER A 252 -29.19 23.08 34.86
CA SER A 252 -29.01 23.19 36.29
C SER A 252 -27.88 24.14 36.60
N SER A 253 -27.71 24.41 37.90
CA SER A 253 -26.69 25.36 38.34
C SER A 253 -25.28 24.85 38.11
N LYS A 254 -25.10 23.53 37.94
CA LYS A 254 -23.79 22.97 37.66
C LYS A 254 -23.44 22.98 36.18
N ASP A 255 -24.41 23.18 35.29
CA ASP A 255 -24.14 23.32 33.87
C ASP A 255 -23.85 24.76 33.49
N PHE A 256 -23.86 25.67 34.45
CA PHE A 256 -23.63 27.08 34.20
C PHE A 256 -22.41 27.51 35.01
N VAL A 257 -21.45 28.14 34.34
CA VAL A 257 -20.30 28.72 34.99
C VAL A 257 -20.55 30.20 35.17
N CYS A 258 -19.87 30.79 36.15
CA CYS A 258 -20.02 32.21 36.46
C CYS A 258 -18.64 32.86 36.50
N TYR A 259 -18.57 34.11 36.05
CA TYR A 259 -17.28 34.76 35.86
C TYR A 259 -17.51 36.27 35.87
N LYS A 260 -16.46 37.01 36.22
CA LYS A 260 -16.47 38.46 36.16
C LYS A 260 -15.59 38.85 34.98
N GLU A 261 -16.21 39.41 33.95
CA GLU A 261 -15.58 39.80 32.69
C GLU A 261 -14.15 40.32 32.86
N GLY A 262 -13.18 39.58 32.35
CA GLY A 262 -11.81 39.99 32.36
C GLY A 262 -11.01 39.50 33.54
N THR A 263 -11.66 39.30 34.69
CA THR A 263 -10.98 38.91 35.92
C THR A 263 -11.31 37.48 36.35
N GLY A 264 -11.75 36.62 35.44
CA GLY A 264 -11.90 35.22 35.75
C GLY A 264 -13.13 34.85 36.55
N PRO A 265 -13.04 33.73 37.28
CA PRO A 265 -14.23 33.17 37.94
C PRO A 265 -14.73 34.04 39.08
N CYS A 266 -16.06 34.10 39.20
CA CYS A 266 -16.68 34.86 40.27
C CYS A 266 -16.51 34.10 41.58
N SER A 267 -16.49 34.83 42.69
CA SER A 267 -16.34 34.20 43.99
C SER A 267 -17.53 33.30 44.27
N GLU A 268 -17.40 32.46 45.31
CA GLU A 268 -18.53 31.63 45.73
C GLU A 268 -19.71 32.47 46.19
N SER A 269 -19.44 33.55 46.93
CA SER A 269 -20.51 34.42 47.38
C SER A 269 -21.23 35.06 46.20
N GLU A 270 -20.48 35.53 45.20
CA GLU A 270 -21.09 36.13 44.01
C GLU A 270 -21.87 35.10 43.20
N GLU A 271 -21.39 33.85 43.15
CA GLU A 271 -22.02 32.84 42.31
C GLU A 271 -23.40 32.46 42.80
N LYS A 272 -23.52 32.12 44.09
CA LYS A 272 -24.83 31.80 44.66
C LYS A 272 -25.82 32.93 44.43
N THR A 273 -25.38 34.18 44.63
CA THR A 273 -26.23 35.31 44.33
C THR A 273 -26.68 35.30 42.87
N CYS A 274 -25.76 34.99 41.96
CA CYS A 274 -26.08 34.91 40.53
C CYS A 274 -27.11 33.82 40.25
N LYS A 275 -26.91 32.63 40.83
CA LYS A 275 -27.71 31.46 40.50
C LYS A 275 -28.88 31.24 41.45
N THR A 276 -29.17 32.21 42.32
CA THR A 276 -30.35 32.12 43.18
C THR A 276 -31.15 33.42 43.13
N SER A 277 -30.53 34.53 43.53
CA SER A 277 -31.21 35.82 43.52
C SER A 277 -31.61 36.25 42.11
N GLY A 278 -30.88 35.79 41.10
CA GLY A 278 -31.20 36.16 39.73
C GLY A 278 -30.89 37.60 39.39
N SER A 279 -30.03 38.26 40.15
CA SER A 279 -29.65 39.64 39.90
C SER A 279 -28.27 39.70 39.26
N CYS A 280 -28.08 38.89 38.22
CA CYS A 280 -26.79 38.78 37.56
C CYS A 280 -27.00 38.70 36.05
N ARG A 281 -26.04 39.23 35.30
CA ARG A 281 -26.08 39.11 33.86
C ARG A 281 -25.86 37.65 33.48
N GLY A 282 -25.93 37.36 32.18
CA GLY A 282 -25.75 35.99 31.75
C GLY A 282 -26.22 35.79 30.33
N ASP A 283 -26.01 34.57 29.85
CA ASP A 283 -26.42 34.25 28.49
C ASP A 283 -27.95 34.17 28.42
N MET A 284 -28.46 33.88 27.22
CA MET A 284 -29.90 33.64 27.08
C MET A 284 -30.36 32.53 28.02
N GLN A 285 -29.70 31.38 27.95
CA GLN A 285 -30.19 30.18 28.63
C GLN A 285 -30.21 30.37 30.14
N PHE A 286 -29.16 30.97 30.71
CA PHE A 286 -29.19 31.32 32.13
C PHE A 286 -30.37 32.22 32.45
N CYS A 287 -30.45 33.37 31.78
CA CYS A 287 -31.57 34.29 31.92
C CYS A 287 -32.90 33.55 31.92
N LYS A 288 -33.13 32.75 30.88
CA LYS A 288 -34.43 32.11 30.68
C LYS A 288 -34.76 31.09 31.77
N VAL A 289 -33.83 30.79 32.67
CA VAL A 289 -34.13 29.94 33.81
C VAL A 289 -33.71 30.55 35.15
N ALA A 290 -32.83 31.55 35.19
CA ALA A 290 -32.30 32.04 36.46
C ALA A 290 -32.49 33.55 36.67
N GLY A 291 -32.42 34.34 35.60
CA GLY A 291 -32.69 35.75 35.74
C GLY A 291 -31.54 36.66 35.34
N CYS A 292 -31.85 37.94 35.09
CA CYS A 292 -30.81 38.91 34.75
C CYS A 292 -31.21 40.33 35.11
N GLU A 293 -30.64 41.30 34.39
CA GLU A 293 -30.88 42.71 34.67
C GLU A 293 -30.53 43.56 33.45
N ALA A 301 -18.53 45.26 36.73
CA ALA A 301 -19.50 45.81 37.65
C ALA A 301 -20.33 44.71 38.30
N LYS A 302 -20.86 43.81 37.48
CA LYS A 302 -21.62 42.66 37.98
C LYS A 302 -21.02 41.37 37.45
N CYS A 303 -21.51 40.26 37.99
CA CYS A 303 -21.06 38.93 37.61
C CYS A 303 -21.94 38.40 36.48
N ARG A 304 -21.35 37.63 35.58
CA ARG A 304 -22.04 37.04 34.45
C ARG A 304 -21.84 35.53 34.42
N CYS A 305 -22.93 34.80 34.16
CA CYS A 305 -22.91 33.35 34.12
C CYS A 305 -23.31 32.86 32.73
N SER A 306 -22.78 31.70 32.34
CA SER A 306 -23.04 31.19 31.01
C SER A 306 -23.11 29.67 31.04
N LEU A 307 -23.52 29.10 29.92
CA LEU A 307 -23.59 27.66 29.77
C LEU A 307 -22.21 27.08 29.49
N VAL A 308 -22.00 25.86 29.94
CA VAL A 308 -20.78 25.11 29.67
C VAL A 308 -20.94 24.34 28.36
N HIS A 309 -19.86 24.28 27.60
CA HIS A 309 -19.87 23.72 26.24
C HIS A 309 -19.95 22.20 26.33
N LYS A 310 -21.16 21.65 26.18
CA LYS A 310 -21.34 20.20 26.20
C LYS A 310 -22.67 19.86 25.55
N PRO A 311 -22.81 18.67 24.96
CA PRO A 311 -24.13 18.22 24.52
C PRO A 311 -25.11 18.14 25.68
N GLY A 312 -24.60 17.92 26.89
CA GLY A 312 -25.40 17.87 28.09
C GLY A 312 -25.03 16.71 28.99
N GLU A 313 -26.02 15.93 29.40
CA GLU A 313 -25.80 14.75 30.22
C GLU A 313 -26.08 13.53 29.37
N VAL A 314 -25.14 12.58 29.39
CA VAL A 314 -25.28 11.38 28.57
C VAL A 314 -26.19 10.39 29.27
N VAL A 315 -27.18 9.88 28.56
CA VAL A 315 -28.08 8.85 29.05
C VAL A 315 -27.82 7.59 28.23
N VAL A 316 -27.67 6.45 28.91
CA VAL A 316 -27.27 5.20 28.28
C VAL A 316 -28.44 4.23 28.36
N SER A 317 -28.85 3.72 27.20
CA SER A 317 -29.88 2.69 27.15
C SER A 317 -29.19 1.34 27.11
N TYR A 318 -29.64 0.42 27.96
CA TYR A 318 -28.95 -0.84 28.13
C TYR A 318 -29.85 -1.85 28.81
N GLY A 319 -30.05 -3.00 28.18
CA GLY A 319 -30.85 -4.06 28.75
C GLY A 319 -32.24 -3.62 29.18
N GLY A 320 -32.92 -2.87 28.32
CA GLY A 320 -34.23 -2.36 28.58
C GLY A 320 -34.32 -1.25 29.60
N MET A 321 -33.21 -0.85 30.21
CA MET A 321 -33.21 0.20 31.21
C MET A 321 -32.23 1.29 30.78
N ARG A 322 -32.57 2.53 31.06
CA ARG A 322 -31.71 3.67 30.81
C ARG A 322 -31.18 4.21 32.12
N VAL A 323 -29.93 4.62 32.13
CA VAL A 323 -29.25 5.08 33.33
C VAL A 323 -28.39 6.29 32.97
N ARG A 324 -28.53 7.36 33.74
CA ARG A 324 -27.64 8.53 33.67
C ARG A 324 -26.37 8.20 34.42
N PRO A 325 -25.28 7.85 33.73
CA PRO A 325 -24.10 7.36 34.43
C PRO A 325 -23.29 8.47 35.05
N LYS A 326 -22.53 8.10 36.08
CA LYS A 326 -21.56 9.04 36.62
C LYS A 326 -20.52 9.38 35.56
N CYS A 327 -20.03 8.36 34.86
CA CYS A 327 -19.16 8.57 33.72
C CYS A 327 -19.49 7.53 32.66
N TYR A 328 -19.75 7.99 31.44
CA TYR A 328 -19.88 7.13 30.27
C TYR A 328 -18.65 7.30 29.39
N GLY A 329 -18.25 6.22 28.71
CA GLY A 329 -17.08 6.32 27.88
C GLY A 329 -16.69 5.02 27.23
N PHE A 330 -15.85 5.16 26.22
CA PHE A 330 -15.16 4.06 25.55
C PHE A 330 -13.67 4.19 25.86
N SER A 331 -13.08 3.13 26.40
CA SER A 331 -11.70 3.20 26.86
C SER A 331 -11.08 1.82 26.80
N ARG A 332 -9.75 1.80 26.85
CA ARG A 332 -9.00 0.56 26.83
C ARG A 332 -8.83 0.02 28.25
N MET A 333 -8.99 -1.29 28.39
CA MET A 333 -8.84 -1.96 29.66
C MET A 333 -8.08 -3.26 29.43
N MET A 334 -7.64 -3.88 30.53
CA MET A 334 -6.92 -5.15 30.48
C MET A 334 -7.83 -6.22 31.08
N ALA A 335 -8.26 -7.16 30.25
CA ALA A 335 -9.23 -8.16 30.66
C ALA A 335 -8.70 -9.55 30.33
N THR A 336 -9.39 -10.55 30.86
CA THR A 336 -8.97 -11.95 30.73
C THR A 336 -10.13 -12.76 30.17
N LEU A 337 -9.87 -13.55 29.14
CA LEU A 337 -10.91 -14.28 28.44
C LEU A 337 -10.77 -15.79 28.65
N GLU A 338 -11.90 -16.48 28.49
CA GLU A 338 -12.01 -17.91 28.71
C GLU A 338 -11.18 -18.71 27.70
N VAL A 339 -10.75 -19.90 28.11
CA VAL A 339 -10.20 -20.89 27.19
C VAL A 339 -10.97 -22.21 27.21
N SER A 340 -12.01 -22.32 28.02
CA SER A 340 -12.83 -23.53 28.07
C SER A 340 -14.26 -23.25 27.63
N THR B 21 -19.57 32.28 2.83
CA THR B 21 -19.30 31.94 4.23
C THR B 21 -19.48 33.16 5.13
N GLY B 22 -19.27 34.35 4.56
CA GLY B 22 -19.41 35.58 5.30
C GLY B 22 -18.09 36.29 5.51
N PRO B 23 -18.14 37.60 5.66
CA PRO B 23 -16.93 38.37 5.94
C PRO B 23 -16.73 38.47 7.45
N ILE B 24 -15.55 38.97 7.83
CA ILE B 24 -15.24 39.08 9.24
C ILE B 24 -15.86 40.32 9.85
N ILE B 25 -15.64 41.49 9.24
CA ILE B 25 -16.13 42.74 9.83
C ILE B 25 -16.99 43.51 8.84
N CYS B 26 -16.58 43.55 7.58
CA CYS B 26 -17.13 44.47 6.61
C CYS B 26 -17.64 43.73 5.39
N ALA B 27 -18.81 44.15 4.92
CA ALA B 27 -19.43 43.59 3.73
C ALA B 27 -18.64 44.01 2.48
N GLY B 28 -18.94 43.34 1.36
CA GLY B 28 -18.21 43.53 0.14
C GLY B 28 -18.06 44.99 -0.24
N PRO B 29 -16.90 45.36 -0.79
CA PRO B 29 -16.69 46.76 -1.18
C PRO B 29 -17.45 47.12 -2.44
N ILE B 30 -17.92 48.36 -2.49
CA ILE B 30 -18.57 48.91 -3.68
C ILE B 30 -17.84 50.21 -4.00
N HIS B 31 -16.73 50.10 -4.74
CA HIS B 31 -15.86 51.22 -5.00
C HIS B 31 -16.48 52.18 -6.03
N SER B 32 -15.91 53.39 -6.09
CA SER B 32 -16.42 54.44 -6.97
C SER B 32 -15.47 54.68 -8.14
N ASN B 33 -14.22 55.01 -7.87
CA ASN B 33 -13.22 55.22 -8.91
C ASN B 33 -11.98 54.40 -8.61
N LYS B 34 -11.41 53.79 -9.66
CA LYS B 34 -10.22 52.97 -9.49
C LYS B 34 -9.02 53.77 -9.00
N SER B 35 -9.01 55.09 -9.22
CA SER B 35 -7.81 55.86 -8.92
C SER B 35 -7.69 56.27 -7.46
N ALA B 36 -8.76 56.19 -6.67
CA ALA B 36 -8.66 56.52 -5.25
C ALA B 36 -7.61 55.66 -4.56
N ASP B 37 -6.70 56.31 -3.82
CA ASP B 37 -5.66 55.60 -3.10
C ASP B 37 -6.24 54.86 -1.90
N ILE B 38 -5.38 54.12 -1.20
CA ILE B 38 -5.76 53.35 -0.01
C ILE B 38 -4.99 53.80 1.23
N PRO B 39 -5.63 54.54 2.13
CA PRO B 39 -4.95 54.97 3.37
C PRO B 39 -4.52 53.80 4.23
N HIS B 40 -3.26 53.83 4.65
CA HIS B 40 -2.75 52.85 5.59
C HIS B 40 -3.47 53.01 6.92
N LEU B 41 -4.01 51.92 7.44
CA LEU B 41 -4.83 51.93 8.64
C LEU B 41 -4.06 51.27 9.78
N LEU B 42 -3.91 52.00 10.87
CA LEU B 42 -3.20 51.48 12.04
C LEU B 42 -4.04 50.48 12.82
N GLY B 43 -5.33 50.75 12.94
CA GLY B 43 -6.22 49.91 13.73
C GLY B 43 -6.28 48.47 13.24
N TYR B 44 -6.06 47.52 14.16
CA TYR B 44 -6.04 46.10 13.78
C TYR B 44 -7.35 45.70 13.10
N SER B 45 -8.49 45.97 13.75
CA SER B 45 -9.79 45.69 13.15
C SER B 45 -9.92 46.36 11.79
N GLU B 46 -9.41 47.58 11.68
CA GLU B 46 -9.45 48.28 10.41
C GLU B 46 -8.61 47.57 9.35
N LYS B 47 -7.48 46.98 9.75
CA LYS B 47 -6.71 46.17 8.82
C LYS B 47 -7.45 44.91 8.41
N ILE B 48 -8.30 44.37 9.28
CA ILE B 48 -9.03 43.16 8.92
C ILE B 48 -10.23 43.52 8.06
N CYS B 49 -10.79 44.71 8.26
CA CYS B 49 -11.82 45.20 7.35
C CYS B 49 -11.25 45.48 5.97
N GLN B 50 -9.96 45.85 5.91
CA GLN B 50 -9.27 45.92 4.63
C GLN B 50 -9.07 44.53 4.05
N ILE B 51 -8.73 43.57 4.90
CA ILE B 51 -8.53 42.21 4.43
C ILE B 51 -9.84 41.64 3.89
N ASP B 52 -10.96 41.92 4.57
CA ASP B 52 -12.26 41.47 4.11
C ASP B 52 -12.62 42.03 2.73
N ARG B 53 -12.09 43.20 2.38
CA ARG B 53 -12.44 43.86 1.13
C ARG B 53 -11.31 43.77 0.11
N LEU B 54 -10.34 42.88 0.32
CA LEU B 54 -9.20 42.70 -0.58
C LEU B 54 -8.46 44.02 -0.82
N ILE B 55 -8.50 44.93 0.15
CA ILE B 55 -7.71 46.15 0.03
C ILE B 55 -6.21 45.83 0.07
N HIS B 56 -5.85 44.63 0.53
CA HIS B 56 -4.43 44.27 0.61
C HIS B 56 -3.91 43.73 -0.73
N VAL B 57 -4.59 42.75 -1.30
CA VAL B 57 -4.23 42.29 -2.64
C VAL B 57 -4.32 43.44 -3.63
N SER B 58 -5.26 44.36 -3.41
CA SER B 58 -5.33 45.56 -4.22
C SER B 58 -4.04 46.37 -4.10
N SER B 59 -3.56 46.57 -2.87
CA SER B 59 -2.30 47.28 -2.66
C SER B 59 -1.15 46.59 -3.36
N TRP B 60 -0.99 45.29 -3.11
CA TRP B 60 0.03 44.48 -3.76
C TRP B 60 0.02 44.69 -5.27
N LEU B 61 -1.15 44.52 -5.89
CA LEU B 61 -1.28 44.73 -7.33
C LEU B 61 -0.84 46.13 -7.74
N ARG B 62 -1.22 47.14 -6.96
CA ARG B 62 -0.75 48.50 -7.25
C ARG B 62 0.76 48.58 -7.08
N ASN B 63 1.26 48.10 -5.94
CA ASN B 63 2.68 48.24 -5.61
C ASN B 63 3.59 47.46 -6.55
N HIS B 64 3.11 46.37 -7.16
CA HIS B 64 4.00 45.43 -7.85
C HIS B 64 3.69 45.16 -9.32
N SER B 65 2.59 45.65 -9.88
CA SER B 65 2.32 45.29 -11.27
C SER B 65 1.41 46.25 -12.01
N GLN B 66 1.71 47.55 -11.92
CA GLN B 66 1.05 48.61 -12.71
C GLN B 66 -0.47 48.45 -12.71
N PHE B 67 -1.03 48.02 -11.59
CA PHE B 67 -2.46 47.76 -11.48
C PHE B 67 -3.12 48.99 -10.89
N GLN B 68 -4.01 49.60 -11.65
CA GLN B 68 -4.74 50.78 -11.22
C GLN B 68 -6.09 50.34 -10.70
N GLY B 69 -6.27 50.34 -9.38
CA GLY B 69 -7.58 50.08 -8.83
C GLY B 69 -7.63 49.00 -7.77
N TYR B 70 -8.79 48.35 -7.65
CA TYR B 70 -9.05 47.38 -6.60
C TYR B 70 -9.48 46.07 -7.23
N VAL B 71 -9.31 45.00 -6.45
CA VAL B 71 -9.97 43.74 -6.70
C VAL B 71 -10.91 43.48 -5.53
N GLY B 72 -11.95 42.70 -5.78
CA GLY B 72 -12.90 42.36 -4.74
C GLY B 72 -14.23 43.08 -4.80
N GLN B 73 -14.56 43.68 -5.93
CA GLN B 73 -15.77 44.49 -6.03
C GLN B 73 -17.01 43.64 -5.74
N ARG B 74 -17.87 44.14 -4.83
CA ARG B 74 -19.14 43.51 -4.45
C ARG B 74 -18.95 42.16 -3.76
N GLY B 75 -17.94 41.40 -4.16
CA GLY B 75 -17.75 40.08 -3.58
C GLY B 75 -16.96 40.08 -2.30
N GLY B 76 -15.81 40.77 -2.28
CA GLY B 76 -14.96 40.78 -1.12
C GLY B 76 -14.01 39.60 -1.10
N ARG B 77 -13.25 39.50 -0.01
CA ARG B 77 -12.25 38.44 0.11
C ARG B 77 -12.88 37.05 0.16
N SER B 78 -14.07 36.93 0.75
CA SER B 78 -14.80 35.68 0.78
C SER B 78 -15.08 35.13 -0.63
N GLN B 79 -14.71 35.89 -1.66
CA GLN B 79 -15.03 35.55 -3.03
C GLN B 79 -13.82 35.25 -3.90
N VAL B 80 -12.61 35.23 -3.33
CA VAL B 80 -11.41 34.90 -4.09
C VAL B 80 -11.44 33.43 -4.48
N SER B 81 -10.89 33.13 -5.65
CA SER B 81 -10.84 31.75 -6.11
C SER B 81 -9.69 31.03 -5.44
N TYR B 82 -9.95 29.79 -5.01
CA TYR B 82 -8.95 28.94 -4.40
C TYR B 82 -8.73 27.76 -5.34
N TYR B 83 -7.47 27.44 -5.65
CA TYR B 83 -7.24 26.40 -6.65
C TYR B 83 -7.84 25.08 -6.18
N PRO B 84 -7.45 24.51 -5.03
CA PRO B 84 -8.27 23.42 -4.49
C PRO B 84 -9.62 24.01 -4.11
N ALA B 85 -10.58 24.01 -5.05
CA ALA B 85 -11.91 24.53 -4.77
C ALA B 85 -12.46 23.97 -3.47
N GLU B 86 -12.23 22.69 -3.21
CA GLU B 86 -12.45 22.08 -1.90
C GLU B 86 -11.38 22.61 -0.95
N ASN B 87 -11.62 23.81 -0.43
CA ASN B 87 -10.73 24.49 0.51
C ASN B 87 -11.33 24.43 1.91
N SER B 88 -10.58 23.85 2.85
CA SER B 88 -11.09 23.69 4.21
C SER B 88 -11.00 24.98 4.99
N TYR B 89 -9.88 25.67 4.92
CA TYR B 89 -9.63 26.83 5.78
C TYR B 89 -10.32 28.10 5.28
N SER B 90 -11.00 28.05 4.14
CA SER B 90 -11.72 29.22 3.65
C SER B 90 -13.09 29.35 4.31
N ARG B 91 -13.75 28.22 4.59
CA ARG B 91 -15.06 28.23 5.22
C ARG B 91 -15.06 29.03 6.52
N TRP B 92 -13.90 29.12 7.19
CA TRP B 92 -13.72 29.97 8.35
C TRP B 92 -13.19 31.31 7.87
N SER B 93 -13.99 32.36 8.03
CA SER B 93 -13.62 33.67 7.52
C SER B 93 -12.37 34.22 8.19
N GLY B 94 -12.07 33.77 9.41
CA GLY B 94 -10.98 34.35 10.18
C GLY B 94 -9.61 33.75 9.97
N LEU B 95 -9.51 32.63 9.27
CA LEU B 95 -8.20 32.06 8.98
C LEU B 95 -7.53 32.84 7.86
N LEU B 96 -6.32 33.30 8.12
CA LEU B 96 -5.62 34.24 7.26
C LEU B 96 -4.87 33.50 6.16
N SER B 97 -5.02 33.97 4.93
CA SER B 97 -4.21 33.45 3.83
C SER B 97 -2.83 34.10 3.91
N PRO B 98 -1.86 33.62 3.11
CA PRO B 98 -0.57 34.32 3.03
C PRO B 98 -0.72 35.82 2.83
N CYS B 99 -1.52 36.24 1.85
CA CYS B 99 -1.74 37.67 1.61
C CYS B 99 -2.28 38.37 2.87
N ASP B 100 -3.27 37.77 3.53
CA ASP B 100 -3.88 38.41 4.69
C ASP B 100 -2.87 38.65 5.80
N ALA B 101 -1.87 37.78 5.94
CA ALA B 101 -0.82 38.03 6.90
C ALA B 101 0.21 39.02 6.34
N ASP B 102 0.33 39.09 5.02
CA ASP B 102 1.17 40.11 4.40
C ASP B 102 0.65 41.50 4.72
N TRP B 103 -0.65 41.65 4.88
CA TRP B 103 -1.23 42.95 5.21
C TRP B 103 -1.04 43.30 6.68
N LEU B 104 -0.92 42.28 7.53
CA LEU B 104 -0.76 42.49 8.96
C LEU B 104 0.70 42.52 9.40
N GLY B 105 1.64 42.40 8.48
CA GLY B 105 3.05 42.45 8.82
C GLY B 105 3.59 41.19 9.47
N MET B 106 3.23 40.02 8.91
CA MET B 106 3.76 38.75 9.37
C MET B 106 4.61 38.02 8.33
N LEU B 107 4.40 38.27 7.05
CA LEU B 107 5.21 37.67 6.00
C LEU B 107 5.10 38.52 4.75
N VAL B 108 6.13 38.48 3.91
CA VAL B 108 6.15 39.24 2.67
C VAL B 108 5.82 38.31 1.51
N VAL B 109 4.71 38.60 0.82
CA VAL B 109 4.38 37.93 -0.44
C VAL B 109 5.23 38.60 -1.51
N LYS B 110 6.39 38.02 -1.81
CA LYS B 110 7.30 38.58 -2.80
C LYS B 110 6.71 38.50 -4.20
N LYS B 111 7.00 39.51 -5.02
CA LYS B 111 6.68 39.41 -6.43
C LYS B 111 7.45 38.25 -7.04
N ALA B 112 6.85 37.61 -8.03
CA ALA B 112 7.49 36.48 -8.67
C ALA B 112 8.69 36.94 -9.50
N LYS B 113 9.51 35.96 -9.89
CA LYS B 113 10.59 36.15 -10.85
C LYS B 113 10.59 34.94 -11.77
N GLY B 114 11.34 35.07 -12.87
CA GLY B 114 11.43 34.02 -13.88
C GLY B 114 11.78 32.65 -13.35
N SER B 115 12.29 32.59 -12.12
CA SER B 115 12.62 31.33 -11.49
C SER B 115 11.52 30.80 -10.59
N ASP B 116 10.60 31.65 -10.14
CA ASP B 116 9.45 31.21 -9.36
C ASP B 116 8.49 30.46 -10.26
N MET B 117 8.38 29.15 -10.05
CA MET B 117 7.61 28.31 -10.96
C MET B 117 6.12 28.40 -10.65
N ILE B 118 5.32 28.63 -11.69
CA ILE B 118 3.87 28.47 -11.59
C ILE B 118 3.53 26.98 -11.61
N VAL B 119 2.66 26.57 -10.69
CA VAL B 119 2.26 25.18 -10.56
C VAL B 119 1.07 24.90 -11.47
N PRO B 120 1.03 23.74 -12.12
CA PRO B 120 -0.12 23.41 -12.95
C PRO B 120 -1.31 22.98 -12.10
N GLY B 121 -2.50 23.11 -12.69
CA GLY B 121 -3.72 22.83 -12.00
C GLY B 121 -4.70 23.99 -11.99
N PRO B 122 -4.33 25.10 -11.35
CA PRO B 122 -5.24 26.24 -11.25
C PRO B 122 -5.67 26.77 -12.61
N SER B 123 -6.96 27.07 -12.72
CA SER B 123 -7.50 27.73 -13.90
C SER B 123 -7.10 29.18 -13.81
N TYR B 124 -5.94 29.50 -14.40
CA TYR B 124 -5.39 30.84 -14.34
C TYR B 124 -6.05 31.81 -15.30
N LYS B 125 -6.73 31.29 -16.33
CA LYS B 125 -7.29 32.12 -17.40
C LYS B 125 -8.19 33.21 -16.84
N GLY B 126 -7.73 34.46 -16.92
CA GLY B 126 -8.50 35.59 -16.46
C GLY B 126 -8.10 36.13 -15.11
N LYS B 127 -7.28 35.39 -14.35
CA LYS B 127 -6.90 35.85 -13.03
C LYS B 127 -6.08 37.13 -13.12
N VAL B 128 -6.30 38.03 -12.18
CA VAL B 128 -5.61 39.32 -12.16
C VAL B 128 -4.47 39.23 -11.15
N PHE B 129 -4.70 38.49 -10.07
CA PHE B 129 -3.68 38.21 -9.08
C PHE B 129 -3.75 36.74 -8.70
N PHE B 130 -2.59 36.11 -8.51
CA PHE B 130 -2.58 34.80 -7.89
C PHE B 130 -1.26 34.62 -7.15
N GLU B 131 -1.31 33.75 -6.15
CA GLU B 131 -0.25 33.58 -5.18
C GLU B 131 -0.20 32.12 -4.76
N ARG B 132 1.00 31.66 -4.41
CA ARG B 132 1.12 30.30 -3.95
C ARG B 132 2.26 30.25 -2.95
N PRO B 133 2.11 29.49 -1.87
CA PRO B 133 3.24 29.20 -1.00
C PRO B 133 4.32 28.47 -1.78
N THR B 134 5.55 28.96 -1.67
CA THR B 134 6.71 28.29 -2.21
C THR B 134 7.52 27.73 -1.04
N PHE B 135 8.37 26.75 -1.35
CA PHE B 135 9.11 26.08 -0.29
C PHE B 135 9.86 27.06 0.61
N ASP B 136 10.31 28.18 0.05
CA ASP B 136 11.10 29.17 0.78
C ASP B 136 10.33 30.46 1.08
N GLY B 137 9.02 30.43 0.97
CA GLY B 137 8.25 31.62 1.29
C GLY B 137 7.02 31.72 0.40
N TYR B 138 6.59 32.95 0.14
CA TYR B 138 5.35 33.19 -0.57
C TYR B 138 5.59 34.11 -1.76
N VAL B 139 4.89 33.82 -2.85
CA VAL B 139 5.14 34.46 -4.13
C VAL B 139 3.80 34.82 -4.75
N GLY B 140 3.73 36.01 -5.35
CA GLY B 140 2.51 36.46 -5.99
C GLY B 140 2.80 36.87 -7.41
N TRP B 141 1.75 36.83 -8.22
CA TRP B 141 1.82 37.23 -9.63
C TRP B 141 0.74 38.26 -9.89
N GLY B 142 1.11 39.38 -10.51
CA GLY B 142 0.13 40.41 -10.79
C GLY B 142 -0.05 40.72 -12.26
N CYS B 143 -1.21 41.25 -12.62
CA CYS B 143 -1.48 41.77 -13.95
C CYS B 143 -1.76 43.26 -13.88
N GLY B 144 -1.30 43.99 -14.89
CA GLY B 144 -1.56 45.41 -14.99
C GLY B 144 -3.01 45.72 -15.30
N SER B 145 -3.31 47.02 -15.33
CA SER B 145 -4.64 47.46 -15.68
C SER B 145 -5.05 46.93 -17.05
N GLY B 146 -6.34 46.70 -17.22
CA GLY B 146 -6.87 46.11 -18.43
C GLY B 146 -6.19 44.82 -18.85
N LYS B 147 -5.65 44.07 -17.90
CA LYS B 147 -4.97 42.82 -18.21
C LYS B 147 -5.41 41.71 -17.26
N SER B 148 -5.15 40.47 -17.69
CA SER B 148 -5.57 39.27 -16.98
C SER B 148 -4.68 38.12 -17.45
N ARG B 149 -4.42 37.18 -16.55
CA ARG B 149 -3.52 36.07 -16.85
C ARG B 149 -4.02 35.25 -18.03
N THR B 150 -3.10 34.53 -18.67
CA THR B 150 -3.47 33.55 -19.66
C THR B 150 -3.79 32.21 -18.99
N GLU B 151 -4.34 31.29 -19.77
CA GLU B 151 -4.72 29.99 -19.22
C GLU B 151 -3.50 29.22 -18.73
N SER B 152 -2.31 29.52 -19.27
CA SER B 152 -1.09 28.93 -18.76
C SER B 152 -0.57 29.68 -17.54
N GLY B 153 -1.03 30.91 -17.33
CA GLY B 153 -0.69 31.70 -16.17
C GLY B 153 0.55 32.56 -16.30
N GLU B 154 1.25 32.53 -17.44
CA GLU B 154 2.55 33.17 -17.53
C GLU B 154 2.54 34.53 -18.21
N LEU B 155 1.38 35.01 -18.66
CA LEU B 155 1.33 36.32 -19.31
C LEU B 155 0.04 37.02 -18.92
N CYS B 156 0.02 38.33 -19.17
CA CYS B 156 -1.13 39.19 -18.91
C CYS B 156 -1.55 39.79 -20.24
N SER B 157 -2.42 39.09 -20.96
CA SER B 157 -2.93 39.58 -22.22
C SER B 157 -3.99 40.65 -21.96
N SER B 158 -4.48 41.26 -23.04
CA SER B 158 -5.49 42.28 -22.89
C SER B 158 -6.82 41.65 -22.49
N ASP B 159 -7.61 42.40 -21.74
CA ASP B 159 -8.90 41.89 -21.28
C ASP B 159 -9.81 43.09 -21.01
N SER B 160 -10.70 43.38 -21.97
CA SER B 160 -11.65 44.48 -21.83
C SER B 160 -12.50 44.35 -20.57
N ARG B 161 -12.66 43.14 -20.04
CA ARG B 161 -13.44 42.90 -18.83
C ARG B 161 -12.75 43.41 -17.57
N THR B 162 -11.53 43.92 -17.70
CA THR B 162 -10.80 44.52 -16.59
C THR B 162 -10.50 45.99 -16.81
N SER B 163 -11.01 46.59 -17.89
CA SER B 163 -10.80 48.01 -18.14
C SER B 163 -11.34 48.85 -17.00
N SER B 164 -12.40 48.39 -16.33
CA SER B 164 -13.01 49.15 -15.25
C SER B 164 -12.01 49.40 -14.13
N GLY B 165 -11.13 48.43 -13.86
CA GLY B 165 -10.25 48.51 -12.72
C GLY B 165 -10.87 48.12 -11.39
N LEU B 166 -12.20 48.02 -11.32
CA LEU B 166 -12.91 47.56 -10.12
C LEU B 166 -13.37 46.14 -10.39
N LEU B 167 -12.46 45.23 -10.27
CA LEU B 167 -12.65 43.87 -10.71
C LEU B 167 -13.23 43.01 -9.59
N PRO B 168 -14.00 41.97 -9.94
CA PRO B 168 -14.55 41.08 -8.90
C PRO B 168 -13.43 40.31 -8.21
N SER B 169 -13.80 39.69 -7.09
CA SER B 169 -12.81 38.95 -6.30
C SER B 169 -12.39 37.66 -6.98
N ASP B 170 -13.24 37.12 -7.85
CA ASP B 170 -12.91 35.89 -8.57
C ASP B 170 -11.61 36.03 -9.36
N ARG B 171 -11.24 37.25 -9.74
CA ARG B 171 -9.98 37.51 -10.42
C ARG B 171 -8.77 37.38 -9.51
N VAL B 172 -8.95 36.98 -8.25
CA VAL B 172 -7.85 36.73 -7.33
C VAL B 172 -7.84 35.24 -7.00
N LEU B 173 -6.69 34.60 -7.20
CA LEU B 173 -6.54 33.16 -6.98
C LEU B 173 -5.55 32.92 -5.86
N TRP B 174 -6.00 32.29 -4.78
CA TRP B 174 -5.16 31.90 -3.66
C TRP B 174 -4.94 30.40 -3.75
N ILE B 175 -3.70 29.99 -3.99
CA ILE B 175 -3.38 28.58 -4.21
C ILE B 175 -3.13 27.90 -2.87
N GLY B 176 -3.86 26.83 -2.62
CA GLY B 176 -3.59 26.00 -1.47
C GLY B 176 -4.59 26.21 -0.34
N ASP B 177 -4.76 25.16 0.47
CA ASP B 177 -5.43 25.29 1.76
C ASP B 177 -4.39 25.77 2.76
N VAL B 178 -4.49 27.04 3.19
CA VAL B 178 -3.45 27.67 3.99
C VAL B 178 -4.09 28.46 5.13
N ALA B 179 -3.46 28.43 6.29
CA ALA B 179 -3.91 29.15 7.48
C ALA B 179 -2.70 29.74 8.20
N CYS B 180 -2.72 31.05 8.42
CA CYS B 180 -1.61 31.77 9.02
C CYS B 180 -2.03 32.36 10.36
N GLN B 181 -1.03 32.61 11.21
CA GLN B 181 -1.26 32.90 12.62
C GLN B 181 0.06 33.35 13.24
N PRO B 182 0.00 34.02 14.39
CA PRO B 182 1.25 34.33 15.11
C PRO B 182 1.92 33.05 15.62
N MET B 183 3.22 32.97 15.43
CA MET B 183 4.01 31.78 15.75
C MET B 183 4.84 32.01 17.00
N THR B 184 5.00 30.96 17.80
CA THR B 184 6.05 30.97 18.80
C THR B 184 7.34 30.61 18.08
N PRO B 185 8.29 31.53 17.95
CA PRO B 185 9.52 31.22 17.22
C PRO B 185 10.24 30.03 17.85
N ILE B 186 10.90 29.25 17.00
CA ILE B 186 11.60 28.06 17.50
C ILE B 186 13.10 28.28 17.31
N PRO B 187 13.93 27.81 18.24
CA PRO B 187 15.37 27.81 18.00
C PRO B 187 15.69 27.02 16.74
N GLU B 188 16.75 27.45 16.04
CA GLU B 188 17.08 26.78 14.79
C GLU B 188 17.26 25.27 15.00
N GLU B 189 17.88 24.88 16.13
CA GLU B 189 18.06 23.47 16.43
C GLU B 189 16.76 22.70 16.28
N THR B 190 15.65 23.29 16.73
CA THR B 190 14.35 22.71 16.48
C THR B 190 14.09 22.58 14.98
N PHE B 191 14.13 23.71 14.27
CA PHE B 191 13.93 23.71 12.83
C PHE B 191 14.76 22.64 12.12
N LEU B 192 16.09 22.68 12.29
CA LEU B 192 16.94 21.71 11.58
C LEU B 192 16.61 20.28 11.98
N GLU B 193 16.30 20.05 13.26
CA GLU B 193 15.74 18.75 13.64
C GLU B 193 14.47 18.45 12.85
N LEU B 194 13.59 19.44 12.72
CA LEU B 194 12.41 19.28 11.88
C LEU B 194 12.80 19.04 10.43
N LYS B 195 13.68 19.88 9.89
CA LYS B 195 14.17 19.70 8.52
C LYS B 195 14.77 18.31 8.31
N SER B 196 15.44 17.77 9.35
CA SER B 196 16.03 16.45 9.20
C SER B 196 14.96 15.37 9.11
N PHE B 197 13.87 15.52 9.87
CA PHE B 197 12.77 14.57 9.75
C PHE B 197 12.07 14.68 8.40
N SER B 198 11.92 15.91 7.89
CA SER B 198 11.27 16.09 6.61
C SER B 198 12.07 15.49 5.46
N GLN B 199 13.37 15.34 5.63
CA GLN B 199 14.19 14.76 4.57
C GLN B 199 14.12 13.24 4.62
N SER B 200 14.17 12.65 5.82
CA SER B 200 13.97 11.21 5.95
C SER B 200 12.55 10.81 5.55
N GLU B 201 11.56 11.68 5.78
CA GLU B 201 10.20 11.39 5.33
C GLU B 201 10.10 11.47 3.82
N PHE B 202 10.85 12.38 3.21
CA PHE B 202 10.85 12.61 1.76
C PHE B 202 12.24 12.32 1.19
N PRO B 203 12.72 11.07 1.26
CA PRO B 203 14.08 10.79 0.78
C PRO B 203 14.19 10.98 -0.72
N ASP B 204 13.08 10.80 -1.43
CA ASP B 204 13.04 10.91 -2.89
C ASP B 204 13.27 12.34 -3.38
N ILE B 205 12.93 13.34 -2.59
CA ILE B 205 12.95 14.74 -3.04
C ILE B 205 14.37 15.27 -3.06
N CYS B 206 14.76 15.91 -4.17
CA CYS B 206 16.07 16.58 -4.27
C CYS B 206 15.98 18.09 -4.12
N LYS B 207 15.03 18.74 -4.79
CA LYS B 207 14.82 20.17 -4.66
C LYS B 207 13.33 20.45 -4.62
N ILE B 208 12.96 21.56 -3.97
CA ILE B 208 11.60 22.04 -3.92
C ILE B 208 11.59 23.50 -4.34
N ASP B 209 10.88 23.80 -5.43
CA ASP B 209 10.75 25.16 -5.95
C ASP B 209 12.13 25.80 -6.16
N GLY B 210 13.09 24.97 -6.60
CA GLY B 210 14.43 25.43 -6.85
C GLY B 210 15.36 25.42 -5.64
N ILE B 211 14.88 24.94 -4.49
CA ILE B 211 15.64 24.93 -3.25
C ILE B 211 16.05 23.50 -2.94
N VAL B 212 17.36 23.28 -2.81
CA VAL B 212 17.88 21.96 -2.49
C VAL B 212 17.24 21.44 -1.21
N PHE B 213 16.80 20.18 -1.25
CA PHE B 213 16.14 19.53 -0.13
C PHE B 213 16.81 18.21 0.25
N ASN B 214 17.57 17.61 -0.65
CA ASN B 214 18.42 16.44 -0.40
C ASN B 214 19.51 16.48 -1.45
N GLN B 215 20.44 15.53 -1.39
CA GLN B 215 21.49 15.46 -2.38
C GLN B 215 21.28 14.25 -3.27
N CYS B 216 21.26 14.48 -4.58
CA CYS B 216 20.99 13.48 -5.60
C CYS B 216 21.99 13.62 -6.72
N GLU B 217 22.47 12.51 -7.27
CA GLU B 217 23.31 12.60 -8.46
C GLU B 217 22.51 12.93 -9.70
N GLY B 218 21.20 13.08 -9.56
CA GLY B 218 20.32 13.45 -10.66
C GLY B 218 18.90 13.63 -10.21
N GLU B 219 18.33 14.81 -10.42
CA GLU B 219 16.94 15.07 -10.07
C GLU B 219 16.18 15.22 -11.38
N SER B 220 15.01 14.56 -11.45
CA SER B 220 14.16 14.73 -12.61
C SER B 220 13.46 16.09 -12.55
N LEU B 221 12.89 16.48 -13.70
CA LEU B 221 12.44 17.84 -13.93
C LEU B 221 11.40 18.26 -12.90
N PRO B 222 11.16 19.57 -12.74
CA PRO B 222 10.20 20.05 -11.74
C PRO B 222 8.84 19.38 -11.92
N GLN B 223 8.19 19.07 -10.81
CA GLN B 223 6.91 18.38 -10.93
C GLN B 223 5.96 18.75 -9.81
N PRO B 224 4.67 18.91 -10.12
CA PRO B 224 3.68 19.22 -9.09
C PRO B 224 3.79 18.29 -7.88
N PHE B 225 3.66 18.88 -6.70
CA PHE B 225 3.90 18.15 -5.46
C PHE B 225 2.95 18.74 -4.41
N ASP B 226 1.77 18.16 -4.29
CA ASP B 226 0.83 18.54 -3.24
C ASP B 226 1.31 17.95 -1.91
N VAL B 227 1.73 18.82 -0.99
CA VAL B 227 2.33 18.40 0.26
C VAL B 227 1.84 19.29 1.40
N ALA B 228 1.51 18.66 2.53
CA ALA B 228 1.26 19.41 3.76
C ALA B 228 2.59 19.94 4.31
N TRP B 229 2.64 21.25 4.51
CA TRP B 229 3.84 21.94 4.98
C TRP B 229 3.46 22.85 6.14
N MET B 230 4.47 23.50 6.72
CA MET B 230 4.24 24.45 7.79
C MET B 230 5.40 25.43 7.80
N ASP B 231 5.10 26.70 8.09
CA ASP B 231 6.10 27.75 8.15
C ASP B 231 6.37 28.04 9.62
N VAL B 232 7.57 27.67 10.08
CA VAL B 232 7.95 27.88 11.47
C VAL B 232 8.70 29.19 11.59
N GLY B 233 8.66 30.01 10.54
CA GLY B 233 9.30 31.31 10.60
C GLY B 233 10.77 31.29 10.26
N HIS B 234 11.18 30.36 9.40
CA HIS B 234 12.59 30.21 9.06
C HIS B 234 12.73 30.20 7.55
N SER B 235 13.93 29.92 7.04
CA SER B 235 14.22 30.14 5.62
C SER B 235 13.20 29.46 4.73
N HIS B 236 13.13 28.14 4.79
CA HIS B 236 12.12 27.41 4.06
C HIS B 236 11.15 26.75 5.05
N LYS B 237 10.23 25.97 4.50
CA LYS B 237 9.16 25.35 5.25
C LYS B 237 9.48 23.90 5.56
N ILE B 238 8.68 23.33 6.46
CA ILE B 238 8.78 21.94 6.86
C ILE B 238 7.61 21.20 6.23
N ILE B 239 7.89 20.40 5.17
CA ILE B 239 6.85 19.65 4.48
C ILE B 239 6.64 18.35 5.23
N MET B 240 5.41 17.83 5.18
CA MET B 240 4.98 16.81 6.14
C MET B 240 4.04 15.82 5.48
N ARG B 241 4.13 14.57 5.95
CA ARG B 241 3.19 13.51 5.59
C ARG B 241 2.46 12.97 6.81
N GLU B 242 3.21 12.46 7.79
CA GLU B 242 2.66 11.91 9.02
C GLU B 242 2.84 12.99 10.07
N HIS B 243 1.77 13.74 10.32
CA HIS B 243 1.78 14.79 11.32
C HIS B 243 0.36 14.95 11.85
N LYS B 244 0.26 15.46 13.06
CA LYS B 244 -1.03 15.70 13.68
C LYS B 244 -1.28 17.20 13.75
N THR B 245 -2.53 17.58 13.51
CA THR B 245 -2.98 18.95 13.62
C THR B 245 -3.94 19.04 14.79
N LYS B 246 -4.06 20.23 15.36
CA LYS B 246 -4.93 20.44 16.51
C LYS B 246 -5.01 21.94 16.78
N TRP B 247 -6.19 22.41 17.17
CA TRP B 247 -6.48 23.84 17.17
C TRP B 247 -6.74 24.32 18.59
N VAL B 248 -6.36 25.56 18.87
CA VAL B 248 -6.39 26.09 20.22
C VAL B 248 -7.04 27.47 20.17
N GLN B 249 -7.74 27.83 21.23
CA GLN B 249 -8.30 29.18 21.39
C GLN B 249 -7.59 29.85 22.56
N GLU B 250 -6.74 30.83 22.24
CA GLU B 250 -5.99 31.56 23.25
C GLU B 250 -6.64 32.86 23.69
N SER B 251 -7.70 33.30 22.99
CA SER B 251 -8.43 34.53 23.32
C SER B 251 -7.50 35.74 23.52
N SER B 252 -6.43 35.79 22.74
CA SER B 252 -5.53 36.92 22.79
C SER B 252 -6.20 38.14 22.15
N SER B 253 -5.52 39.30 22.22
CA SER B 253 -6.11 40.52 21.72
C SER B 253 -6.27 40.52 20.20
N LYS B 254 -5.53 39.67 19.49
CA LYS B 254 -5.67 39.52 18.05
C LYS B 254 -6.82 38.60 17.65
N ASP B 255 -7.43 37.87 18.59
CA ASP B 255 -8.56 37.03 18.27
C ASP B 255 -9.87 37.79 18.27
N PHE B 256 -9.86 39.07 18.62
CA PHE B 256 -11.07 39.86 18.75
C PHE B 256 -10.98 41.10 17.87
N VAL B 257 -12.00 41.32 17.05
CA VAL B 257 -12.15 42.54 16.29
C VAL B 257 -13.15 43.45 16.98
N CYS B 258 -13.06 44.74 16.70
CA CYS B 258 -13.94 45.74 17.30
C CYS B 258 -14.58 46.60 16.22
N TYR B 259 -15.83 47.00 16.47
CA TYR B 259 -16.66 47.69 15.49
C TYR B 259 -17.76 48.43 16.24
N LYS B 260 -18.22 49.54 15.67
CA LYS B 260 -19.46 50.14 16.14
C LYS B 260 -20.49 50.06 15.04
N GLU B 261 -21.56 49.33 15.32
CA GLU B 261 -22.71 49.06 14.47
C GLU B 261 -23.03 50.20 13.51
N GLY B 262 -22.91 49.93 12.20
CA GLY B 262 -23.25 50.85 11.15
C GLY B 262 -22.10 51.65 10.57
N THR B 263 -21.06 51.95 11.37
CA THR B 263 -19.96 52.78 10.91
C THR B 263 -18.66 52.01 10.74
N GLY B 264 -18.72 50.68 10.66
CA GLY B 264 -17.56 49.88 10.35
C GLY B 264 -16.62 49.69 11.53
N PRO B 265 -15.35 49.40 11.25
CA PRO B 265 -14.41 49.06 12.32
C PRO B 265 -14.07 50.25 13.21
N CYS B 266 -13.90 49.97 14.50
CA CYS B 266 -13.54 51.03 15.44
C CYS B 266 -12.09 51.46 15.26
N SER B 267 -11.81 52.69 15.70
CA SER B 267 -10.51 53.30 15.58
C SER B 267 -9.45 52.52 16.37
N GLU B 268 -8.19 52.88 16.11
CA GLU B 268 -7.08 52.33 16.89
C GLU B 268 -7.19 52.73 18.36
N SER B 269 -7.54 53.99 18.62
CA SER B 269 -7.65 54.47 20.00
C SER B 269 -8.75 53.77 20.77
N GLU B 270 -9.94 53.59 20.16
CA GLU B 270 -11.01 52.89 20.86
C GLU B 270 -10.68 51.43 21.10
N GLU B 271 -9.98 50.80 20.16
CA GLU B 271 -9.72 49.36 20.27
C GLU B 271 -8.79 49.09 21.45
N LYS B 272 -7.67 49.80 21.54
CA LYS B 272 -6.80 49.69 22.71
C LYS B 272 -7.58 50.01 23.98
N THR B 273 -8.36 51.09 23.97
CA THR B 273 -9.21 51.42 25.11
C THR B 273 -10.19 50.29 25.40
N CYS B 274 -10.79 49.71 24.36
CA CYS B 274 -11.71 48.59 24.55
C CYS B 274 -11.02 47.41 25.19
N LYS B 275 -9.81 47.09 24.73
CA LYS B 275 -9.11 45.87 25.10
C LYS B 275 -8.14 46.05 26.25
N THR B 276 -8.18 47.19 26.93
CA THR B 276 -7.35 47.40 28.12
C THR B 276 -8.23 47.91 29.27
N SER B 277 -8.85 49.09 29.08
CA SER B 277 -9.72 49.61 30.12
C SER B 277 -10.94 48.73 30.32
N GLY B 278 -11.35 47.99 29.30
CA GLY B 278 -12.49 47.11 29.42
C GLY B 278 -13.82 47.82 29.49
N SER B 279 -13.90 49.06 29.01
CA SER B 279 -15.13 49.85 29.06
C SER B 279 -15.83 49.88 27.71
N CYS B 280 -16.01 48.71 27.09
CA CYS B 280 -16.67 48.59 25.79
C CYS B 280 -17.56 47.37 25.79
N ARG B 281 -18.63 47.43 25.00
CA ARG B 281 -19.53 46.29 24.88
C ARG B 281 -18.81 45.11 24.22
N GLY B 282 -19.50 43.99 24.11
CA GLY B 282 -18.92 42.82 23.48
C GLY B 282 -19.71 41.57 23.76
N ASP B 283 -19.28 40.49 23.11
CA ASP B 283 -19.89 39.17 23.23
C ASP B 283 -19.56 38.55 24.58
N MET B 284 -19.92 37.28 24.74
CA MET B 284 -19.48 36.50 25.89
C MET B 284 -17.97 36.53 26.02
N GLN B 285 -17.26 36.05 25.00
CA GLN B 285 -15.84 35.75 25.12
C GLN B 285 -14.98 37.00 25.29
N PHE B 286 -15.23 38.02 24.47
CA PHE B 286 -14.47 39.27 24.60
C PHE B 286 -14.61 39.84 26.01
N CYS B 287 -15.86 40.11 26.41
CA CYS B 287 -16.13 40.52 27.78
C CYS B 287 -15.40 39.64 28.79
N LYS B 288 -15.58 38.32 28.65
CA LYS B 288 -15.15 37.33 29.63
C LYS B 288 -13.64 37.29 29.86
N VAL B 289 -12.85 37.96 29.02
CA VAL B 289 -11.41 38.06 29.24
C VAL B 289 -10.90 39.50 29.19
N ALA B 290 -11.67 40.46 28.68
CA ALA B 290 -11.21 41.83 28.52
C ALA B 290 -12.09 42.85 29.22
N GLY B 291 -13.40 42.63 29.30
CA GLY B 291 -14.28 43.44 30.10
C GLY B 291 -15.34 44.21 29.32
N CYS B 292 -16.42 44.59 30.00
CA CYS B 292 -17.46 45.42 29.38
C CYS B 292 -18.26 46.14 30.48
N GLU B 293 -19.49 46.51 30.14
CA GLU B 293 -20.35 47.26 31.03
C GLU B 293 -21.81 47.12 30.60
N ALA B 301 -23.36 53.98 21.38
CA ALA B 301 -22.67 54.92 22.24
C ALA B 301 -21.19 54.57 22.38
N LYS B 302 -20.90 53.29 22.63
CA LYS B 302 -19.55 52.78 22.75
C LYS B 302 -19.32 51.65 21.75
N CYS B 303 -18.06 51.23 21.64
CA CYS B 303 -17.68 50.21 20.67
C CYS B 303 -17.94 48.82 21.21
N ARG B 304 -18.25 47.90 20.30
CA ARG B 304 -18.53 46.51 20.64
C ARG B 304 -17.54 45.61 19.90
N CYS B 305 -16.97 44.66 20.61
CA CYS B 305 -15.97 43.75 20.06
C CYS B 305 -16.49 42.32 20.15
N SER B 306 -16.04 41.47 19.22
CA SER B 306 -16.55 40.10 19.16
C SER B 306 -15.43 39.17 18.71
N LEU B 307 -15.73 37.87 18.73
CA LEU B 307 -14.79 36.84 18.33
C LEU B 307 -14.68 36.76 16.82
N VAL B 308 -13.49 36.42 16.35
CA VAL B 308 -13.25 36.18 14.93
C VAL B 308 -13.48 34.70 14.66
N HIS B 309 -14.14 34.39 13.55
CA HIS B 309 -14.58 33.03 13.24
C HIS B 309 -13.40 32.20 12.75
N LYS B 310 -12.83 31.40 13.64
CA LYS B 310 -11.76 30.48 13.29
C LYS B 310 -11.73 29.37 14.34
N PRO B 311 -11.19 28.21 13.99
CA PRO B 311 -10.93 27.20 15.04
C PRO B 311 -9.99 27.70 16.11
N GLY B 312 -9.12 28.66 15.76
CA GLY B 312 -8.21 29.24 16.71
C GLY B 312 -6.80 29.30 16.17
N GLU B 313 -5.85 28.78 16.92
CA GLU B 313 -4.46 28.68 16.48
C GLU B 313 -4.17 27.21 16.23
N VAL B 314 -3.64 26.90 15.05
CA VAL B 314 -3.35 25.51 14.69
C VAL B 314 -1.99 25.13 15.27
N VAL B 315 -1.95 24.03 16.01
CA VAL B 315 -0.72 23.47 16.56
C VAL B 315 -0.46 22.14 15.86
N VAL B 316 0.77 21.95 15.39
CA VAL B 316 1.14 20.80 14.58
C VAL B 316 2.12 19.94 15.36
N SER B 317 1.80 18.67 15.52
CA SER B 317 2.67 17.70 16.14
C SER B 317 3.46 16.98 15.05
N TYR B 318 4.78 16.90 15.22
CA TYR B 318 5.64 16.40 14.16
C TYR B 318 6.98 16.00 14.75
N GLY B 319 7.39 14.74 14.52
CA GLY B 319 8.67 14.24 14.97
C GLY B 319 8.93 14.42 16.46
N GLY B 320 7.96 14.04 17.29
CA GLY B 320 8.10 14.21 18.71
C GLY B 320 8.01 15.65 19.19
N MET B 321 7.75 16.59 18.29
CA MET B 321 7.74 18.01 18.61
C MET B 321 6.37 18.62 18.32
N ARG B 322 5.97 19.57 19.16
CA ARG B 322 4.81 20.39 18.90
C ARG B 322 5.28 21.79 18.54
N VAL B 323 4.67 22.38 17.52
CA VAL B 323 5.07 23.69 17.04
C VAL B 323 3.83 24.47 16.62
N ARG B 324 3.70 25.70 17.14
CA ARG B 324 2.73 26.67 16.65
C ARG B 324 3.32 27.38 15.43
N PRO B 325 2.97 26.97 14.21
CA PRO B 325 3.64 27.51 13.03
C PRO B 325 3.13 28.90 12.66
N LYS B 326 3.95 29.62 11.91
CA LYS B 326 3.51 30.88 11.33
C LYS B 326 2.39 30.64 10.33
N CYS B 327 2.56 29.65 9.46
CA CYS B 327 1.51 29.22 8.56
C CYS B 327 1.58 27.72 8.39
N TYR B 328 0.47 27.04 8.62
CA TYR B 328 0.29 25.64 8.29
C TYR B 328 -0.64 25.54 7.10
N GLY B 329 -0.43 24.54 6.26
CA GLY B 329 -1.26 24.42 5.08
C GLY B 329 -0.85 23.25 4.21
N PHE B 330 -1.76 22.92 3.30
CA PHE B 330 -1.55 21.95 2.23
C PHE B 330 -1.58 22.71 0.91
N SER B 331 -0.54 22.55 0.10
CA SER B 331 -0.42 23.37 -1.09
C SER B 331 0.36 22.61 -2.15
N ARG B 332 0.20 23.08 -3.39
CA ARG B 332 0.94 22.56 -4.53
C ARG B 332 2.26 23.30 -4.71
N MET B 333 3.31 22.55 -4.95
CA MET B 333 4.64 23.11 -5.17
C MET B 333 5.31 22.34 -6.28
N MET B 334 6.45 22.87 -6.72
CA MET B 334 7.24 22.26 -7.78
C MET B 334 8.50 21.69 -7.14
N ALA B 335 8.62 20.37 -7.17
CA ALA B 335 9.74 19.69 -6.54
C ALA B 335 10.36 18.75 -7.56
N THR B 336 11.55 18.27 -7.21
CA THR B 336 12.33 17.39 -8.09
C THR B 336 12.77 16.18 -7.30
N LEU B 337 12.58 15.00 -7.88
CA LEU B 337 12.87 13.74 -7.20
C LEU B 337 14.09 13.05 -7.81
N GLU B 338 14.67 12.15 -7.01
CA GLU B 338 15.95 11.53 -7.34
C GLU B 338 15.88 10.75 -8.65
N VAL B 339 17.02 10.67 -9.32
CA VAL B 339 17.19 9.79 -10.47
C VAL B 339 18.34 8.85 -10.12
N SER B 340 18.00 7.77 -9.44
CA SER B 340 18.96 6.72 -9.10
C SER B 340 18.53 5.40 -9.73
N GLU C 20 -18.91 -23.65 17.67
CA GLU C 20 -17.47 -23.88 17.80
C GLU C 20 -16.68 -22.71 17.24
N VAL C 21 -15.62 -22.32 17.95
CA VAL C 21 -14.77 -21.22 17.54
C VAL C 21 -14.08 -21.59 16.22
N LYS C 22 -14.34 -20.82 15.17
CA LYS C 22 -13.86 -21.12 13.83
C LYS C 22 -13.30 -19.85 13.21
N LEU C 23 -12.04 -19.91 12.77
CA LEU C 23 -11.47 -18.85 11.93
C LEU C 23 -11.11 -19.45 10.58
N VAL C 24 -11.52 -18.77 9.50
CA VAL C 24 -11.30 -19.24 8.14
C VAL C 24 -10.72 -18.08 7.33
N GLU C 25 -9.49 -18.23 6.88
CA GLU C 25 -8.82 -17.20 6.12
C GLU C 25 -9.10 -17.35 4.63
N SER C 26 -8.91 -16.25 3.90
CA SER C 26 -9.18 -16.22 2.48
C SER C 26 -8.45 -15.05 1.85
N GLY C 27 -7.95 -15.27 0.64
CA GLY C 27 -7.25 -14.26 -0.14
C GLY C 27 -5.84 -14.67 -0.49
N GLY C 28 -5.51 -15.93 -0.22
CA GLY C 28 -4.18 -16.43 -0.51
C GLY C 28 -4.07 -16.93 -1.94
N GLY C 29 -2.91 -16.71 -2.53
CA GLY C 29 -2.68 -17.15 -3.88
C GLY C 29 -1.36 -16.60 -4.38
N LEU C 30 -1.18 -16.67 -5.68
CA LEU C 30 0.04 -16.14 -6.27
C LEU C 30 -0.07 -14.63 -6.34
N VAL C 31 1.01 -13.94 -5.97
CA VAL C 31 1.13 -12.50 -6.14
C VAL C 31 2.49 -12.24 -6.78
N GLN C 32 2.61 -11.08 -7.40
CA GLN C 32 3.90 -10.76 -8.00
C GLN C 32 4.72 -9.86 -7.07
N PRO C 33 6.05 -10.06 -7.02
CA PRO C 33 6.90 -9.24 -6.16
C PRO C 33 6.62 -7.75 -6.30
N GLY C 34 6.50 -7.08 -5.16
CA GLY C 34 6.09 -5.69 -5.15
C GLY C 34 4.60 -5.50 -5.22
N GLY C 35 3.86 -6.52 -5.66
CA GLY C 35 2.42 -6.46 -5.80
C GLY C 35 1.71 -6.45 -4.47
N SER C 36 0.43 -6.73 -4.49
CA SER C 36 -0.38 -6.63 -3.28
C SER C 36 -1.37 -7.77 -3.25
N LEU C 37 -1.77 -8.13 -2.03
CA LEU C 37 -2.76 -9.15 -1.78
C LEU C 37 -3.36 -8.84 -0.43
N LYS C 38 -4.66 -9.05 -0.28
CA LYS C 38 -5.32 -8.77 0.99
C LYS C 38 -5.91 -10.07 1.50
N LEU C 39 -5.63 -10.38 2.75
CA LEU C 39 -6.13 -11.58 3.38
C LEU C 39 -7.31 -11.24 4.28
N SER C 40 -8.34 -12.06 4.20
CA SER C 40 -9.57 -11.89 4.97
C SER C 40 -9.69 -13.06 5.93
N CYS C 41 -9.94 -12.77 7.20
CA CYS C 41 -10.19 -13.78 8.22
C CYS C 41 -11.65 -13.66 8.65
N ALA C 42 -12.44 -14.68 8.35
CA ALA C 42 -13.84 -14.70 8.73
C ALA C 42 -13.97 -15.38 10.09
N ALA C 43 -14.62 -14.70 11.03
CA ALA C 43 -14.67 -15.12 12.42
C ALA C 43 -16.07 -15.60 12.77
N SER C 44 -16.15 -16.77 13.40
CA SER C 44 -17.43 -17.33 13.78
C SER C 44 -17.26 -18.12 15.08
N GLY C 45 -18.35 -18.27 15.81
CA GLY C 45 -18.33 -19.05 17.03
C GLY C 45 -17.88 -18.31 18.27
N PHE C 46 -17.64 -16.99 18.18
CA PHE C 46 -17.26 -16.21 19.35
C PHE C 46 -17.65 -14.76 19.12
N THR C 47 -17.50 -13.96 20.17
CA THR C 47 -17.78 -12.53 20.08
C THR C 47 -16.53 -11.84 19.56
N PHE C 48 -16.52 -11.61 18.23
CA PHE C 48 -15.32 -11.10 17.56
C PHE C 48 -14.85 -9.78 18.17
N SER C 49 -15.79 -8.89 18.50
CA SER C 49 -15.45 -7.54 18.94
C SER C 49 -14.89 -7.48 20.35
N THR C 50 -14.84 -8.59 21.08
CA THR C 50 -14.25 -8.62 22.41
C THR C 50 -12.88 -9.29 22.44
N TYR C 51 -12.34 -9.65 21.27
CA TYR C 51 -11.05 -10.29 21.17
C TYR C 51 -10.12 -9.42 20.34
N THR C 52 -8.89 -9.26 20.80
CA THR C 52 -7.85 -8.76 19.91
C THR C 52 -7.42 -9.89 19.02
N MET C 53 -7.06 -9.55 17.78
CA MET C 53 -6.77 -10.55 16.77
C MET C 53 -5.45 -10.20 16.09
N SER C 54 -4.86 -11.22 15.45
CA SER C 54 -3.56 -11.05 14.84
C SER C 54 -3.40 -12.03 13.68
N TRP C 55 -2.36 -11.80 12.89
CA TRP C 55 -2.03 -12.61 11.74
C TRP C 55 -0.65 -13.22 11.95
N VAL C 56 -0.52 -14.50 11.63
CA VAL C 56 0.73 -15.23 11.78
C VAL C 56 1.02 -15.97 10.49
N ARG C 57 2.27 -15.88 10.03
CA ARG C 57 2.67 -16.57 8.82
C ARG C 57 3.65 -17.69 9.14
N GLN C 58 3.74 -18.64 8.21
CA GLN C 58 4.69 -19.74 8.30
C GLN C 58 5.50 -19.80 7.01
N THR C 59 6.78 -19.44 7.08
CA THR C 59 7.66 -19.58 5.94
C THR C 59 7.80 -21.04 5.54
N PRO C 60 8.26 -21.31 4.31
CA PRO C 60 8.41 -22.71 3.87
C PRO C 60 9.38 -23.50 4.74
N GLU C 61 10.27 -22.82 5.46
CA GLU C 61 11.14 -23.45 6.44
C GLU C 61 10.48 -23.59 7.81
N LYS C 62 9.15 -23.55 7.83
CA LYS C 62 8.31 -23.86 8.97
C LYS C 62 8.50 -22.89 10.12
N ARG C 63 9.17 -21.77 9.90
CA ARG C 63 9.29 -20.74 10.93
C ARG C 63 8.02 -19.92 11.01
N LEU C 64 7.45 -19.82 12.21
CA LEU C 64 6.29 -18.98 12.45
C LEU C 64 6.75 -17.58 12.82
N GLU C 65 6.04 -16.59 12.33
CA GLU C 65 6.38 -15.19 12.57
C GLU C 65 5.12 -14.43 12.90
N TRP C 66 5.19 -13.60 13.94
CA TRP C 66 4.09 -12.68 14.21
C TRP C 66 4.11 -11.56 13.17
N VAL C 67 2.94 -11.30 12.56
CA VAL C 67 2.85 -10.47 11.37
C VAL C 67 2.18 -9.14 11.68
N ALA C 68 1.01 -9.17 12.30
CA ALA C 68 0.28 -7.95 12.61
C ALA C 68 -0.67 -8.26 13.75
N TYR C 69 -1.02 -7.22 14.50
CA TYR C 69 -1.90 -7.33 15.64
C TYR C 69 -2.85 -6.14 15.62
N ILE C 70 -4.04 -6.34 16.19
CA ILE C 70 -5.04 -5.29 16.20
C ILE C 70 -5.92 -5.47 17.43
N SER C 71 -6.22 -4.35 18.11
CA SER C 71 -7.13 -4.37 19.24
C SER C 71 -8.50 -4.83 18.80
N ASN C 72 -9.42 -4.97 19.75
CA ASN C 72 -10.78 -5.40 19.41
C ASN C 72 -11.50 -4.34 18.59
N GLY C 73 -11.42 -3.08 19.01
CA GLY C 73 -12.10 -2.01 18.32
C GLY C 73 -11.30 -1.43 17.16
N GLY C 74 -10.27 -2.14 16.72
CA GLY C 74 -9.48 -1.69 15.60
C GLY C 74 -8.64 -0.45 15.85
N GLY C 75 -8.72 0.15 17.04
CA GLY C 75 -8.07 1.42 17.27
C GLY C 75 -6.56 1.33 17.34
N SER C 76 -6.04 0.21 17.86
CA SER C 76 -4.60 -0.01 17.96
C SER C 76 -4.17 -1.14 17.03
N THR C 77 -3.06 -0.93 16.34
CA THR C 77 -2.41 -1.96 15.55
C THR C 77 -0.94 -2.00 15.91
N TYR C 78 -0.32 -3.17 15.70
CA TYR C 78 1.12 -3.28 15.83
C TYR C 78 1.65 -4.16 14.72
N TYR C 79 2.91 -3.94 14.38
CA TYR C 79 3.58 -4.71 13.35
C TYR C 79 5.03 -4.86 13.76
N PRO C 80 5.70 -5.93 13.34
CA PRO C 80 7.16 -5.93 13.38
C PRO C 80 7.71 -5.20 12.16
N ASP C 81 8.87 -4.56 12.36
CA ASP C 81 9.47 -3.76 11.30
C ASP C 81 9.65 -4.56 10.00
N THR C 82 9.64 -5.89 10.07
CA THR C 82 9.74 -6.69 8.85
C THR C 82 8.56 -6.45 7.93
N VAL C 83 7.37 -6.17 8.48
CA VAL C 83 6.17 -5.98 7.68
C VAL C 83 5.44 -4.70 8.09
N LYS C 84 6.13 -3.78 8.75
CA LYS C 84 5.54 -2.49 9.10
C LYS C 84 5.70 -1.52 7.93
N GLY C 85 4.63 -0.75 7.67
CA GLY C 85 4.59 0.13 6.52
C GLY C 85 4.27 -0.55 5.21
N ARG C 86 4.47 -1.87 5.13
CA ARG C 86 4.14 -2.68 3.96
C ARG C 86 2.77 -3.32 4.10
N PHE C 87 2.45 -3.81 5.29
CA PHE C 87 1.17 -4.44 5.56
C PHE C 87 0.29 -3.48 6.35
N THR C 88 -1.01 -3.68 6.25
CA THR C 88 -1.99 -2.92 7.02
C THR C 88 -3.03 -3.91 7.53
N ILE C 89 -3.06 -4.11 8.85
CA ILE C 89 -4.10 -4.93 9.44
C ILE C 89 -5.32 -4.06 9.67
N SER C 90 -6.49 -4.67 9.56
CA SER C 90 -7.75 -3.98 9.77
C SER C 90 -8.81 -5.03 10.08
N ARG C 91 -9.83 -4.61 10.80
CA ARG C 91 -10.91 -5.51 11.13
C ARG C 91 -12.22 -4.75 11.12
N ASP C 92 -13.24 -5.35 10.55
CA ASP C 92 -14.59 -4.84 10.64
C ASP C 92 -15.35 -5.79 11.56
N ASN C 93 -15.45 -5.40 12.83
CA ASN C 93 -16.25 -6.17 13.79
C ASN C 93 -17.68 -6.34 13.32
N ALA C 94 -18.21 -5.37 12.56
CA ALA C 94 -19.57 -5.47 12.04
C ALA C 94 -19.77 -6.77 11.26
N LYS C 95 -18.89 -7.06 10.31
CA LYS C 95 -18.94 -8.32 9.58
C LYS C 95 -18.13 -9.42 10.25
N ASN C 96 -17.63 -9.17 11.45
CA ASN C 96 -16.79 -10.11 12.20
C ASN C 96 -15.66 -10.67 11.35
N THR C 97 -14.95 -9.79 10.68
CA THR C 97 -13.93 -10.19 9.73
C THR C 97 -12.66 -9.40 9.98
N LEU C 98 -11.53 -10.08 9.94
CA LEU C 98 -10.21 -9.50 10.10
C LEU C 98 -9.53 -9.43 8.74
N TYR C 99 -8.72 -8.39 8.55
CA TYR C 99 -8.15 -8.10 7.23
C TYR C 99 -6.69 -7.73 7.37
N LEU C 100 -5.89 -8.20 6.43
CA LEU C 100 -4.47 -7.88 6.35
C LEU C 100 -4.17 -7.44 4.92
N GLN C 101 -4.17 -6.14 4.68
CA GLN C 101 -3.78 -5.62 3.37
C GLN C 101 -2.27 -5.64 3.28
N MET C 102 -1.76 -6.44 2.34
CA MET C 102 -0.33 -6.63 2.15
C MET C 102 0.10 -5.87 0.90
N SER C 103 1.06 -4.97 1.07
CA SER C 103 1.65 -4.20 -0.01
C SER C 103 3.15 -4.38 0.06
N SER C 104 3.81 -4.17 -1.08
CA SER C 104 5.26 -4.28 -1.19
C SER C 104 5.70 -5.70 -0.78
N LEU C 105 5.22 -6.67 -1.55
CA LEU C 105 5.42 -8.07 -1.21
C LEU C 105 6.71 -8.56 -1.87
N ASN C 106 7.42 -9.43 -1.15
CA ASN C 106 8.67 -10.01 -1.63
C ASN C 106 8.66 -11.51 -1.36
N SER C 107 9.52 -12.24 -2.07
CA SER C 107 9.57 -13.69 -1.91
C SER C 107 9.81 -14.11 -0.46
N GLU C 108 10.35 -13.22 0.38
CA GLU C 108 10.39 -13.43 1.82
C GLU C 108 9.02 -13.34 2.49
N ASP C 109 7.98 -12.96 1.75
CA ASP C 109 6.61 -13.00 2.24
C ASP C 109 5.89 -14.27 1.78
N THR C 110 6.65 -15.29 1.40
CA THR C 110 6.07 -16.57 0.97
C THR C 110 5.76 -17.35 2.24
N ALA C 111 4.47 -17.57 2.51
CA ALA C 111 4.10 -18.19 3.77
C ALA C 111 2.64 -18.56 3.76
N MET C 112 2.27 -19.42 4.70
CA MET C 112 0.89 -19.72 5.06
C MET C 112 0.48 -18.74 6.16
N TYR C 113 -0.35 -17.75 5.83
CA TYR C 113 -0.74 -16.72 6.78
C TYR C 113 -1.97 -17.17 7.56
N TYR C 114 -1.81 -17.33 8.87
CA TYR C 114 -2.90 -17.67 9.78
C TYR C 114 -3.40 -16.41 10.48
N CYS C 115 -4.71 -16.31 10.65
CA CYS C 115 -5.28 -15.33 11.57
C CYS C 115 -5.54 -16.00 12.91
N ALA C 116 -5.50 -15.18 13.97
CA ALA C 116 -5.53 -15.76 15.31
C ALA C 116 -6.22 -14.84 16.31
N ARG C 117 -6.96 -15.46 17.23
CA ARG C 117 -7.41 -14.75 18.42
C ARG C 117 -6.20 -14.52 19.31
N SER C 118 -6.07 -13.34 19.88
CA SER C 118 -4.72 -12.85 20.13
C SER C 118 -4.53 -12.26 21.52
N TYR C 119 -3.24 -11.96 21.76
CA TYR C 119 -2.54 -11.28 22.84
C TYR C 119 -1.62 -12.21 23.61
N GLY C 120 -0.51 -12.58 22.99
CA GLY C 120 0.41 -13.55 23.54
C GLY C 120 -0.14 -14.95 23.68
N ASN C 121 -1.39 -15.16 23.31
CA ASN C 121 -1.98 -16.51 23.30
C ASN C 121 -2.90 -16.59 22.09
N PHE C 122 -2.35 -17.09 20.98
CA PHE C 122 -3.15 -17.38 19.81
C PHE C 122 -3.91 -18.67 20.08
N ASP C 123 -5.04 -18.53 20.79
CA ASP C 123 -5.76 -19.72 21.24
C ASP C 123 -6.59 -20.34 20.13
N VAL C 124 -6.98 -19.57 19.13
CA VAL C 124 -7.74 -20.09 17.99
C VAL C 124 -7.10 -19.54 16.73
N TRP C 125 -6.76 -20.45 15.82
CA TRP C 125 -6.10 -20.13 14.57
C TRP C 125 -7.02 -20.48 13.41
N GLY C 126 -6.85 -19.76 12.31
CA GLY C 126 -7.52 -20.14 11.10
C GLY C 126 -6.78 -21.26 10.39
N ALA C 127 -7.43 -21.81 9.36
CA ALA C 127 -6.81 -22.90 8.61
C ALA C 127 -5.58 -22.44 7.85
N GLY C 128 -5.41 -21.14 7.67
CA GLY C 128 -4.27 -20.58 6.96
C GLY C 128 -4.58 -20.38 5.48
N THR C 129 -3.81 -19.48 4.87
CA THR C 129 -3.99 -19.19 3.45
C THR C 129 -2.62 -18.92 2.83
N THR C 130 -2.24 -19.74 1.85
CA THR C 130 -0.90 -19.68 1.27
C THR C 130 -0.74 -18.45 0.38
N VAL C 131 0.22 -17.59 0.72
CA VAL C 131 0.57 -16.42 -0.08
C VAL C 131 1.99 -16.63 -0.62
N THR C 132 2.12 -16.79 -1.93
CA THR C 132 3.42 -17.02 -2.57
C THR C 132 3.79 -15.81 -3.42
N VAL C 133 4.79 -15.06 -2.98
CA VAL C 133 5.32 -13.93 -3.75
C VAL C 133 6.45 -14.43 -4.64
N SER C 134 6.21 -14.47 -5.95
CA SER C 134 7.21 -14.97 -6.90
C SER C 134 6.87 -14.41 -8.28
N SER C 135 7.86 -13.82 -8.95
CA SER C 135 7.64 -13.29 -10.28
C SER C 135 7.56 -14.38 -11.33
N ALA C 136 7.71 -15.65 -10.94
CA ALA C 136 7.57 -16.69 -11.92
C ALA C 136 6.14 -16.71 -12.41
N SER C 137 5.95 -17.34 -13.57
CA SER C 137 4.64 -17.50 -14.17
C SER C 137 4.40 -18.99 -14.38
N THR C 138 3.15 -19.39 -14.21
CA THR C 138 2.77 -20.80 -14.35
C THR C 138 3.46 -21.48 -15.52
N LYS C 139 4.39 -22.38 -15.20
CA LYS C 139 5.20 -23.09 -16.18
C LYS C 139 4.96 -24.58 -16.01
N GLY C 140 4.97 -25.30 -17.13
CA GLY C 140 4.75 -26.72 -17.11
C GLY C 140 5.96 -27.49 -16.63
N PRO C 141 5.72 -28.59 -15.93
CA PRO C 141 6.84 -29.41 -15.44
C PRO C 141 7.46 -30.19 -16.57
N SER C 142 8.78 -30.35 -16.49
CA SER C 142 9.52 -31.19 -17.42
C SER C 142 9.88 -32.47 -16.69
N VAL C 143 9.20 -33.56 -17.04
CA VAL C 143 9.39 -34.84 -16.36
C VAL C 143 10.41 -35.65 -17.14
N PHE C 144 11.57 -35.86 -16.54
CA PHE C 144 12.66 -36.63 -17.10
C PHE C 144 12.80 -37.96 -16.36
N PRO C 145 13.14 -39.05 -17.04
CA PRO C 145 13.19 -40.34 -16.38
C PRO C 145 14.48 -40.50 -15.57
N LEU C 146 14.32 -40.83 -14.29
CA LEU C 146 15.46 -41.19 -13.44
C LEU C 146 15.64 -42.70 -13.49
N ALA C 147 16.07 -43.16 -14.66
CA ALA C 147 16.03 -44.57 -14.99
C ALA C 147 16.97 -45.38 -14.08
N PRO C 148 16.64 -46.64 -13.84
CA PRO C 148 17.53 -47.51 -13.06
C PRO C 148 18.67 -48.08 -13.90
N SER C 149 19.67 -48.58 -13.19
CA SER C 149 20.89 -49.13 -13.79
C SER C 149 21.43 -50.20 -12.85
N SER C 150 22.73 -50.51 -12.97
CA SER C 150 23.37 -51.36 -11.97
C SER C 150 23.69 -50.56 -10.70
N LYS C 151 23.94 -49.26 -10.85
CA LYS C 151 24.24 -48.38 -9.72
C LYS C 151 23.00 -48.00 -8.93
N SER C 152 21.82 -48.41 -9.38
CA SER C 152 20.61 -48.21 -8.60
C SER C 152 19.99 -49.54 -8.18
N THR C 153 20.81 -50.59 -8.09
CA THR C 153 20.37 -51.92 -7.67
C THR C 153 21.19 -52.36 -6.47
N SER C 154 20.50 -52.74 -5.39
CA SER C 154 21.16 -53.19 -4.18
C SER C 154 20.32 -54.31 -3.56
N GLY C 155 20.87 -55.51 -3.49
CA GLY C 155 20.18 -56.64 -2.90
C GLY C 155 18.87 -57.01 -3.55
N GLY C 156 18.80 -56.91 -4.88
CA GLY C 156 17.58 -57.22 -5.60
C GLY C 156 16.57 -56.10 -5.68
N THR C 157 16.83 -54.96 -5.07
CA THR C 157 15.92 -53.82 -5.07
C THR C 157 16.50 -52.71 -5.93
N ALA C 158 15.82 -52.37 -7.01
CA ALA C 158 16.24 -51.31 -7.90
C ALA C 158 15.38 -50.07 -7.66
N ALA C 159 16.02 -48.91 -7.73
CA ALA C 159 15.35 -47.63 -7.56
C ALA C 159 15.24 -46.91 -8.89
N LEU C 160 14.08 -46.34 -9.15
CA LEU C 160 13.87 -45.47 -10.29
C LEU C 160 12.94 -44.34 -9.87
N GLY C 161 12.81 -43.33 -10.74
CA GLY C 161 12.00 -42.20 -10.37
C GLY C 161 11.82 -41.24 -11.52
N CYS C 162 11.27 -40.07 -11.17
CA CYS C 162 11.00 -39.00 -12.14
C CYS C 162 11.50 -37.68 -11.57
N LEU C 163 12.12 -36.88 -12.42
CA LEU C 163 12.54 -35.53 -12.06
C LEU C 163 11.50 -34.56 -12.62
N VAL C 164 10.72 -33.96 -11.71
CA VAL C 164 9.71 -32.98 -12.07
C VAL C 164 10.39 -31.62 -11.94
N LYS C 165 10.88 -31.10 -13.06
CA LYS C 165 11.80 -29.96 -13.04
C LYS C 165 11.18 -28.75 -13.71
N ASP C 166 11.49 -27.57 -13.15
CA ASP C 166 11.12 -26.28 -13.71
C ASP C 166 9.60 -26.20 -13.94
N TYR C 167 8.90 -26.17 -12.82
CA TYR C 167 7.46 -25.95 -12.82
C TYR C 167 7.13 -24.90 -11.75
N PHE C 168 5.98 -24.27 -11.92
CA PHE C 168 5.50 -23.22 -11.05
C PHE C 168 4.05 -22.93 -11.42
N PRO C 169 3.19 -22.62 -10.45
CA PRO C 169 3.42 -22.68 -9.02
C PRO C 169 3.21 -24.08 -8.50
N GLU C 170 3.45 -24.31 -7.22
CA GLU C 170 3.02 -25.55 -6.59
C GLU C 170 1.51 -25.70 -6.73
N PRO C 171 1.00 -26.92 -6.62
CA PRO C 171 1.70 -28.19 -6.43
C PRO C 171 1.72 -29.07 -7.68
N VAL C 172 2.49 -30.15 -7.62
CA VAL C 172 2.39 -31.22 -8.62
C VAL C 172 1.91 -32.47 -7.89
N THR C 173 1.12 -33.27 -8.60
CA THR C 173 0.65 -34.55 -8.09
C THR C 173 1.30 -35.64 -8.93
N VAL C 174 2.08 -36.50 -8.27
CA VAL C 174 2.84 -37.54 -8.96
C VAL C 174 2.41 -38.89 -8.41
N SER C 175 1.68 -39.65 -9.22
CA SER C 175 1.39 -41.04 -8.95
C SER C 175 2.14 -41.91 -9.96
N TRP C 176 2.37 -43.16 -9.58
CA TRP C 176 3.08 -44.10 -10.44
C TRP C 176 2.12 -45.17 -10.95
N ASN C 177 2.24 -45.49 -12.23
CA ASN C 177 1.42 -46.52 -12.87
C ASN C 177 -0.06 -46.26 -12.62
N SER C 178 -0.47 -45.00 -12.89
CA SER C 178 -1.86 -44.55 -12.73
C SER C 178 -2.32 -44.60 -11.29
N GLY C 179 -1.45 -45.00 -10.38
CA GLY C 179 -1.76 -45.10 -8.97
C GLY C 179 -1.59 -46.49 -8.39
N ALA C 180 -1.29 -47.48 -9.24
CA ALA C 180 -1.11 -48.84 -8.76
C ALA C 180 0.12 -48.97 -7.86
N LEU C 181 1.12 -48.13 -8.08
CA LEU C 181 2.36 -48.20 -7.30
C LEU C 181 2.26 -47.28 -6.09
N THR C 182 2.00 -47.87 -4.93
CA THR C 182 2.13 -47.21 -3.65
C THR C 182 3.20 -47.86 -2.80
N SER C 183 3.71 -49.01 -3.22
CA SER C 183 4.73 -49.73 -2.47
C SER C 183 6.06 -49.03 -2.61
N GLY C 184 6.38 -48.15 -1.65
CA GLY C 184 7.68 -47.53 -1.65
C GLY C 184 7.81 -46.31 -2.53
N VAL C 185 6.71 -45.70 -2.93
CA VAL C 185 6.79 -44.49 -3.74
C VAL C 185 7.03 -43.32 -2.80
N HIS C 186 8.12 -42.59 -3.02
CA HIS C 186 8.50 -41.45 -2.20
C HIS C 186 8.48 -40.21 -3.08
N THR C 187 7.51 -39.34 -2.86
CA THR C 187 7.43 -38.05 -3.54
C THR C 187 8.06 -36.99 -2.63
N PHE C 188 9.17 -36.43 -3.07
CA PHE C 188 9.92 -35.52 -2.23
C PHE C 188 9.28 -34.14 -2.20
N PRO C 189 9.43 -33.40 -1.10
CA PRO C 189 8.98 -32.00 -1.09
C PRO C 189 9.62 -31.21 -2.22
N ALA C 190 8.86 -30.31 -2.81
CA ALA C 190 9.39 -29.46 -3.86
C ALA C 190 10.45 -28.52 -3.29
N VAL C 191 11.43 -28.19 -4.12
CA VAL C 191 12.48 -27.24 -3.75
C VAL C 191 12.44 -26.07 -4.72
N LEU C 192 12.39 -24.86 -4.19
CA LEU C 192 12.36 -23.65 -5.01
C LEU C 192 13.79 -23.27 -5.37
N GLN C 193 14.19 -23.55 -6.60
CA GLN C 193 15.56 -23.28 -7.03
C GLN C 193 15.79 -21.78 -7.18
N SER C 194 17.01 -21.42 -7.55
CA SER C 194 17.36 -20.02 -7.78
C SER C 194 16.63 -19.44 -8.98
N SER C 195 16.33 -20.27 -9.99
CA SER C 195 15.57 -19.80 -11.14
C SER C 195 14.17 -19.34 -10.77
N GLY C 196 13.69 -19.68 -9.58
CA GLY C 196 12.35 -19.33 -9.17
C GLY C 196 11.31 -20.38 -9.45
N LEU C 197 11.70 -21.49 -10.07
CA LEU C 197 10.80 -22.58 -10.40
C LEU C 197 10.94 -23.70 -9.40
N TYR C 198 9.82 -24.35 -9.09
CA TYR C 198 9.83 -25.50 -8.20
C TYR C 198 10.24 -26.76 -8.95
N SER C 199 10.78 -27.72 -8.20
CA SER C 199 11.24 -28.96 -8.77
C SER C 199 11.25 -30.01 -7.66
N LEU C 200 10.89 -31.23 -8.01
CA LEU C 200 10.93 -32.30 -7.03
C LEU C 200 11.23 -33.62 -7.74
N SER C 201 11.53 -34.62 -6.94
CA SER C 201 11.71 -35.98 -7.42
C SER C 201 10.64 -36.86 -6.82
N SER C 202 10.11 -37.76 -7.63
CA SER C 202 9.35 -38.91 -7.16
C SER C 202 10.16 -40.15 -7.46
N VAL C 203 10.37 -40.99 -6.45
CA VAL C 203 11.18 -42.19 -6.61
C VAL C 203 10.41 -43.40 -6.11
N VAL C 204 10.80 -44.57 -6.59
CA VAL C 204 10.20 -45.82 -6.14
C VAL C 204 11.24 -46.93 -6.21
N THR C 205 11.25 -47.77 -5.19
CA THR C 205 12.10 -48.95 -5.14
C THR C 205 11.27 -50.18 -5.49
N VAL C 206 11.83 -51.03 -6.35
CA VAL C 206 11.10 -52.15 -6.94
C VAL C 206 12.03 -53.34 -7.04
N PRO C 207 11.46 -54.55 -7.10
CA PRO C 207 12.29 -55.73 -7.34
C PRO C 207 13.06 -55.61 -8.65
N SER C 208 14.32 -56.06 -8.63
CA SER C 208 15.15 -56.01 -9.83
C SER C 208 14.60 -56.91 -10.93
N SER C 209 13.91 -57.99 -10.55
CA SER C 209 13.32 -58.88 -11.55
C SER C 209 12.25 -58.17 -12.37
N SER C 210 11.60 -57.15 -11.80
CA SER C 210 10.53 -56.44 -12.50
C SER C 210 11.05 -55.55 -13.62
N LEU C 211 12.30 -55.05 -13.49
CA LEU C 211 12.82 -54.07 -14.44
C LEU C 211 12.60 -54.45 -15.90
N GLY C 212 12.64 -55.75 -16.21
CA GLY C 212 12.37 -56.19 -17.57
C GLY C 212 10.97 -56.71 -17.79
N THR C 213 10.21 -56.92 -16.70
CA THR C 213 8.87 -57.50 -16.79
C THR C 213 7.74 -56.60 -16.31
N GLN C 214 8.04 -55.44 -15.73
CA GLN C 214 7.00 -54.52 -15.27
C GLN C 214 7.28 -53.11 -15.80
N THR C 215 6.23 -52.42 -16.21
CA THR C 215 6.33 -51.03 -16.65
C THR C 215 6.14 -50.08 -15.47
N TYR C 216 6.98 -49.04 -15.44
CA TYR C 216 6.88 -47.98 -14.43
C TYR C 216 6.67 -46.66 -15.14
N ILE C 217 5.49 -46.07 -14.93
CA ILE C 217 5.12 -44.79 -15.51
C ILE C 217 4.70 -43.87 -14.38
N CYS C 218 5.36 -42.73 -14.27
CA CYS C 218 4.95 -41.72 -13.31
C CYS C 218 3.95 -40.79 -14.00
N ASN C 219 2.83 -40.56 -13.32
CA ASN C 219 1.79 -39.68 -13.82
C ASN C 219 1.85 -38.38 -13.03
N VAL C 220 2.27 -37.31 -13.69
CA VAL C 220 2.40 -35.99 -13.08
C VAL C 220 1.26 -35.12 -13.55
N ASN C 221 0.56 -34.49 -12.62
CA ASN C 221 -0.50 -33.54 -12.90
C ASN C 221 -0.12 -32.21 -12.29
N HIS C 222 -0.03 -31.18 -13.13
CA HIS C 222 0.24 -29.81 -12.68
C HIS C 222 -0.99 -28.99 -13.06
N LYS C 223 -1.94 -28.91 -12.14
CA LYS C 223 -3.21 -28.25 -12.43
C LYS C 223 -3.08 -26.77 -12.77
N PRO C 224 -2.26 -25.96 -12.10
CA PRO C 224 -2.18 -24.55 -12.47
C PRO C 224 -1.76 -24.32 -13.92
N SER C 225 -1.03 -25.25 -14.53
CA SER C 225 -0.58 -25.10 -15.91
C SER C 225 -1.29 -26.04 -16.86
N ASN C 226 -2.27 -26.79 -16.38
CA ASN C 226 -3.04 -27.73 -17.21
C ASN C 226 -2.12 -28.71 -17.92
N THR C 227 -1.10 -29.19 -17.21
CA THR C 227 -0.14 -30.13 -17.75
C THR C 227 -0.32 -31.49 -17.08
N LYS C 228 -0.53 -32.53 -17.88
CA LYS C 228 -0.58 -33.91 -17.41
C LYS C 228 0.36 -34.73 -18.28
N VAL C 229 1.41 -35.28 -17.66
CA VAL C 229 2.47 -35.97 -18.37
C VAL C 229 2.66 -37.36 -17.79
N ASP C 230 2.49 -38.38 -18.63
CA ASP C 230 2.80 -39.76 -18.26
C ASP C 230 4.16 -40.12 -18.85
N LYS C 231 5.12 -40.43 -17.98
CA LYS C 231 6.49 -40.70 -18.39
C LYS C 231 6.83 -42.15 -18.09
N LYS C 232 7.34 -42.86 -19.09
CA LYS C 232 7.75 -44.25 -18.93
C LYS C 232 9.18 -44.27 -18.43
N VAL C 233 9.35 -44.54 -17.14
CA VAL C 233 10.67 -44.63 -16.53
C VAL C 233 11.08 -46.10 -16.49
N GLU C 234 11.99 -46.47 -17.38
CA GLU C 234 12.51 -47.82 -17.50
C GLU C 234 13.95 -47.75 -17.96
N PRO C 235 14.74 -48.83 -17.73
CA PRO C 235 16.14 -48.97 -18.13
C PRO C 235 16.49 -48.31 -19.48
N ASP D 20 14.89 -8.40 18.45
CA ASP D 20 13.81 -8.54 19.41
C ASP D 20 14.05 -9.74 20.31
N VAL D 21 13.02 -10.13 21.08
CA VAL D 21 13.16 -11.25 22.00
C VAL D 21 13.36 -12.52 21.20
N VAL D 22 14.61 -12.98 21.13
CA VAL D 22 14.93 -14.19 20.37
C VAL D 22 14.50 -15.38 21.20
N MET D 23 13.48 -16.09 20.72
CA MET D 23 13.06 -17.33 21.36
C MET D 23 13.82 -18.46 20.69
N THR D 24 14.72 -19.10 21.44
CA THR D 24 15.50 -20.21 20.93
C THR D 24 14.87 -21.47 21.50
N GLN D 25 14.57 -22.42 20.63
CA GLN D 25 13.85 -23.63 21.02
C GLN D 25 14.78 -24.82 20.89
N THR D 26 14.99 -25.51 22.01
CA THR D 26 15.81 -26.70 22.04
C THR D 26 14.96 -27.87 22.53
N PRO D 27 14.95 -28.98 21.79
CA PRO D 27 15.67 -29.18 20.54
C PRO D 27 14.90 -28.66 19.32
N LEU D 28 15.55 -28.60 18.16
CA LEU D 28 14.85 -28.29 16.91
C LEU D 28 14.15 -29.53 16.38
N SER D 29 14.81 -30.68 16.43
CA SER D 29 14.24 -31.97 16.13
C SER D 29 14.39 -32.85 17.36
N LEU D 30 13.37 -33.67 17.62
CA LEU D 30 13.31 -34.46 18.84
C LEU D 30 12.71 -35.81 18.48
N PRO D 31 13.54 -36.83 18.25
CA PRO D 31 13.00 -38.17 18.01
C PRO D 31 12.24 -38.63 19.25
N VAL D 32 11.05 -39.17 19.03
CA VAL D 32 10.16 -39.54 20.12
C VAL D 32 9.55 -40.90 19.81
N SER D 33 9.35 -41.71 20.84
CA SER D 33 8.54 -42.90 20.74
C SER D 33 7.27 -42.72 21.57
N PHE D 34 6.19 -43.36 21.12
CA PHE D 34 4.93 -43.24 21.86
C PHE D 34 5.07 -43.83 23.25
N GLY D 35 4.51 -43.13 24.23
CA GLY D 35 4.76 -43.38 25.63
C GLY D 35 5.90 -42.59 26.22
N ASP D 36 6.79 -42.03 25.40
CA ASP D 36 7.90 -41.26 25.92
C ASP D 36 7.38 -39.95 26.52
N GLN D 37 8.10 -39.44 27.50
CA GLN D 37 7.93 -38.06 27.92
C GLN D 37 9.01 -37.23 27.28
N VAL D 38 8.61 -36.18 26.59
CA VAL D 38 9.53 -35.34 25.83
C VAL D 38 9.49 -33.93 26.38
N SER D 39 10.64 -33.28 26.38
CA SER D 39 10.75 -31.92 26.86
C SER D 39 11.15 -31.02 25.70
N ILE D 40 10.52 -29.86 25.64
CA ILE D 40 10.85 -28.84 24.66
C ILE D 40 11.20 -27.58 25.42
N SER D 41 12.45 -27.15 25.32
CA SER D 41 12.92 -25.99 26.05
C SER D 41 12.92 -24.77 25.14
N CYS D 42 12.53 -23.63 25.69
CA CYS D 42 12.51 -22.37 24.98
C CYS D 42 13.16 -21.31 25.86
N ARG D 43 14.28 -20.76 25.40
CA ARG D 43 15.04 -19.76 26.16
C ARG D 43 14.95 -18.42 25.45
N SER D 44 14.65 -17.38 26.21
CA SER D 44 14.38 -16.05 25.66
C SER D 44 15.56 -15.12 25.90
N SER D 45 15.81 -14.25 24.91
CA SER D 45 16.92 -13.30 25.01
C SER D 45 16.78 -12.42 26.24
N GLN D 46 15.56 -12.05 26.60
CA GLN D 46 15.30 -11.20 27.75
C GLN D 46 14.23 -11.84 28.63
N SER D 47 13.90 -11.17 29.72
CA SER D 47 12.97 -11.71 30.71
C SER D 47 11.55 -11.47 30.24
N LEU D 48 10.78 -12.55 30.07
CA LEU D 48 9.38 -12.45 29.65
C LEU D 48 8.44 -12.16 30.80
N ALA D 49 8.97 -11.76 31.96
CA ALA D 49 8.16 -11.22 33.03
C ALA D 49 8.07 -9.71 32.82
N ASN D 50 6.87 -9.23 32.49
CA ASN D 50 6.66 -7.79 32.39
C ASN D 50 6.68 -7.15 33.77
N SER D 51 6.15 -5.95 33.87
CA SER D 51 6.15 -5.22 35.12
C SER D 51 4.95 -5.55 36.00
N TYR D 52 4.16 -6.55 35.61
CA TYR D 52 3.07 -7.03 36.44
C TYR D 52 3.22 -8.52 36.77
N GLY D 53 4.40 -9.09 36.59
CA GLY D 53 4.60 -10.50 36.81
C GLY D 53 3.88 -11.41 35.85
N ASN D 54 3.16 -10.85 34.88
CA ASN D 54 2.45 -11.66 33.90
C ASN D 54 3.42 -12.05 32.79
N THR D 55 3.47 -13.34 32.47
CA THR D 55 4.35 -13.84 31.41
C THR D 55 3.48 -14.48 30.34
N TYR D 56 3.47 -13.89 29.15
CA TYR D 56 2.59 -14.34 28.07
C TYR D 56 3.33 -15.26 27.12
N LEU D 57 3.87 -16.36 27.67
CA LEU D 57 4.53 -17.36 26.85
C LEU D 57 3.56 -18.49 26.63
N SER D 58 3.46 -18.93 25.37
CA SER D 58 2.50 -19.93 24.98
C SER D 58 3.18 -20.94 24.07
N TRP D 59 2.69 -22.16 24.13
CA TRP D 59 3.21 -23.26 23.32
C TRP D 59 2.14 -23.66 22.33
N TYR D 60 2.54 -23.86 21.08
CA TYR D 60 1.59 -24.21 20.04
C TYR D 60 2.01 -25.50 19.38
N LEU D 61 1.01 -26.27 18.97
CA LEU D 61 1.23 -27.50 18.22
C LEU D 61 0.74 -27.28 16.80
N HIS D 62 1.57 -27.63 15.84
CA HIS D 62 1.24 -27.48 14.44
C HIS D 62 1.41 -28.85 13.80
N LYS D 63 0.33 -29.55 13.65
CA LYS D 63 0.43 -30.85 13.01
C LYS D 63 0.34 -30.68 11.50
N PRO D 64 1.04 -31.53 10.76
CA PRO D 64 1.06 -31.39 9.30
C PRO D 64 -0.34 -31.28 8.70
N GLY D 65 -0.52 -30.27 7.85
CA GLY D 65 -1.78 -30.07 7.18
C GLY D 65 -2.90 -29.50 8.01
N GLN D 66 -2.64 -29.07 9.25
CA GLN D 66 -3.66 -28.49 10.10
C GLN D 66 -3.24 -27.09 10.55
N SER D 67 -4.05 -26.52 11.45
CA SER D 67 -3.72 -25.22 11.99
C SER D 67 -2.91 -25.37 13.28
N PRO D 68 -2.04 -24.43 13.56
CA PRO D 68 -1.43 -24.35 14.90
C PRO D 68 -2.50 -24.37 15.97
N GLN D 69 -2.29 -25.20 17.00
CA GLN D 69 -3.20 -25.30 18.13
C GLN D 69 -2.49 -24.82 19.39
N LEU D 70 -3.19 -24.00 20.18
CA LEU D 70 -2.67 -23.59 21.48
C LEU D 70 -2.71 -24.75 22.45
N LEU D 71 -1.57 -25.06 23.06
CA LEU D 71 -1.48 -26.06 24.11
C LEU D 71 -1.41 -25.37 25.46
N ILE D 72 -0.28 -24.72 25.74
CA ILE D 72 -0.04 -24.05 27.01
C ILE D 72 0.07 -22.56 26.75
N TYR D 73 -0.53 -21.77 27.63
CA TYR D 73 -0.40 -20.32 27.62
C TYR D 73 -0.02 -19.87 29.02
N GLY D 74 0.67 -18.73 29.10
CA GLY D 74 1.02 -18.21 30.41
C GLY D 74 1.95 -19.13 31.18
N ILE D 75 2.92 -19.72 30.50
CA ILE D 75 3.97 -20.57 31.06
C ILE D 75 3.43 -21.97 31.26
N SER D 76 2.35 -22.11 32.04
CA SER D 76 1.94 -23.41 32.54
C SER D 76 0.44 -23.70 32.45
N LYS D 77 -0.38 -22.73 32.06
CA LYS D 77 -1.83 -22.91 32.08
C LYS D 77 -2.27 -23.63 30.81
N ARG D 78 -2.96 -24.76 30.96
CA ARG D 78 -3.40 -25.54 29.81
C ARG D 78 -4.61 -24.90 29.15
N PHE D 79 -4.49 -24.62 27.85
CA PHE D 79 -5.66 -24.41 27.01
C PHE D 79 -6.61 -25.60 27.12
N SER D 80 -7.90 -25.32 27.23
CA SER D 80 -8.87 -26.40 27.33
C SER D 80 -9.02 -27.10 25.99
N GLY D 81 -9.42 -28.37 26.05
CA GLY D 81 -9.27 -29.28 24.93
C GLY D 81 -7.88 -29.89 24.80
N VAL D 82 -6.90 -29.40 25.54
CA VAL D 82 -5.56 -29.97 25.55
C VAL D 82 -5.45 -30.98 26.68
N PRO D 83 -5.02 -32.20 26.40
CA PRO D 83 -4.94 -33.23 27.46
C PRO D 83 -4.03 -32.79 28.60
N ASP D 84 -4.24 -33.42 29.77
CA ASP D 84 -3.40 -33.13 30.92
C ASP D 84 -1.96 -33.57 30.75
N ARG D 85 -1.65 -34.34 29.70
CA ARG D 85 -0.27 -34.77 29.50
C ARG D 85 0.64 -33.62 29.08
N PHE D 86 0.09 -32.54 28.51
CA PHE D 86 0.89 -31.37 28.20
C PHE D 86 1.00 -30.49 29.44
N SER D 87 2.23 -30.08 29.77
CA SER D 87 2.47 -29.22 30.92
C SER D 87 3.61 -28.27 30.61
N GLY D 88 3.46 -27.03 31.05
CA GLY D 88 4.51 -26.04 30.94
C GLY D 88 5.02 -25.63 32.31
N SER D 89 6.17 -24.96 32.29
CA SER D 89 6.82 -24.50 33.51
C SER D 89 7.91 -23.50 33.16
N GLY D 90 8.19 -22.60 34.07
CA GLY D 90 9.40 -21.80 33.98
C GLY D 90 9.18 -20.39 34.48
N SER D 91 10.23 -19.59 34.30
CA SER D 91 10.31 -18.20 34.73
C SER D 91 11.53 -17.57 34.05
N GLY D 92 11.41 -16.28 33.75
CA GLY D 92 12.57 -15.52 33.32
C GLY D 92 12.97 -15.74 31.87
N THR D 93 14.03 -16.51 31.65
CA THR D 93 14.57 -16.68 30.30
C THR D 93 14.29 -18.03 29.69
N ASP D 94 14.38 -19.12 30.45
CA ASP D 94 14.27 -20.47 29.92
C ASP D 94 12.93 -21.08 30.32
N PHE D 95 12.14 -21.50 29.34
CA PHE D 95 10.85 -22.12 29.56
C PHE D 95 10.77 -23.45 28.83
N THR D 96 9.89 -24.32 29.32
CA THR D 96 9.86 -25.70 28.87
C THR D 96 8.43 -26.19 28.68
N LEU D 97 8.22 -26.93 27.60
CA LEU D 97 6.99 -27.68 27.37
C LEU D 97 7.25 -29.15 27.64
N LYS D 98 6.33 -29.79 28.33
CA LYS D 98 6.52 -31.17 28.80
C LYS D 98 5.29 -31.98 28.47
N ILE D 99 5.49 -33.07 27.72
CA ILE D 99 4.42 -34.01 27.36
C ILE D 99 4.70 -35.29 28.13
N SER D 100 3.89 -35.57 29.16
CA SER D 100 4.20 -36.68 30.05
C SER D 100 4.11 -38.03 29.32
N THR D 101 3.21 -38.15 28.34
CA THR D 101 3.04 -39.40 27.60
C THR D 101 2.72 -39.06 26.15
N ILE D 102 3.71 -39.22 25.26
CA ILE D 102 3.49 -38.94 23.86
C ILE D 102 2.46 -39.90 23.26
N LYS D 103 1.54 -39.36 22.49
CA LYS D 103 0.61 -40.10 21.66
C LYS D 103 0.76 -39.63 20.23
N PRO D 104 0.34 -40.45 19.24
CA PRO D 104 0.49 -40.04 17.83
C PRO D 104 -0.15 -38.70 17.51
N GLU D 105 -1.28 -38.37 18.14
CA GLU D 105 -1.94 -37.10 17.86
C GLU D 105 -1.14 -35.90 18.34
N ASP D 106 0.02 -36.11 18.96
CA ASP D 106 0.86 -35.02 19.42
C ASP D 106 2.08 -34.77 18.55
N LEU D 107 2.38 -35.65 17.59
CA LEU D 107 3.48 -35.40 16.67
C LEU D 107 3.23 -34.13 15.86
N GLY D 108 4.30 -33.43 15.57
CA GLY D 108 4.23 -32.26 14.71
C GLY D 108 5.31 -31.28 15.09
N MET D 109 5.11 -30.03 14.69
CA MET D 109 5.98 -28.93 15.06
C MET D 109 5.40 -28.22 16.28
N TYR D 110 6.21 -28.06 17.31
CA TYR D 110 5.84 -27.33 18.52
C TYR D 110 6.56 -26.00 18.52
N TYR D 111 5.81 -24.93 18.76
CA TYR D 111 6.38 -23.60 18.79
C TYR D 111 6.11 -22.94 20.14
N CYS D 112 7.12 -22.25 20.64
CA CYS D 112 6.97 -21.38 21.79
C CYS D 112 6.83 -19.96 21.28
N LEU D 113 6.14 -19.14 22.05
CA LEU D 113 5.83 -17.79 21.61
C LEU D 113 5.73 -16.88 22.83
N GLN D 114 6.37 -15.72 22.74
CA GLN D 114 6.24 -14.72 23.78
C GLN D 114 4.97 -13.91 23.54
N GLY D 115 4.98 -12.66 23.97
CA GLY D 115 3.85 -11.77 23.79
C GLY D 115 3.90 -10.76 24.89
N THR D 116 4.91 -10.91 25.74
CA THR D 116 5.14 -9.98 26.82
C THR D 116 5.84 -8.71 26.34
N HIS D 117 6.56 -8.80 25.22
CA HIS D 117 7.27 -7.69 24.63
C HIS D 117 6.95 -7.61 23.15
N GLN D 118 6.85 -6.46 22.67
CA GLN D 118 6.69 -6.44 21.22
C GLN D 118 8.04 -6.22 20.54
N PRO D 119 8.25 -6.80 19.36
CA PRO D 119 7.34 -7.67 18.62
C PRO D 119 7.27 -9.07 19.21
N TRP D 120 6.09 -9.67 19.19
CA TRP D 120 5.96 -11.07 19.58
C TRP D 120 6.78 -11.94 18.64
N THR D 121 7.42 -12.95 19.18
CA THR D 121 8.32 -13.80 18.40
C THR D 121 8.03 -15.25 18.73
N PHE D 122 7.91 -16.07 17.69
CA PHE D 122 7.75 -17.49 17.91
C PHE D 122 9.12 -18.13 18.11
N GLY D 123 9.12 -19.37 18.56
CA GLY D 123 10.36 -20.11 18.70
C GLY D 123 10.73 -20.82 17.42
N GLY D 124 11.94 -21.36 17.40
CA GLY D 124 12.45 -22.00 16.20
C GLY D 124 11.65 -23.21 15.78
N GLY D 125 10.90 -23.82 16.71
CA GLY D 125 10.12 -25.00 16.40
C GLY D 125 10.77 -26.28 16.84
N THR D 126 9.98 -27.26 17.30
CA THR D 126 10.48 -28.58 17.66
C THR D 126 9.67 -29.63 16.90
N LYS D 127 10.31 -30.32 15.96
CA LYS D 127 9.67 -31.42 15.25
C LYS D 127 9.73 -32.67 16.11
N LEU D 128 8.60 -33.09 16.63
CA LEU D 128 8.50 -34.40 17.27
C LEU D 128 8.34 -35.44 16.16
N GLU D 129 9.40 -36.21 15.93
CA GLU D 129 9.44 -37.27 14.94
C GLU D 129 9.57 -38.62 15.65
N ILE D 130 9.29 -39.69 14.92
CA ILE D 130 9.24 -41.01 15.54
C ILE D 130 10.65 -41.59 15.62
N LYS D 131 11.05 -41.98 16.83
CA LYS D 131 12.33 -42.66 16.97
C LYS D 131 12.19 -44.13 16.58
N ARG D 132 13.20 -44.64 15.90
CA ARG D 132 13.25 -46.03 15.47
C ARG D 132 14.69 -46.52 15.48
N THR D 133 14.87 -47.80 15.14
CA THR D 133 16.21 -48.37 15.02
C THR D 133 16.93 -47.74 13.84
N VAL D 134 18.21 -47.44 14.03
CA VAL D 134 18.96 -46.76 12.99
C VAL D 134 18.99 -47.62 11.75
N ALA D 135 18.45 -47.09 10.65
CA ALA D 135 18.42 -47.78 9.37
C ALA D 135 19.66 -47.42 8.56
N ALA D 136 19.81 -48.04 7.39
CA ALA D 136 20.96 -47.70 6.59
C ALA D 136 20.48 -47.09 5.28
N PRO D 137 21.12 -46.03 4.81
CA PRO D 137 20.61 -45.38 3.60
C PRO D 137 20.84 -46.26 2.38
N SER D 138 19.77 -46.75 1.79
CA SER D 138 19.90 -47.36 0.46
C SER D 138 20.21 -46.24 -0.51
N VAL D 139 21.45 -46.16 -0.95
CA VAL D 139 21.86 -45.03 -1.78
C VAL D 139 21.68 -45.41 -3.23
N PHE D 140 21.29 -44.42 -4.04
CA PHE D 140 21.05 -44.64 -5.45
C PHE D 140 21.40 -43.35 -6.17
N ILE D 141 22.21 -43.45 -7.22
CA ILE D 141 22.60 -42.28 -7.99
C ILE D 141 22.09 -42.44 -9.41
N PHE D 142 21.54 -41.36 -9.97
CA PHE D 142 20.95 -41.38 -11.30
C PHE D 142 21.64 -40.35 -12.19
N PRO D 143 22.24 -40.75 -13.30
CA PRO D 143 22.73 -39.78 -14.27
C PRO D 143 21.59 -38.95 -14.81
N PRO D 144 21.88 -37.80 -15.42
CA PRO D 144 20.82 -37.06 -16.12
C PRO D 144 20.38 -37.79 -17.37
N SER D 145 19.08 -37.71 -17.64
CA SER D 145 18.52 -38.36 -18.81
C SER D 145 19.03 -37.70 -20.09
N ASP D 146 19.02 -38.47 -21.18
CA ASP D 146 19.33 -37.90 -22.49
C ASP D 146 18.38 -36.75 -22.80
N GLU D 147 17.10 -36.91 -22.45
CA GLU D 147 16.11 -35.88 -22.72
C GLU D 147 16.45 -34.57 -22.01
N GLN D 148 16.89 -34.65 -20.75
CA GLN D 148 17.25 -33.43 -20.03
C GLN D 148 18.54 -32.81 -20.57
N LEU D 149 19.50 -33.65 -20.96
CA LEU D 149 20.72 -33.13 -21.57
C LEU D 149 20.43 -32.40 -22.88
N LYS D 150 19.40 -32.84 -23.60
CA LYS D 150 18.98 -32.14 -24.80
C LYS D 150 18.49 -30.74 -24.49
N SER D 151 18.12 -30.48 -23.23
CA SER D 151 17.68 -29.16 -22.79
C SER D 151 18.80 -28.33 -22.20
N GLY D 152 20.06 -28.78 -22.32
CA GLY D 152 21.22 -28.02 -21.88
C GLY D 152 21.57 -28.13 -20.41
N THR D 153 20.69 -28.70 -19.57
CA THR D 153 20.96 -28.81 -18.15
C THR D 153 21.07 -30.29 -17.78
N ALA D 154 21.88 -30.56 -16.76
CA ALA D 154 22.10 -31.91 -16.27
C ALA D 154 21.85 -31.94 -14.77
N SER D 155 20.89 -32.76 -14.34
CA SER D 155 20.58 -32.95 -12.93
C SER D 155 21.00 -34.36 -12.54
N VAL D 156 21.99 -34.45 -11.66
CA VAL D 156 22.43 -35.72 -11.10
C VAL D 156 21.72 -35.91 -9.77
N VAL D 157 20.96 -37.00 -9.67
CA VAL D 157 20.12 -37.25 -8.51
C VAL D 157 20.73 -38.40 -7.72
N CYS D 158 21.05 -38.14 -6.46
CA CYS D 158 21.52 -39.17 -5.55
C CYS D 158 20.41 -39.39 -4.53
N LEU D 159 19.97 -40.64 -4.41
CA LEU D 159 18.84 -40.99 -3.57
C LEU D 159 19.35 -41.67 -2.30
N LEU D 160 18.95 -41.14 -1.15
CA LEU D 160 19.12 -41.83 0.12
C LEU D 160 17.76 -42.38 0.52
N ASN D 161 17.60 -43.70 0.46
CA ASN D 161 16.30 -44.34 0.63
C ASN D 161 16.21 -45.05 1.97
N ASN D 162 15.13 -44.75 2.71
CA ASN D 162 14.77 -45.44 3.93
C ASN D 162 15.93 -45.46 4.91
N PHE D 163 16.13 -44.35 5.62
CA PHE D 163 17.17 -44.30 6.64
C PHE D 163 16.62 -43.64 7.90
N TYR D 164 17.33 -43.86 9.01
CA TYR D 164 17.02 -43.22 10.27
C TYR D 164 18.28 -43.21 11.12
N PRO D 165 18.58 -42.12 11.85
CA PRO D 165 17.78 -40.89 12.02
C PRO D 165 17.77 -40.00 10.80
N ARG D 166 17.19 -38.80 10.88
CA ARG D 166 17.11 -37.95 9.70
C ARG D 166 18.48 -37.44 9.30
N GLU D 167 19.35 -37.20 10.27
CA GLU D 167 20.62 -36.53 10.00
C GLU D 167 21.52 -37.47 9.22
N ALA D 168 21.66 -37.18 7.93
CA ALA D 168 22.59 -37.87 7.04
C ALA D 168 23.28 -36.80 6.21
N LYS D 169 24.47 -37.13 5.72
CA LYS D 169 25.29 -36.18 4.98
C LYS D 169 25.51 -36.69 3.56
N VAL D 170 25.33 -35.81 2.58
CA VAL D 170 25.54 -36.13 1.17
C VAL D 170 26.58 -35.18 0.62
N GLN D 171 27.63 -35.74 0.03
CA GLN D 171 28.67 -34.96 -0.62
C GLN D 171 28.79 -35.41 -2.07
N TRP D 172 28.95 -34.43 -2.96
CA TRP D 172 29.12 -34.69 -4.38
C TRP D 172 30.59 -34.57 -4.76
N LYS D 173 31.07 -35.53 -5.56
CA LYS D 173 32.45 -35.52 -6.04
C LYS D 173 32.42 -35.75 -7.54
N VAL D 174 32.67 -34.68 -8.29
CA VAL D 174 32.65 -34.70 -9.75
C VAL D 174 34.10 -34.69 -10.22
N ASP D 175 34.58 -35.84 -10.70
CA ASP D 175 36.01 -36.05 -10.92
C ASP D 175 36.80 -35.77 -9.65
N ASN D 176 36.34 -36.38 -8.55
CA ASN D 176 36.93 -36.21 -7.22
C ASN D 176 36.98 -34.75 -6.78
N ALA D 177 36.18 -33.88 -7.38
CA ALA D 177 36.13 -32.47 -7.02
C ALA D 177 34.89 -32.22 -6.17
N LEU D 178 35.10 -32.00 -4.88
CA LEU D 178 33.99 -31.80 -3.96
C LEU D 178 33.13 -30.64 -4.43
N GLN D 179 31.86 -30.91 -4.67
CA GLN D 179 30.98 -29.91 -5.26
C GLN D 179 30.48 -28.92 -4.22
N SER D 180 30.13 -27.73 -4.70
CA SER D 180 29.77 -26.61 -3.85
C SER D 180 28.73 -25.77 -4.55
N GLY D 181 27.66 -25.41 -3.83
CA GLY D 181 26.65 -24.54 -4.40
C GLY D 181 25.94 -25.16 -5.58
N ASN D 182 26.27 -26.43 -5.85
CA ASN D 182 25.78 -27.16 -7.00
C ASN D 182 24.76 -28.23 -6.62
N SER D 183 24.28 -28.23 -5.38
CA SER D 183 23.41 -29.28 -4.90
C SER D 183 22.18 -28.71 -4.22
N GLN D 184 21.20 -29.58 -4.03
CA GLN D 184 19.95 -29.27 -3.37
C GLN D 184 19.48 -30.54 -2.70
N GLU D 185 18.84 -30.39 -1.54
CA GLU D 185 18.38 -31.56 -0.82
C GLU D 185 16.87 -31.51 -0.66
N SER D 186 16.27 -32.69 -0.62
CA SER D 186 14.86 -32.87 -0.35
C SER D 186 14.71 -34.13 0.46
N VAL D 187 14.07 -34.00 1.63
CA VAL D 187 13.88 -35.12 2.55
C VAL D 187 12.38 -35.35 2.67
N THR D 188 11.95 -36.59 2.41
CA THR D 188 10.57 -36.92 2.68
C THR D 188 10.35 -36.89 4.20
N GLU D 189 9.16 -36.48 4.61
CA GLU D 189 8.83 -36.58 6.02
C GLU D 189 8.87 -38.05 6.46
N GLN D 190 8.80 -38.25 7.76
CA GLN D 190 8.92 -39.59 8.32
C GLN D 190 7.78 -40.49 7.84
N ASP D 191 8.16 -41.68 7.39
CA ASP D 191 7.22 -42.64 6.81
C ASP D 191 6.25 -43.15 7.86
N SER D 192 4.98 -43.29 7.45
CA SER D 192 3.95 -43.76 8.38
C SER D 192 4.07 -45.26 8.69
N LYS D 193 4.68 -46.04 7.80
CA LYS D 193 4.71 -47.49 7.99
C LYS D 193 6.01 -48.01 8.60
N ASP D 194 7.16 -47.39 8.33
CA ASP D 194 8.40 -47.84 8.95
C ASP D 194 9.21 -46.68 9.51
N SER D 195 8.59 -45.51 9.70
CA SER D 195 9.19 -44.37 10.39
C SER D 195 10.52 -43.94 9.78
N THR D 196 10.75 -44.23 8.50
CA THR D 196 12.01 -43.87 7.87
C THR D 196 11.88 -42.53 7.13
N TYR D 197 13.03 -41.96 6.81
CA TYR D 197 13.14 -40.79 5.96
C TYR D 197 13.88 -41.19 4.70
N SER D 198 13.48 -40.62 3.58
CA SER D 198 14.22 -40.76 2.33
C SER D 198 14.67 -39.37 1.91
N LEU D 199 15.86 -39.30 1.32
CA LEU D 199 16.48 -38.03 1.01
C LEU D 199 17.00 -38.08 -0.42
N SER D 200 16.81 -36.98 -1.16
CA SER D 200 17.30 -36.86 -2.53
C SER D 200 18.17 -35.62 -2.64
N SER D 201 19.41 -35.80 -3.08
CA SER D 201 20.31 -34.70 -3.37
C SER D 201 20.42 -34.57 -4.88
N THR D 202 20.07 -33.40 -5.40
CA THR D 202 20.09 -33.14 -6.83
C THR D 202 21.28 -32.22 -7.12
N LEU D 203 22.26 -32.75 -7.83
CA LEU D 203 23.38 -31.97 -8.34
C LEU D 203 22.99 -31.43 -9.70
N THR D 204 22.98 -30.10 -9.84
CA THR D 204 22.52 -29.45 -11.06
C THR D 204 23.71 -28.78 -11.74
N LEU D 205 24.02 -29.22 -12.96
CA LEU D 205 25.08 -28.63 -13.76
C LEU D 205 24.53 -28.34 -15.14
N SER D 206 25.27 -27.52 -15.88
CA SER D 206 25.01 -27.35 -17.29
C SER D 206 25.53 -28.57 -18.04
N LYS D 207 24.93 -28.84 -19.21
CA LYS D 207 25.43 -29.91 -20.06
C LYS D 207 26.92 -29.69 -20.36
N ALA D 208 27.34 -28.43 -20.43
CA ALA D 208 28.75 -28.10 -20.58
C ALA D 208 29.57 -28.70 -19.46
N ASP D 209 29.26 -28.32 -18.22
CA ASP D 209 29.99 -28.83 -17.07
C ASP D 209 29.81 -30.33 -16.94
N TYR D 210 28.64 -30.84 -17.31
CA TYR D 210 28.41 -32.28 -17.23
C TYR D 210 29.28 -33.05 -18.22
N GLU D 211 29.45 -32.54 -19.43
CA GLU D 211 30.28 -33.22 -20.41
C GLU D 211 31.78 -32.98 -20.22
N LYS D 212 32.16 -32.01 -19.37
CA LYS D 212 33.57 -31.75 -19.13
C LYS D 212 34.18 -32.69 -18.09
N HIS D 213 33.34 -33.40 -17.35
CA HIS D 213 33.79 -34.31 -16.31
C HIS D 213 33.26 -35.71 -16.59
N LYS D 214 33.94 -36.70 -16.00
CA LYS D 214 33.65 -38.11 -16.27
C LYS D 214 33.05 -38.83 -15.07
N VAL D 215 33.62 -38.65 -13.88
CA VAL D 215 33.24 -39.39 -12.69
C VAL D 215 32.37 -38.52 -11.80
N TYR D 216 31.14 -38.98 -11.56
CA TYR D 216 30.18 -38.31 -10.69
C TYR D 216 29.87 -39.22 -9.52
N ALA D 217 30.08 -38.74 -8.31
CA ALA D 217 29.89 -39.58 -7.14
C ALA D 217 29.15 -38.81 -6.05
N CYS D 218 28.20 -39.48 -5.43
CA CYS D 218 27.55 -39.01 -4.21
C CYS D 218 27.99 -39.94 -3.10
N GLU D 219 28.68 -39.38 -2.10
CA GLU D 219 29.13 -40.14 -0.95
C GLU D 219 28.22 -39.80 0.22
N VAL D 220 27.80 -40.82 0.95
CA VAL D 220 26.79 -40.67 2.00
C VAL D 220 27.42 -41.03 3.34
N THR D 221 27.37 -40.09 4.28
CA THR D 221 27.71 -40.36 5.67
C THR D 221 26.43 -40.49 6.47
N HIS D 222 26.35 -41.51 7.32
CA HIS D 222 25.15 -41.75 8.10
C HIS D 222 25.51 -42.57 9.33
N GLN D 223 24.70 -42.43 10.39
CA GLN D 223 24.94 -43.20 11.60
C GLN D 223 24.89 -44.70 11.34
N GLY D 224 24.01 -45.13 10.44
CA GLY D 224 23.86 -46.53 10.10
C GLY D 224 24.87 -47.07 9.13
N LEU D 225 25.78 -46.24 8.65
CA LEU D 225 26.84 -46.67 7.76
C LEU D 225 28.14 -46.71 8.55
N SER D 226 28.75 -47.89 8.63
CA SER D 226 30.06 -48.02 9.28
C SER D 226 31.13 -47.27 8.50
N SER D 227 30.98 -47.19 7.18
CA SER D 227 31.90 -46.52 6.28
C SER D 227 31.07 -45.71 5.30
N PRO D 228 31.57 -44.55 4.86
CA PRO D 228 30.81 -43.74 3.91
C PRO D 228 30.50 -44.54 2.66
N VAL D 229 29.26 -44.42 2.19
CA VAL D 229 28.83 -45.10 0.98
C VAL D 229 29.03 -44.14 -0.18
N THR D 230 29.80 -44.56 -1.17
CA THR D 230 30.05 -43.76 -2.36
C THR D 230 29.33 -44.42 -3.52
N LYS D 231 28.36 -43.70 -4.07
CA LYS D 231 27.58 -44.16 -5.21
C LYS D 231 27.98 -43.28 -6.38
N SER D 232 28.49 -43.89 -7.44
CA SER D 232 29.07 -43.12 -8.53
C SER D 232 28.65 -43.70 -9.87
N PHE D 233 28.81 -42.89 -10.91
CA PHE D 233 28.58 -43.34 -12.28
C PHE D 233 29.52 -42.60 -13.21
N ASN D 234 30.15 -43.35 -14.12
CA ASN D 234 30.97 -42.77 -15.18
C ASN D 234 30.07 -42.39 -16.34
N ARG D 235 30.08 -41.12 -16.73
CA ARG D 235 29.23 -40.64 -17.82
C ARG D 235 29.20 -41.58 -19.01
N GLY D 236 30.37 -42.07 -19.42
CA GLY D 236 30.48 -42.96 -20.56
C GLY D 236 30.18 -44.41 -20.23
N GLU D 237 28.91 -44.69 -19.95
CA GLU D 237 28.43 -46.03 -19.62
C GLU D 237 26.92 -45.99 -19.51
N CYS D 238 26.30 -47.11 -19.89
CA CYS D 238 24.85 -47.22 -19.85
C CYS D 238 24.36 -47.54 -18.44
N GLU E 20 13.19 -2.52 -3.77
CA GLU E 20 13.13 -2.20 -5.19
C GLU E 20 11.86 -1.43 -5.57
N VAL E 21 12.03 -0.38 -6.36
CA VAL E 21 10.89 0.38 -6.86
C VAL E 21 10.12 -0.49 -7.84
N LYS E 22 8.87 -0.81 -7.49
CA LYS E 22 8.10 -1.78 -8.25
C LYS E 22 6.68 -1.27 -8.44
N LEU E 23 6.22 -1.31 -9.69
CA LEU E 23 4.82 -1.07 -10.01
C LEU E 23 4.23 -2.36 -10.55
N VAL E 24 3.06 -2.74 -10.02
CA VAL E 24 2.42 -4.02 -10.34
C VAL E 24 0.95 -3.77 -10.67
N GLU E 25 0.58 -3.99 -11.92
CA GLU E 25 -0.79 -3.80 -12.38
C GLU E 25 -1.58 -5.10 -12.30
N SER E 26 -2.91 -4.97 -12.26
CA SER E 26 -3.81 -6.12 -12.15
C SER E 26 -5.20 -5.68 -12.59
N GLY E 27 -5.92 -6.58 -13.24
CA GLY E 27 -7.25 -6.26 -13.74
C GLY E 27 -7.36 -6.46 -15.22
N GLY E 28 -6.42 -7.21 -15.79
CA GLY E 28 -6.35 -7.37 -17.23
C GLY E 28 -7.28 -8.42 -17.79
N GLY E 29 -7.74 -8.17 -19.01
CA GLY E 29 -8.60 -9.08 -19.72
C GLY E 29 -10.01 -9.15 -19.16
N LEU E 30 -10.89 -8.27 -19.65
CA LEU E 30 -12.27 -8.19 -19.23
C LEU E 30 -12.90 -7.02 -19.97
N VAL E 31 -14.23 -6.92 -19.88
CA VAL E 31 -15.06 -5.84 -20.39
C VAL E 31 -15.47 -6.08 -21.83
N GLN E 32 -16.72 -6.22 -22.04
CA GLN E 32 -17.17 -6.22 -23.42
C GLN E 32 -17.61 -4.81 -23.78
N PRO E 33 -17.49 -4.41 -25.05
CA PRO E 33 -17.80 -3.02 -25.43
C PRO E 33 -19.05 -2.47 -24.77
N GLY E 34 -18.93 -1.26 -24.24
CA GLY E 34 -19.93 -0.65 -23.40
C GLY E 34 -19.80 -0.99 -21.92
N GLY E 35 -19.12 -2.07 -21.58
CA GLY E 35 -18.92 -2.45 -20.19
C GLY E 35 -17.88 -1.57 -19.50
N SER E 36 -17.52 -1.97 -18.28
CA SER E 36 -16.58 -1.18 -17.50
C SER E 36 -15.76 -2.05 -16.55
N LEU E 37 -14.53 -1.61 -16.27
CA LEU E 37 -13.63 -2.21 -15.28
C LEU E 37 -12.57 -1.19 -14.86
N LYS E 38 -12.01 -1.43 -13.68
CA LYS E 38 -10.99 -0.61 -13.06
C LYS E 38 -9.68 -1.37 -12.99
N LEU E 39 -8.60 -0.71 -13.37
CA LEU E 39 -7.25 -1.27 -13.29
C LEU E 39 -6.57 -0.75 -12.04
N SER E 40 -5.88 -1.64 -11.34
CA SER E 40 -5.21 -1.32 -10.09
C SER E 40 -3.71 -1.45 -10.27
N CYS E 41 -2.99 -0.40 -9.88
CA CYS E 41 -1.53 -0.40 -9.84
C CYS E 41 -1.10 -0.30 -8.39
N ALA E 42 -0.50 -1.37 -7.89
CA ALA E 42 0.03 -1.40 -6.53
C ALA E 42 1.49 -0.95 -6.59
N ALA E 43 1.83 0.07 -5.81
CA ALA E 43 3.12 0.73 -5.91
C ALA E 43 3.96 0.40 -4.68
N SER E 44 5.22 0.05 -4.91
CA SER E 44 6.11 -0.36 -3.84
C SER E 44 7.53 0.09 -4.16
N GLY E 45 8.33 0.21 -3.11
CA GLY E 45 9.73 0.58 -3.25
C GLY E 45 10.00 2.06 -3.26
N PHE E 46 9.00 2.90 -3.06
CA PHE E 46 9.20 4.34 -2.99
C PHE E 46 8.06 4.93 -2.18
N THR E 47 8.15 6.24 -1.93
CA THR E 47 7.09 6.95 -1.23
C THR E 47 6.02 7.33 -2.24
N PHE E 48 4.98 6.50 -2.33
CA PHE E 48 3.96 6.66 -3.36
C PHE E 48 3.32 8.05 -3.30
N SER E 49 3.04 8.55 -2.11
CA SER E 49 2.29 9.79 -1.96
C SER E 49 3.11 11.03 -2.31
N THR E 50 4.40 10.90 -2.60
CA THR E 50 5.22 12.03 -3.02
C THR E 50 5.53 12.01 -4.51
N TYR E 51 4.93 11.10 -5.25
CA TYR E 51 5.11 10.99 -6.68
C TYR E 51 3.77 11.17 -7.38
N THR E 52 3.77 11.96 -8.45
CA THR E 52 2.65 11.96 -9.37
C THR E 52 2.70 10.72 -10.24
N MET E 53 1.52 10.22 -10.60
CA MET E 53 1.41 8.94 -11.28
C MET E 53 0.58 9.11 -12.53
N SER E 54 0.74 8.16 -13.45
CA SER E 54 0.04 8.26 -14.72
C SER E 54 -0.12 6.86 -15.29
N TRP E 55 -0.98 6.76 -16.30
CA TRP E 55 -1.24 5.53 -17.00
C TRP E 55 -0.88 5.71 -18.47
N VAL E 56 -0.20 4.73 -19.05
CA VAL E 56 0.18 4.76 -20.46
C VAL E 56 -0.23 3.44 -21.09
N ARG E 57 -0.86 3.50 -22.26
CA ARG E 57 -1.29 2.33 -22.99
C ARG E 57 -0.46 2.16 -24.25
N GLN E 58 -0.45 0.93 -24.77
CA GLN E 58 0.19 0.61 -26.04
C GLN E 58 -0.82 -0.06 -26.95
N THR E 59 -1.24 0.64 -28.01
CA THR E 59 -2.10 0.03 -29.00
C THR E 59 -1.36 -1.11 -29.68
N PRO E 60 -2.06 -2.03 -30.33
CA PRO E 60 -1.38 -3.18 -30.95
C PRO E 60 -0.33 -2.81 -31.98
N GLU E 61 -0.39 -1.60 -32.56
CA GLU E 61 0.64 -1.11 -33.46
C GLU E 61 1.80 -0.44 -32.73
N LYS E 62 1.99 -0.77 -31.46
CA LYS E 62 3.14 -0.35 -30.65
C LYS E 62 3.20 1.15 -30.44
N ARG E 63 2.14 1.89 -30.76
CA ARG E 63 2.11 3.32 -30.47
C ARG E 63 1.77 3.52 -29.00
N LEU E 64 2.60 4.27 -28.28
CA LEU E 64 2.34 4.58 -26.89
C LEU E 64 1.52 5.85 -26.78
N GLU E 65 0.55 5.83 -25.87
CA GLU E 65 -0.34 6.97 -25.65
C GLU E 65 -0.54 7.16 -24.15
N TRP E 66 -0.46 8.42 -23.74
CA TRP E 66 -0.78 8.79 -22.37
C TRP E 66 -2.28 8.73 -22.13
N VAL E 67 -2.67 8.10 -21.02
CA VAL E 67 -4.06 7.74 -20.76
C VAL E 67 -4.66 8.61 -19.66
N ALA E 68 -3.98 8.69 -18.53
CA ALA E 68 -4.49 9.44 -17.38
C ALA E 68 -3.32 9.86 -16.52
N TYR E 69 -3.53 10.93 -15.77
CA TYR E 69 -2.53 11.47 -14.85
C TYR E 69 -3.22 11.80 -13.53
N ILE E 70 -2.44 11.77 -12.45
CA ILE E 70 -2.96 12.09 -11.12
C ILE E 70 -1.83 12.69 -10.30
N SER E 71 -2.12 13.78 -9.62
CA SER E 71 -1.17 14.42 -8.72
C SER E 71 -0.82 13.48 -7.58
N ASN E 72 0.11 13.87 -6.72
CA ASN E 72 0.48 13.02 -5.60
C ASN E 72 -0.67 12.90 -4.61
N GLY E 73 -1.29 14.02 -4.26
CA GLY E 73 -2.38 14.01 -3.30
C GLY E 73 -3.74 13.75 -3.91
N GLY E 74 -3.76 13.25 -5.14
CA GLY E 74 -5.02 12.94 -5.80
C GLY E 74 -5.88 14.12 -6.16
N GLY E 75 -5.45 15.34 -5.84
CA GLY E 75 -6.29 16.51 -6.03
C GLY E 75 -6.46 16.91 -7.49
N SER E 76 -5.43 16.71 -8.31
CA SER E 76 -5.50 17.05 -9.72
C SER E 76 -5.43 15.81 -10.59
N THR E 77 -6.29 15.78 -11.60
CA THR E 77 -6.24 14.75 -12.63
C THR E 77 -6.31 15.43 -14.00
N TYR E 78 -5.76 14.75 -15.00
CA TYR E 78 -5.87 15.19 -16.38
C TYR E 78 -6.10 13.98 -17.25
N TYR E 79 -6.67 14.23 -18.42
CA TYR E 79 -6.90 13.21 -19.43
C TYR E 79 -6.72 13.84 -20.79
N PRO E 80 -6.32 13.05 -21.79
CA PRO E 80 -6.40 13.52 -23.18
C PRO E 80 -7.82 13.39 -23.71
N ASP E 81 -8.15 14.26 -24.65
CA ASP E 81 -9.50 14.33 -25.20
C ASP E 81 -10.01 12.98 -25.70
N THR E 82 -9.11 12.05 -26.03
CA THR E 82 -9.52 10.73 -26.47
C THR E 82 -10.23 9.95 -25.36
N VAL E 83 -9.85 10.18 -24.11
CA VAL E 83 -10.40 9.42 -22.99
C VAL E 83 -10.89 10.35 -21.89
N LYS E 84 -11.24 11.59 -22.25
CA LYS E 84 -11.79 12.51 -21.27
C LYS E 84 -13.25 12.20 -21.04
N GLY E 85 -13.65 12.17 -19.76
CA GLY E 85 -14.99 11.77 -19.38
C GLY E 85 -15.25 10.29 -19.38
N ARG E 86 -14.42 9.49 -20.06
CA ARG E 86 -14.64 8.05 -20.13
C ARG E 86 -13.89 7.27 -19.07
N PHE E 87 -12.64 7.64 -18.80
CA PHE E 87 -11.85 6.99 -17.76
C PHE E 87 -11.78 7.88 -16.52
N THR E 88 -11.54 7.25 -15.38
CA THR E 88 -11.37 7.99 -14.13
C THR E 88 -10.20 7.40 -13.37
N ILE E 89 -9.12 8.16 -13.26
CA ILE E 89 -7.98 7.79 -12.44
C ILE E 89 -8.26 8.22 -11.01
N SER E 90 -7.71 7.46 -10.06
CA SER E 90 -7.84 7.75 -8.64
C SER E 90 -6.69 7.07 -7.93
N ARG E 91 -6.36 7.58 -6.75
CA ARG E 91 -5.27 7.00 -5.98
C ARG E 91 -5.63 7.00 -4.50
N ASP E 92 -5.30 5.90 -3.84
CA ASP E 92 -5.36 5.76 -2.39
C ASP E 92 -3.90 5.73 -1.93
N ASN E 93 -3.39 6.88 -1.49
CA ASN E 93 -2.04 6.95 -0.97
C ASN E 93 -1.81 6.00 0.20
N ALA E 94 -2.85 5.79 1.02
CA ALA E 94 -2.73 4.88 2.16
C ALA E 94 -2.33 3.47 1.70
N LYS E 95 -3.00 2.94 0.70
CA LYS E 95 -2.76 1.57 0.23
C LYS E 95 -1.66 1.49 -0.83
N ASN E 96 -0.98 2.59 -1.13
CA ASN E 96 0.04 2.65 -2.18
C ASN E 96 -0.46 2.03 -3.48
N THR E 97 -1.66 2.44 -3.89
CA THR E 97 -2.31 1.84 -5.04
C THR E 97 -2.84 2.92 -5.96
N LEU E 98 -2.64 2.72 -7.26
CA LEU E 98 -3.16 3.58 -8.30
C LEU E 98 -4.30 2.89 -9.02
N TYR E 99 -5.27 3.67 -9.50
CA TYR E 99 -6.50 3.11 -10.03
C TYR E 99 -6.88 3.80 -11.33
N LEU E 100 -7.40 3.02 -12.28
CA LEU E 100 -7.91 3.55 -13.54
C LEU E 100 -9.30 2.97 -13.76
N GLN E 101 -10.33 3.72 -13.39
CA GLN E 101 -11.70 3.33 -13.67
C GLN E 101 -12.00 3.61 -15.14
N MET E 102 -12.22 2.55 -15.91
CA MET E 102 -12.47 2.68 -17.34
C MET E 102 -13.95 2.40 -17.59
N SER E 103 -14.64 3.36 -18.21
CA SER E 103 -16.03 3.18 -18.58
C SER E 103 -16.25 3.50 -20.05
N SER E 104 -17.25 2.84 -20.65
CA SER E 104 -17.64 3.06 -22.03
C SER E 104 -16.44 2.87 -22.97
N LEU E 105 -15.93 1.64 -22.96
CA LEU E 105 -14.70 1.28 -23.67
C LEU E 105 -14.98 0.76 -25.08
N ASN E 106 -14.02 0.98 -25.97
CA ASN E 106 -14.05 0.48 -27.32
C ASN E 106 -12.72 -0.20 -27.59
N SER E 107 -12.67 -1.01 -28.65
CA SER E 107 -11.42 -1.66 -29.02
C SER E 107 -10.29 -0.64 -29.19
N GLU E 108 -10.63 0.64 -29.33
CA GLU E 108 -9.64 1.72 -29.30
C GLU E 108 -8.98 1.84 -27.93
N ASP E 109 -9.55 1.22 -26.89
CA ASP E 109 -8.93 1.15 -25.57
C ASP E 109 -8.38 -0.23 -25.23
N THR E 110 -8.18 -1.10 -26.21
CA THR E 110 -7.59 -2.42 -25.98
C THR E 110 -6.08 -2.29 -26.02
N ALA E 111 -5.41 -2.54 -24.89
CA ALA E 111 -3.99 -2.28 -24.79
C ALA E 111 -3.44 -2.91 -23.51
N MET E 112 -2.11 -2.98 -23.45
CA MET E 112 -1.39 -3.30 -22.21
C MET E 112 -1.23 -1.98 -21.47
N TYR E 113 -2.00 -1.80 -20.41
CA TYR E 113 -2.00 -0.53 -19.67
C TYR E 113 -0.92 -0.56 -18.61
N TYR E 114 0.04 0.35 -18.74
CA TYR E 114 1.10 0.50 -17.76
C TYR E 114 0.75 1.64 -16.82
N CYS E 115 1.02 1.45 -15.53
CA CYS E 115 1.04 2.58 -14.61
C CYS E 115 2.48 3.06 -14.49
N ALA E 116 2.64 4.35 -14.21
CA ALA E 116 3.97 4.94 -14.30
C ALA E 116 4.12 6.04 -13.27
N ARG E 117 5.29 6.08 -12.63
CA ARG E 117 5.68 7.21 -11.81
C ARG E 117 6.06 8.37 -12.74
N SER E 118 5.59 9.57 -12.42
CA SER E 118 5.46 10.55 -13.50
C SER E 118 5.94 11.94 -13.14
N TYR E 119 6.18 12.69 -14.21
CA TYR E 119 5.56 13.97 -14.53
C TYR E 119 6.31 14.49 -15.75
N GLY E 120 5.89 14.07 -16.93
CA GLY E 120 6.66 14.29 -18.14
C GLY E 120 7.95 13.51 -18.22
N ASN E 121 8.27 12.68 -17.22
CA ASN E 121 9.40 11.76 -17.21
C ASN E 121 8.93 10.50 -16.50
N PHE E 122 8.46 9.52 -17.26
CA PHE E 122 8.04 8.25 -16.69
C PHE E 122 9.25 7.41 -16.28
N ASP E 123 9.74 7.64 -15.06
CA ASP E 123 10.96 7.01 -14.59
C ASP E 123 10.78 5.56 -14.14
N VAL E 124 9.58 5.16 -13.73
CA VAL E 124 9.31 3.79 -13.32
C VAL E 124 8.00 3.33 -13.94
N TRP E 125 8.03 2.18 -14.62
CA TRP E 125 6.86 1.61 -15.26
C TRP E 125 6.52 0.27 -14.62
N GLY E 126 5.23 -0.05 -14.62
CA GLY E 126 4.78 -1.39 -14.25
C GLY E 126 4.90 -2.34 -15.42
N ALA E 127 4.72 -3.63 -15.10
CA ALA E 127 4.79 -4.64 -16.15
C ALA E 127 3.64 -4.52 -17.14
N GLY E 128 2.60 -3.79 -16.79
CA GLY E 128 1.45 -3.66 -17.66
C GLY E 128 0.40 -4.72 -17.38
N THR E 129 -0.81 -4.44 -17.84
CA THR E 129 -1.91 -5.36 -17.67
C THR E 129 -2.73 -5.37 -18.94
N THR E 130 -2.80 -6.52 -19.59
CA THR E 130 -3.47 -6.60 -20.89
C THR E 130 -4.97 -6.48 -20.68
N VAL E 131 -5.55 -5.39 -21.16
CA VAL E 131 -6.99 -5.20 -21.09
C VAL E 131 -7.51 -5.23 -22.51
N THR E 132 -8.29 -6.25 -22.80
CA THR E 132 -8.89 -6.43 -24.11
C THR E 132 -10.36 -6.15 -23.95
N VAL E 133 -10.83 -5.07 -24.55
CA VAL E 133 -12.27 -4.83 -24.57
C VAL E 133 -12.83 -5.88 -25.52
N SER E 134 -13.57 -6.84 -24.97
CA SER E 134 -13.89 -8.03 -25.74
C SER E 134 -15.25 -8.59 -25.37
N SER E 135 -16.14 -8.60 -26.36
CA SER E 135 -17.45 -9.24 -26.30
C SER E 135 -17.22 -10.69 -26.73
N ALA E 136 -16.84 -11.53 -25.79
CA ALA E 136 -16.54 -12.93 -26.08
C ALA E 136 -16.48 -13.73 -24.79
N SER E 137 -16.48 -15.04 -24.95
CA SER E 137 -16.38 -15.98 -23.85
C SER E 137 -15.19 -16.88 -24.12
N THR E 138 -14.45 -17.22 -23.06
CA THR E 138 -13.32 -18.13 -23.14
C THR E 138 -13.62 -19.33 -24.04
N LYS E 139 -13.04 -19.35 -25.23
CA LYS E 139 -13.32 -20.40 -26.21
C LYS E 139 -12.03 -21.06 -26.66
N GLY E 140 -12.13 -22.37 -26.93
CA GLY E 140 -11.00 -23.14 -27.42
C GLY E 140 -10.74 -22.94 -28.89
N PRO E 141 -9.47 -23.01 -29.29
CA PRO E 141 -9.12 -22.85 -30.71
C PRO E 141 -9.43 -24.09 -31.53
N SER E 142 -9.80 -23.84 -32.78
CA SER E 142 -10.00 -24.89 -33.77
C SER E 142 -8.78 -24.88 -34.68
N VAL E 143 -7.94 -25.91 -34.56
CA VAL E 143 -6.66 -25.95 -35.25
C VAL E 143 -6.86 -26.66 -36.58
N PHE E 144 -6.68 -25.91 -37.68
CA PHE E 144 -6.80 -26.42 -39.03
C PHE E 144 -5.44 -26.51 -39.71
N PRO E 145 -5.21 -27.55 -40.51
CA PRO E 145 -3.88 -27.76 -41.12
C PRO E 145 -3.66 -26.90 -42.35
N LEU E 146 -2.52 -26.20 -42.37
CA LEU E 146 -2.06 -25.47 -43.56
C LEU E 146 -1.14 -26.37 -44.37
N ALA E 147 -1.76 -27.37 -45.02
CA ALA E 147 -1.02 -28.48 -45.60
C ALA E 147 -0.06 -27.98 -46.69
N PRO E 148 1.07 -28.65 -46.87
CA PRO E 148 1.98 -28.28 -47.96
C PRO E 148 1.51 -28.85 -49.30
N SER E 149 1.98 -28.22 -50.37
CA SER E 149 1.59 -28.63 -51.71
C SER E 149 2.69 -28.20 -52.68
N SER E 150 2.34 -28.10 -53.97
CA SER E 150 3.20 -27.47 -54.96
C SER E 150 3.14 -25.95 -54.90
N LYS E 151 1.99 -25.39 -54.49
CA LYS E 151 1.83 -23.94 -54.40
C LYS E 151 2.50 -23.38 -53.15
N SER E 152 3.00 -24.22 -52.26
CA SER E 152 3.80 -23.82 -51.12
C SER E 152 5.20 -24.41 -51.19
N THR E 153 5.69 -24.65 -52.40
CA THR E 153 7.02 -25.22 -52.63
C THR E 153 7.84 -24.26 -53.46
N SER E 154 9.03 -23.91 -52.95
CA SER E 154 9.90 -22.96 -53.63
C SER E 154 11.36 -23.37 -53.45
N GLY E 155 12.03 -23.71 -54.54
CA GLY E 155 13.45 -24.03 -54.52
C GLY E 155 13.82 -25.18 -53.60
N GLY E 156 12.98 -26.20 -53.52
CA GLY E 156 13.22 -27.31 -52.61
C GLY E 156 12.73 -27.09 -51.20
N THR E 157 12.19 -25.90 -50.90
CA THR E 157 11.68 -25.58 -49.59
C THR E 157 10.17 -25.47 -49.65
N ALA E 158 9.49 -26.38 -48.95
CA ALA E 158 8.04 -26.37 -48.87
C ALA E 158 7.61 -25.84 -47.51
N ALA E 159 6.54 -25.05 -47.50
CA ALA E 159 6.02 -24.46 -46.28
C ALA E 159 4.71 -25.14 -45.89
N LEU E 160 4.56 -25.39 -44.59
CA LEU E 160 3.30 -25.84 -44.01
C LEU E 160 3.14 -25.17 -42.65
N GLY E 161 1.95 -25.33 -42.07
CA GLY E 161 1.69 -24.68 -40.80
C GLY E 161 0.36 -25.10 -40.21
N CYS E 162 -0.06 -24.37 -39.17
CA CYS E 162 -1.32 -24.60 -38.50
C CYS E 162 -2.07 -23.29 -38.35
N LEU E 163 -3.38 -23.34 -38.59
CA LEU E 163 -4.25 -22.19 -38.41
C LEU E 163 -4.94 -22.34 -37.06
N VAL E 164 -4.54 -21.53 -36.09
CA VAL E 164 -5.14 -21.54 -34.76
C VAL E 164 -6.22 -20.46 -34.77
N LYS E 165 -7.47 -20.90 -34.97
CA LYS E 165 -8.56 -20.00 -35.30
C LYS E 165 -9.62 -20.03 -34.21
N ASP E 166 -10.21 -18.86 -33.95
CA ASP E 166 -11.36 -18.67 -33.07
C ASP E 166 -11.10 -19.22 -31.67
N TYR E 167 -10.21 -18.53 -30.96
CA TYR E 167 -9.96 -18.83 -29.56
C TYR E 167 -9.95 -17.54 -28.75
N PHE E 168 -10.13 -17.71 -27.45
CA PHE E 168 -10.16 -16.61 -26.50
C PHE E 168 -10.11 -17.13 -25.06
N PRO E 169 -9.41 -16.43 -24.17
CA PRO E 169 -8.55 -15.27 -24.42
C PRO E 169 -7.15 -15.69 -24.85
N GLU E 170 -6.31 -14.72 -25.18
CA GLU E 170 -4.89 -15.00 -25.35
C GLU E 170 -4.32 -15.58 -24.06
N PRO E 171 -3.20 -16.30 -24.13
CA PRO E 171 -2.45 -16.69 -25.33
C PRO E 171 -2.59 -18.17 -25.65
N VAL E 172 -2.11 -18.59 -26.83
CA VAL E 172 -1.90 -19.99 -27.15
C VAL E 172 -0.41 -20.19 -27.37
N THR E 173 0.07 -21.39 -27.04
CA THR E 173 1.45 -21.77 -27.25
C THR E 173 1.49 -22.82 -28.34
N VAL E 174 2.22 -22.54 -29.41
CA VAL E 174 2.28 -23.42 -30.57
C VAL E 174 3.72 -23.88 -30.74
N SER E 175 3.97 -25.15 -30.40
CA SER E 175 5.22 -25.82 -30.69
C SER E 175 5.00 -26.86 -31.77
N TRP E 176 6.07 -27.21 -32.47
CA TRP E 176 6.02 -28.20 -33.54
C TRP E 176 6.78 -29.46 -33.12
N ASN E 177 6.18 -30.61 -33.39
CA ASN E 177 6.78 -31.91 -33.12
C ASN E 177 7.26 -32.00 -31.67
N SER E 178 6.36 -31.64 -30.75
CA SER E 178 6.62 -31.64 -29.31
C SER E 178 7.73 -30.68 -28.94
N GLY E 179 8.28 -29.97 -29.93
CA GLY E 179 9.33 -29.00 -29.71
C GLY E 179 10.62 -29.31 -30.43
N ALA E 180 10.74 -30.49 -31.06
CA ALA E 180 11.98 -30.83 -31.76
C ALA E 180 12.22 -29.93 -32.97
N LEU E 181 11.15 -29.48 -33.62
CA LEU E 181 11.26 -28.62 -34.79
C LEU E 181 11.11 -27.16 -34.35
N THR E 182 12.24 -26.48 -34.22
CA THR E 182 12.26 -25.03 -33.99
C THR E 182 12.97 -24.27 -35.10
N SER E 183 13.66 -24.94 -36.01
CA SER E 183 14.44 -24.32 -37.07
C SER E 183 13.49 -23.82 -38.17
N GLY E 184 13.21 -22.53 -38.17
CA GLY E 184 12.41 -21.91 -39.20
C GLY E 184 10.92 -21.87 -38.95
N VAL E 185 10.49 -22.05 -37.70
CA VAL E 185 9.08 -21.95 -37.34
C VAL E 185 8.74 -20.49 -37.06
N HIS E 186 7.71 -19.98 -37.75
CA HIS E 186 7.21 -18.63 -37.50
C HIS E 186 5.78 -18.73 -37.00
N THR E 187 5.58 -18.46 -35.72
CA THR E 187 4.25 -18.37 -35.12
C THR E 187 3.89 -16.89 -35.06
N PHE E 188 2.90 -16.49 -35.83
CA PHE E 188 2.58 -15.09 -35.99
C PHE E 188 1.80 -14.54 -34.81
N PRO E 189 1.94 -13.25 -34.53
CA PRO E 189 1.08 -12.61 -33.53
C PRO E 189 -0.40 -12.83 -33.85
N ALA E 190 -1.19 -13.05 -32.80
CA ALA E 190 -2.62 -13.24 -32.97
C ALA E 190 -3.28 -11.97 -33.49
N VAL E 191 -4.36 -12.15 -34.23
CA VAL E 191 -5.17 -11.06 -34.76
C VAL E 191 -6.57 -11.20 -34.20
N LEU E 192 -7.10 -10.10 -33.66
CA LEU E 192 -8.45 -10.08 -33.11
C LEU E 192 -9.42 -9.85 -34.25
N GLN E 193 -10.14 -10.90 -34.64
CA GLN E 193 -11.02 -10.85 -35.79
C GLN E 193 -12.24 -9.96 -35.51
N SER E 194 -13.10 -9.81 -36.52
CA SER E 194 -14.33 -9.05 -36.34
C SER E 194 -15.30 -9.79 -35.44
N SER E 195 -15.27 -11.13 -35.46
CA SER E 195 -16.09 -11.92 -34.56
C SER E 195 -15.72 -11.72 -33.09
N GLY E 196 -14.54 -11.18 -32.82
CA GLY E 196 -14.10 -10.98 -31.45
C GLY E 196 -13.22 -12.08 -30.90
N LEU E 197 -12.96 -13.13 -31.67
CA LEU E 197 -12.12 -14.23 -31.25
C LEU E 197 -10.74 -14.09 -31.87
N TYR E 198 -9.73 -14.52 -31.12
CA TYR E 198 -8.36 -14.46 -31.61
C TYR E 198 -8.08 -15.58 -32.59
N SER E 199 -7.10 -15.33 -33.46
CA SER E 199 -6.70 -16.29 -34.48
C SER E 199 -5.25 -16.00 -34.85
N LEU E 200 -4.47 -17.06 -35.06
CA LEU E 200 -3.10 -16.91 -35.50
C LEU E 200 -2.70 -18.11 -36.34
N SER E 201 -1.60 -17.95 -37.06
CA SER E 201 -0.98 -19.02 -37.81
C SER E 201 0.43 -19.24 -37.29
N SER E 202 0.81 -20.51 -37.17
CA SER E 202 2.21 -20.89 -37.00
C SER E 202 2.63 -21.64 -38.26
N VAL E 203 3.76 -21.24 -38.84
CA VAL E 203 4.24 -21.83 -40.06
C VAL E 203 5.67 -22.33 -39.86
N VAL E 204 6.06 -23.27 -40.71
CA VAL E 204 7.42 -23.78 -40.72
C VAL E 204 7.79 -24.12 -42.17
N THR E 205 9.01 -23.77 -42.54
CA THR E 205 9.58 -24.10 -43.84
C THR E 205 10.51 -25.29 -43.70
N VAL E 206 10.36 -26.26 -44.59
CA VAL E 206 11.06 -27.55 -44.48
C VAL E 206 11.47 -28.02 -45.87
N PRO E 207 12.48 -28.88 -45.95
CA PRO E 207 12.84 -29.47 -47.25
C PRO E 207 11.66 -30.20 -47.88
N SER E 208 11.50 -30.02 -49.19
CA SER E 208 10.41 -30.68 -49.90
C SER E 208 10.54 -32.19 -49.89
N SER E 209 11.77 -32.71 -49.86
CA SER E 209 11.96 -34.16 -49.77
C SER E 209 11.40 -34.71 -48.48
N SER E 210 11.35 -33.88 -47.43
CA SER E 210 10.88 -34.33 -46.13
C SER E 210 9.36 -34.55 -46.11
N LEU E 211 8.61 -33.85 -46.97
CA LEU E 211 7.15 -33.85 -46.91
C LEU E 211 6.57 -35.26 -46.79
N GLY E 212 7.18 -36.24 -47.43
CA GLY E 212 6.74 -37.62 -47.30
C GLY E 212 7.60 -38.43 -46.35
N THR E 213 8.74 -37.87 -45.93
CA THR E 213 9.69 -38.58 -45.07
C THR E 213 9.85 -37.95 -43.69
N GLN E 214 9.25 -36.80 -43.44
CA GLN E 214 9.22 -36.20 -42.11
C GLN E 214 7.79 -35.81 -41.77
N THR E 215 7.35 -36.15 -40.57
CA THR E 215 6.04 -35.73 -40.10
C THR E 215 6.14 -34.42 -39.34
N TYR E 216 5.19 -33.53 -39.58
CA TYR E 216 5.11 -32.25 -38.90
C TYR E 216 3.78 -32.16 -38.16
N ILE E 217 3.87 -32.11 -36.83
CA ILE E 217 2.71 -32.01 -35.96
C ILE E 217 2.87 -30.77 -35.11
N CYS E 218 1.89 -29.87 -35.17
CA CYS E 218 1.89 -28.68 -34.33
C CYS E 218 1.17 -29.00 -33.03
N ASN E 219 1.78 -28.61 -31.92
CA ASN E 219 1.19 -28.81 -30.59
C ASN E 219 0.68 -27.46 -30.11
N VAL E 220 -0.65 -27.33 -30.04
CA VAL E 220 -1.31 -26.10 -29.64
C VAL E 220 -1.84 -26.29 -28.23
N ASN E 221 -1.51 -25.36 -27.33
CA ASN E 221 -2.01 -25.36 -25.96
C ASN E 221 -2.75 -24.06 -25.71
N HIS E 222 -4.01 -24.18 -25.30
CA HIS E 222 -4.82 -23.03 -24.88
C HIS E 222 -5.18 -23.26 -23.42
N LYS E 223 -4.34 -22.74 -22.53
CA LYS E 223 -4.53 -22.97 -21.10
C LYS E 223 -5.85 -22.40 -20.57
N PRO E 224 -6.32 -21.22 -20.99
CA PRO E 224 -7.58 -20.71 -20.42
C PRO E 224 -8.78 -21.61 -20.65
N SER E 225 -8.78 -22.43 -21.71
CA SER E 225 -9.90 -23.31 -22.00
C SER E 225 -9.56 -24.78 -21.79
N ASN E 226 -8.36 -25.08 -21.27
CA ASN E 226 -7.92 -26.45 -21.01
C ASN E 226 -7.97 -27.31 -22.27
N THR E 227 -7.55 -26.72 -23.40
CA THR E 227 -7.53 -27.39 -24.68
C THR E 227 -6.09 -27.61 -25.14
N LYS E 228 -5.77 -28.86 -25.47
CA LYS E 228 -4.49 -29.21 -26.09
C LYS E 228 -4.78 -30.02 -27.35
N VAL E 229 -4.36 -29.50 -28.50
CA VAL E 229 -4.64 -30.09 -29.79
C VAL E 229 -3.34 -30.33 -30.53
N ASP E 230 -3.04 -31.59 -30.84
CA ASP E 230 -1.93 -31.96 -31.71
C ASP E 230 -2.49 -32.26 -33.09
N LYS E 231 -2.08 -31.48 -34.08
CA LYS E 231 -2.58 -31.61 -35.43
C LYS E 231 -1.47 -32.07 -36.36
N LYS E 232 -1.75 -33.13 -37.13
CA LYS E 232 -0.80 -33.63 -38.12
C LYS E 232 -0.99 -32.85 -39.42
N VAL E 233 -0.03 -31.98 -39.74
CA VAL E 233 -0.06 -31.19 -40.97
C VAL E 233 0.71 -31.97 -42.03
N GLU E 234 -0.02 -32.50 -43.01
CA GLU E 234 0.54 -33.29 -44.09
C GLU E 234 -0.21 -33.00 -45.38
N PRO E 235 0.45 -33.18 -46.54
CA PRO E 235 -0.08 -33.05 -47.90
C PRO E 235 -1.50 -33.56 -48.05
N ASP F 20 -2.93 19.26 -29.69
CA ASP F 20 -2.05 18.23 -29.16
C ASP F 20 -0.65 18.33 -29.78
N VAL F 21 0.37 18.31 -28.93
CA VAL F 21 1.76 18.44 -29.35
C VAL F 21 2.16 17.19 -30.13
N VAL F 22 2.30 17.33 -31.44
CA VAL F 22 2.64 16.21 -32.33
C VAL F 22 4.13 15.90 -32.18
N MET F 23 4.44 14.71 -31.64
CA MET F 23 5.81 14.21 -31.54
C MET F 23 6.12 13.32 -32.74
N THR F 24 7.10 13.73 -33.54
CA THR F 24 7.53 13.00 -34.72
C THR F 24 8.85 12.27 -34.45
N GLN F 25 8.89 10.98 -34.77
CA GLN F 25 10.10 10.16 -34.60
C GLN F 25 10.58 9.73 -35.98
N THR F 26 11.83 10.07 -36.31
CA THR F 26 12.42 9.64 -37.55
C THR F 26 13.70 8.86 -37.26
N PRO F 27 13.86 7.66 -37.81
CA PRO F 27 12.89 6.88 -38.61
C PRO F 27 12.01 5.99 -37.72
N LEU F 28 11.02 5.28 -38.27
CA LEU F 28 10.32 4.28 -37.45
C LEU F 28 11.17 3.03 -37.29
N SER F 29 11.85 2.61 -38.36
CA SER F 29 12.75 1.48 -38.31
C SER F 29 14.16 1.94 -38.63
N LEU F 30 15.13 1.37 -37.92
CA LEU F 30 16.52 1.84 -37.99
C LEU F 30 17.43 0.62 -37.90
N PRO F 31 17.93 0.14 -39.05
CA PRO F 31 18.88 -0.97 -39.04
C PRO F 31 20.15 -0.65 -38.26
N VAL F 32 20.60 -1.61 -37.47
CA VAL F 32 21.72 -1.42 -36.55
C VAL F 32 22.67 -2.60 -36.64
N SER F 33 23.97 -2.32 -36.53
CA SER F 33 24.98 -3.32 -36.29
C SER F 33 25.56 -3.13 -34.89
N PHE F 34 25.96 -4.21 -34.26
CA PHE F 34 26.54 -4.10 -32.92
C PHE F 34 27.88 -3.39 -32.97
N GLY F 35 28.08 -2.45 -32.05
CA GLY F 35 29.16 -1.49 -32.12
C GLY F 35 28.80 -0.20 -32.83
N ASP F 36 27.70 -0.17 -33.57
CA ASP F 36 27.30 1.01 -34.31
C ASP F 36 26.84 2.14 -33.39
N GLN F 37 26.96 3.36 -33.89
CA GLN F 37 26.32 4.54 -33.33
C GLN F 37 25.07 4.87 -34.12
N VAL F 38 23.94 4.95 -33.44
CA VAL F 38 22.67 5.25 -34.10
C VAL F 38 22.06 6.51 -33.50
N SER F 39 21.39 7.29 -34.34
CA SER F 39 20.69 8.48 -33.93
C SER F 39 19.20 8.34 -34.21
N ILE F 40 18.40 8.76 -33.25
CA ILE F 40 16.94 8.75 -33.35
C ILE F 40 16.47 10.18 -33.11
N SER F 41 15.79 10.75 -34.10
CA SER F 41 15.33 12.12 -34.01
C SER F 41 13.88 12.15 -33.56
N CYS F 42 13.57 13.10 -32.69
CA CYS F 42 12.22 13.35 -32.23
C CYS F 42 11.94 14.84 -32.38
N ARG F 43 10.98 15.15 -33.24
CA ARG F 43 10.66 16.53 -33.58
C ARG F 43 9.25 16.84 -33.09
N SER F 44 9.10 17.96 -32.40
CA SER F 44 7.85 18.32 -31.75
C SER F 44 7.14 19.40 -32.56
N SER F 45 5.81 19.32 -32.59
CA SER F 45 5.02 20.27 -33.36
C SER F 45 5.30 21.70 -32.95
N GLN F 46 5.47 21.94 -31.65
CA GLN F 46 5.80 23.25 -31.13
C GLN F 46 6.98 23.13 -30.16
N SER F 47 7.37 24.25 -29.57
CA SER F 47 8.57 24.31 -28.75
C SER F 47 8.29 23.71 -27.38
N LEU F 48 9.05 22.66 -27.04
CA LEU F 48 8.90 21.97 -25.78
C LEU F 48 9.61 22.67 -24.64
N ALA F 49 10.07 23.89 -24.85
CA ALA F 49 10.58 24.73 -23.78
C ALA F 49 9.40 25.48 -23.17
N ASN F 50 9.09 25.19 -21.92
CA ASN F 50 8.03 25.92 -21.22
C ASN F 50 8.48 27.36 -20.99
N SER F 51 7.76 28.06 -20.13
CA SER F 51 8.06 29.46 -19.85
C SER F 51 9.08 29.60 -18.72
N TYR F 52 9.68 28.50 -18.28
CA TYR F 52 10.76 28.51 -17.30
C TYR F 52 12.02 27.85 -17.85
N GLY F 53 12.13 27.70 -19.18
CA GLY F 53 13.25 27.05 -19.79
C GLY F 53 13.36 25.56 -19.51
N ASN F 54 12.45 24.99 -18.74
CA ASN F 54 12.45 23.56 -18.46
C ASN F 54 11.74 22.81 -19.57
N THR F 55 12.36 21.76 -20.08
CA THR F 55 11.82 20.96 -21.17
C THR F 55 11.60 19.53 -20.68
N TYR F 56 10.35 19.07 -20.70
CA TYR F 56 10.00 17.76 -20.16
C TYR F 56 10.01 16.71 -21.26
N LEU F 57 11.16 16.59 -21.93
CA LEU F 57 11.35 15.63 -23.01
C LEU F 57 12.09 14.41 -22.48
N SER F 58 11.58 13.23 -22.80
CA SER F 58 12.14 11.99 -22.29
C SER F 58 12.16 10.94 -23.39
N TRP F 59 13.13 10.03 -23.29
CA TRP F 59 13.31 8.92 -24.22
C TRP F 59 13.09 7.60 -23.52
N TYR F 60 12.34 6.71 -24.16
CA TYR F 60 12.02 5.41 -23.56
C TYR F 60 12.38 4.28 -24.51
N LEU F 61 12.81 3.16 -23.91
CA LEU F 61 13.08 1.92 -24.63
C LEU F 61 12.06 0.89 -24.18
N HIS F 62 11.47 0.19 -25.15
CA HIS F 62 10.42 -0.79 -24.85
C HIS F 62 10.81 -2.14 -25.47
N LYS F 63 11.32 -3.03 -24.64
CA LYS F 63 11.68 -4.36 -25.13
C LYS F 63 10.47 -5.28 -25.09
N PRO F 64 10.34 -6.18 -26.06
CA PRO F 64 9.19 -7.09 -26.09
C PRO F 64 9.04 -7.86 -24.79
N GLY F 65 7.81 -7.89 -24.27
CA GLY F 65 7.51 -8.61 -23.05
C GLY F 65 7.97 -7.95 -21.77
N GLN F 66 8.50 -6.72 -21.85
CA GLN F 66 8.94 -5.97 -20.69
C GLN F 66 8.21 -4.63 -20.69
N SER F 67 8.58 -3.79 -19.74
CA SER F 67 8.03 -2.45 -19.63
C SER F 67 8.94 -1.44 -20.31
N PRO F 68 8.36 -0.35 -20.82
CA PRO F 68 9.17 0.80 -21.23
C PRO F 68 10.13 1.20 -20.12
N GLN F 69 11.38 1.45 -20.50
CA GLN F 69 12.41 1.89 -19.58
C GLN F 69 12.78 3.33 -19.92
N LEU F 70 12.82 4.19 -18.91
CA LEU F 70 13.28 5.55 -19.15
C LEU F 70 14.78 5.54 -19.40
N LEU F 71 15.18 6.12 -20.52
CA LEU F 71 16.60 6.26 -20.85
C LEU F 71 17.07 7.67 -20.54
N ILE F 72 16.59 8.64 -21.31
CA ILE F 72 16.97 10.04 -21.14
C ILE F 72 15.74 10.81 -20.71
N TYR F 73 15.91 11.75 -19.80
CA TYR F 73 14.86 12.68 -19.40
C TYR F 73 15.39 14.09 -19.50
N GLY F 74 14.49 15.04 -19.73
CA GLY F 74 14.92 16.43 -19.80
C GLY F 74 15.89 16.71 -20.93
N ILE F 75 15.68 16.09 -22.09
CA ILE F 75 16.45 16.29 -23.33
C ILE F 75 17.74 15.47 -23.28
N SER F 76 18.55 15.68 -22.23
CA SER F 76 19.92 15.21 -22.24
C SER F 76 20.36 14.51 -20.96
N LYS F 77 19.54 14.48 -19.92
CA LYS F 77 19.93 13.92 -18.63
C LYS F 77 19.69 12.41 -18.65
N ARG F 78 20.74 11.65 -18.36
CA ARG F 78 20.65 10.20 -18.35
C ARG F 78 19.94 9.71 -17.09
N PHE F 79 18.88 8.93 -17.27
CA PHE F 79 18.36 8.11 -16.18
C PHE F 79 19.47 7.26 -15.60
N SER F 80 19.55 7.19 -14.28
CA SER F 80 20.59 6.40 -13.64
C SER F 80 20.29 4.91 -13.80
N GLY F 81 21.35 4.10 -13.83
CA GLY F 81 21.26 2.74 -14.30
C GLY F 81 21.27 2.58 -15.80
N VAL F 82 21.10 3.65 -16.56
CA VAL F 82 21.15 3.62 -18.02
C VAL F 82 22.58 3.90 -18.43
N PRO F 83 23.18 3.06 -19.29
CA PRO F 83 24.59 3.22 -19.62
C PRO F 83 24.91 4.60 -20.20
N ASP F 84 26.18 4.98 -20.06
CA ASP F 84 26.66 6.24 -20.60
C ASP F 84 26.69 6.27 -22.12
N ARG F 85 26.45 5.14 -22.79
CA ARG F 85 26.42 5.15 -24.24
C ARG F 85 25.17 5.84 -24.79
N PHE F 86 24.12 5.93 -23.98
CA PHE F 86 22.92 6.67 -24.36
C PHE F 86 23.09 8.14 -24.02
N SER F 87 22.78 9.01 -24.98
CA SER F 87 22.87 10.44 -24.79
C SER F 87 21.71 11.11 -25.51
N GLY F 88 21.15 12.12 -24.89
CA GLY F 88 20.15 12.94 -25.55
C GLY F 88 20.71 14.33 -25.78
N SER F 89 20.06 15.09 -26.66
CA SER F 89 20.54 16.42 -26.99
C SER F 89 19.44 17.16 -27.72
N GLY F 90 19.43 18.48 -27.58
CA GLY F 90 18.61 19.31 -28.42
C GLY F 90 18.02 20.46 -27.64
N SER F 91 17.10 21.16 -28.30
CA SER F 91 16.43 22.32 -27.74
C SER F 91 15.23 22.65 -28.63
N GLY F 92 14.16 23.12 -28.02
CA GLY F 92 13.04 23.66 -28.77
C GLY F 92 12.16 22.60 -29.39
N THR F 93 12.29 22.40 -30.70
CA THR F 93 11.43 21.49 -31.46
C THR F 93 12.12 20.19 -31.84
N ASP F 94 13.41 20.22 -32.09
CA ASP F 94 14.15 19.08 -32.63
C ASP F 94 14.96 18.43 -31.51
N PHE F 95 14.71 17.16 -31.26
CA PHE F 95 15.41 16.40 -30.23
C PHE F 95 16.00 15.14 -30.83
N THR F 96 17.05 14.64 -30.19
CA THR F 96 17.83 13.53 -30.71
C THR F 96 18.21 12.58 -29.58
N LEU F 97 18.08 11.28 -29.84
CA LEU F 97 18.62 10.24 -28.99
C LEU F 97 19.81 9.60 -29.70
N LYS F 98 20.89 9.38 -28.95
CA LYS F 98 22.15 8.94 -29.53
C LYS F 98 22.68 7.76 -28.73
N ILE F 99 22.91 6.65 -29.43
CA ILE F 99 23.49 5.44 -28.84
C ILE F 99 24.87 5.27 -29.44
N SER F 100 25.91 5.57 -28.66
CA SER F 100 27.27 5.58 -29.19
C SER F 100 27.74 4.19 -29.61
N THR F 101 27.29 3.15 -28.93
CA THR F 101 27.73 1.79 -29.21
C THR F 101 26.54 0.85 -29.02
N ILE F 102 25.97 0.36 -30.13
CA ILE F 102 24.86 -0.57 -30.04
C ILE F 102 25.30 -1.85 -29.37
N LYS F 103 24.50 -2.32 -28.41
CA LYS F 103 24.65 -3.60 -27.74
C LYS F 103 23.39 -4.42 -27.90
N PRO F 104 23.47 -5.75 -27.70
CA PRO F 104 22.26 -6.58 -27.88
C PRO F 104 21.08 -6.13 -27.03
N GLU F 105 21.33 -5.72 -25.78
CA GLU F 105 20.27 -5.27 -24.88
C GLU F 105 19.69 -3.91 -25.26
N ASP F 106 20.13 -3.31 -26.36
CA ASP F 106 19.58 -2.03 -26.77
C ASP F 106 18.54 -2.14 -27.89
N LEU F 107 18.39 -3.32 -28.48
CA LEU F 107 17.32 -3.52 -29.45
C LEU F 107 15.96 -3.32 -28.80
N GLY F 108 15.02 -2.81 -29.58
CA GLY F 108 13.65 -2.68 -29.13
C GLY F 108 12.97 -1.50 -29.79
N MET F 109 11.89 -1.05 -29.17
CA MET F 109 11.16 0.13 -29.59
C MET F 109 11.61 1.32 -28.75
N TYR F 110 12.04 2.39 -29.42
CA TYR F 110 12.42 3.62 -28.76
C TYR F 110 11.34 4.67 -28.93
N TYR F 111 10.93 5.28 -27.83
CA TYR F 111 9.88 6.29 -27.82
C TYR F 111 10.40 7.56 -27.18
N CYS F 112 10.02 8.69 -27.76
CA CYS F 112 10.21 9.99 -27.15
C CYS F 112 8.89 10.47 -26.56
N LEU F 113 8.99 11.36 -25.58
CA LEU F 113 7.82 11.83 -24.87
C LEU F 113 8.00 13.29 -24.47
N GLN F 114 7.07 14.14 -24.88
CA GLN F 114 7.03 15.50 -24.38
C GLN F 114 6.10 15.55 -23.16
N GLY F 115 6.42 16.46 -22.25
CA GLY F 115 5.62 16.63 -21.05
C GLY F 115 5.39 18.10 -20.77
N THR F 116 5.85 18.95 -21.69
CA THR F 116 5.75 20.39 -21.51
C THR F 116 4.34 20.92 -21.74
N HIS F 117 3.51 20.22 -22.51
CA HIS F 117 2.16 20.66 -22.78
C HIS F 117 1.18 19.53 -22.56
N GLN F 118 0.06 19.85 -22.09
CA GLN F 118 -0.87 18.73 -22.02
C GLN F 118 -1.74 18.69 -23.27
N PRO F 119 -2.12 17.50 -23.74
CA PRO F 119 -1.79 16.17 -23.21
C PRO F 119 -0.35 15.77 -23.52
N TRP F 120 0.31 15.05 -22.61
CA TRP F 120 1.60 14.48 -22.95
C TRP F 120 1.44 13.52 -24.11
N THR F 121 2.39 13.55 -25.04
CA THR F 121 2.29 12.80 -26.28
C THR F 121 3.59 12.08 -26.55
N PHE F 122 3.49 10.79 -26.85
CA PHE F 122 4.64 10.01 -27.25
C PHE F 122 4.88 10.14 -28.76
N GLY F 123 6.04 9.70 -29.19
CA GLY F 123 6.34 9.60 -30.60
C GLY F 123 5.89 8.27 -31.17
N GLY F 124 5.95 8.17 -32.50
CA GLY F 124 5.49 6.98 -33.17
C GLY F 124 6.26 5.73 -32.79
N GLY F 125 7.47 5.89 -32.25
CA GLY F 125 8.29 4.77 -31.90
C GLY F 125 9.35 4.52 -32.93
N THR F 126 10.53 4.08 -32.48
CA THR F 126 11.61 3.72 -33.38
C THR F 126 12.02 2.29 -33.05
N LYS F 127 11.72 1.37 -33.95
CA LYS F 127 12.15 -0.01 -33.79
C LYS F 127 13.60 -0.11 -34.25
N LEU F 128 14.52 -0.35 -33.32
CA LEU F 128 15.87 -0.68 -33.72
C LEU F 128 15.85 -2.14 -34.17
N GLU F 129 15.99 -2.34 -35.47
CA GLU F 129 16.05 -3.66 -36.08
C GLU F 129 17.44 -3.86 -36.63
N ILE F 130 17.77 -5.11 -36.92
CA ILE F 130 19.08 -5.47 -37.43
C ILE F 130 19.08 -5.41 -38.95
N LYS F 131 20.09 -4.75 -39.51
CA LYS F 131 20.28 -4.79 -40.95
C LYS F 131 20.79 -6.16 -41.36
N ARG F 132 20.45 -6.56 -42.58
CA ARG F 132 20.93 -7.82 -43.12
C ARG F 132 21.31 -7.58 -44.56
N THR F 133 20.39 -7.83 -45.49
CA THR F 133 20.50 -7.54 -46.92
C THR F 133 19.06 -7.54 -47.40
N VAL F 134 18.69 -6.60 -48.28
CA VAL F 134 17.31 -6.51 -48.72
C VAL F 134 16.91 -7.80 -49.43
N ALA F 135 16.38 -8.75 -48.68
CA ALA F 135 16.00 -10.03 -49.24
C ALA F 135 14.56 -9.99 -49.78
N ALA F 136 14.13 -11.09 -50.37
CA ALA F 136 12.84 -11.18 -51.02
C ALA F 136 11.94 -12.20 -50.33
N PRO F 137 10.65 -11.90 -50.21
CA PRO F 137 9.74 -12.80 -49.48
C PRO F 137 9.45 -14.07 -50.27
N SER F 138 9.86 -15.20 -49.71
CA SER F 138 9.43 -16.51 -50.18
C SER F 138 7.94 -16.66 -49.90
N VAL F 139 7.13 -16.65 -50.97
CA VAL F 139 5.68 -16.64 -50.83
C VAL F 139 5.12 -18.05 -50.89
N PHE F 140 4.06 -18.29 -50.13
CA PHE F 140 3.37 -19.57 -50.07
C PHE F 140 1.90 -19.29 -49.81
N ILE F 141 1.02 -19.95 -50.57
CA ILE F 141 -0.42 -19.80 -50.39
C ILE F 141 -0.99 -21.13 -49.95
N PHE F 142 -1.92 -21.08 -48.99
CA PHE F 142 -2.51 -22.27 -48.40
C PHE F 142 -4.02 -22.25 -48.55
N PRO F 143 -4.62 -23.23 -49.23
CA PRO F 143 -6.08 -23.34 -49.26
C PRO F 143 -6.65 -23.59 -47.87
N PRO F 144 -7.95 -23.35 -47.66
CA PRO F 144 -8.56 -23.79 -46.40
C PRO F 144 -8.63 -25.31 -46.37
N SER F 145 -8.41 -25.87 -45.19
CA SER F 145 -8.47 -27.31 -45.04
C SER F 145 -9.90 -27.80 -45.19
N ASP F 146 -10.05 -29.08 -45.55
CA ASP F 146 -11.36 -29.71 -45.56
C ASP F 146 -12.03 -29.59 -44.19
N GLU F 147 -11.25 -29.72 -43.12
CA GLU F 147 -11.79 -29.62 -41.78
C GLU F 147 -12.42 -28.25 -41.53
N GLN F 148 -11.77 -27.18 -41.97
CA GLN F 148 -12.32 -25.85 -41.76
C GLN F 148 -13.54 -25.61 -42.65
N LEU F 149 -13.54 -26.16 -43.87
CA LEU F 149 -14.70 -26.03 -44.73
C LEU F 149 -15.93 -26.67 -44.12
N LYS F 150 -15.73 -27.72 -43.32
CA LYS F 150 -16.83 -28.35 -42.60
C LYS F 150 -17.50 -27.42 -41.60
N SER F 151 -16.79 -26.38 -41.16
CA SER F 151 -17.30 -25.44 -40.16
C SER F 151 -17.94 -24.21 -40.78
N GLY F 152 -18.15 -24.20 -42.09
CA GLY F 152 -18.82 -23.08 -42.73
C GLY F 152 -17.94 -21.89 -43.06
N THR F 153 -16.71 -21.86 -42.57
CA THR F 153 -15.79 -20.77 -42.83
C THR F 153 -14.60 -21.29 -43.63
N ALA F 154 -14.04 -20.44 -44.49
CA ALA F 154 -12.88 -20.79 -45.30
C ALA F 154 -11.83 -19.68 -45.12
N SER F 155 -10.66 -20.06 -44.64
CA SER F 155 -9.56 -19.13 -44.44
C SER F 155 -8.43 -19.46 -45.40
N VAL F 156 -8.14 -18.54 -46.32
CA VAL F 156 -7.02 -18.64 -47.22
C VAL F 156 -5.85 -17.88 -46.60
N VAL F 157 -4.76 -18.58 -46.31
CA VAL F 157 -3.61 -18.01 -45.63
C VAL F 157 -2.47 -17.91 -46.62
N CYS F 158 -1.93 -16.71 -46.80
CA CYS F 158 -0.75 -16.48 -47.63
C CYS F 158 0.42 -16.11 -46.74
N LEU F 159 1.53 -16.83 -46.88
CA LEU F 159 2.72 -16.61 -46.08
C LEU F 159 3.77 -15.86 -46.89
N LEU F 160 4.24 -14.75 -46.34
CA LEU F 160 5.44 -14.07 -46.82
C LEU F 160 6.56 -14.44 -45.86
N ASN F 161 7.48 -15.28 -46.30
CA ASN F 161 8.47 -15.88 -45.41
C ASN F 161 9.84 -15.28 -45.65
N ASN F 162 10.47 -14.82 -44.57
CA ASN F 162 11.85 -14.33 -44.59
C ASN F 162 12.06 -13.26 -45.66
N PHE F 163 11.67 -12.03 -45.34
CA PHE F 163 11.92 -10.90 -46.21
C PHE F 163 12.43 -9.74 -45.37
N TYR F 164 13.07 -8.79 -46.05
CA TYR F 164 13.54 -7.58 -45.40
C TYR F 164 13.62 -6.48 -46.44
N PRO F 165 13.18 -5.26 -46.13
CA PRO F 165 12.69 -4.79 -44.82
C PRO F 165 11.31 -5.32 -44.44
N ARG F 166 10.73 -4.77 -43.37
CA ARG F 166 9.43 -5.23 -42.88
C ARG F 166 8.34 -4.95 -43.89
N GLU F 167 8.50 -3.88 -44.66
CA GLU F 167 7.45 -3.33 -45.51
C GLU F 167 7.17 -4.25 -46.69
N ALA F 168 6.01 -4.91 -46.65
CA ALA F 168 5.53 -5.69 -47.78
C ALA F 168 4.06 -5.43 -47.96
N LYS F 169 3.58 -5.62 -49.20
CA LYS F 169 2.19 -5.39 -49.55
C LYS F 169 1.58 -6.70 -50.00
N VAL F 170 0.43 -7.04 -49.45
CA VAL F 170 -0.30 -8.25 -49.81
C VAL F 170 -1.71 -7.86 -50.25
N GLN F 171 -2.09 -8.30 -51.43
CA GLN F 171 -3.43 -8.08 -51.95
C GLN F 171 -4.06 -9.43 -52.25
N TRP F 172 -5.34 -9.56 -51.93
CA TRP F 172 -6.07 -10.78 -52.21
C TRP F 172 -6.90 -10.57 -53.47
N LYS F 173 -6.84 -11.54 -54.37
CA LYS F 173 -7.61 -11.51 -55.62
C LYS F 173 -8.32 -12.84 -55.74
N VAL F 174 -9.63 -12.81 -55.56
CA VAL F 174 -10.47 -14.00 -55.61
C VAL F 174 -11.14 -14.02 -56.98
N ASP F 175 -10.69 -14.94 -57.83
CA ASP F 175 -10.99 -14.92 -59.26
C ASP F 175 -10.58 -13.57 -59.85
N ASN F 176 -9.35 -13.17 -59.57
CA ASN F 176 -8.77 -11.91 -60.03
C ASN F 176 -9.56 -10.69 -59.56
N ALA F 177 -10.39 -10.86 -58.54
CA ALA F 177 -11.21 -9.79 -58.00
C ALA F 177 -10.57 -9.32 -56.69
N LEU F 178 -9.97 -8.13 -56.74
CA LEU F 178 -9.23 -7.60 -55.60
C LEU F 178 -10.09 -7.52 -54.35
N GLN F 179 -9.68 -8.22 -53.30
CA GLN F 179 -10.43 -8.27 -52.05
C GLN F 179 -10.10 -7.06 -51.18
N SER F 180 -11.05 -6.71 -50.30
CA SER F 180 -10.89 -5.52 -49.47
C SER F 180 -11.60 -5.75 -48.14
N GLY F 181 -10.91 -5.40 -47.05
CA GLY F 181 -11.48 -5.42 -45.72
C GLY F 181 -11.90 -6.79 -45.21
N ASN F 182 -11.61 -7.84 -45.99
CA ASN F 182 -11.97 -9.20 -45.64
C ASN F 182 -10.75 -10.03 -45.27
N SER F 183 -9.60 -9.39 -45.11
CA SER F 183 -8.34 -10.05 -44.80
C SER F 183 -7.68 -9.32 -43.63
N GLN F 184 -6.68 -9.98 -43.05
CA GLN F 184 -5.91 -9.43 -41.93
C GLN F 184 -4.50 -9.98 -42.02
N GLU F 185 -3.55 -9.16 -41.58
CA GLU F 185 -2.15 -9.52 -41.62
C GLU F 185 -1.56 -9.55 -40.22
N SER F 186 -0.55 -10.39 -40.05
CA SER F 186 0.19 -10.51 -38.82
C SER F 186 1.67 -10.68 -39.16
N VAL F 187 2.51 -9.82 -38.59
CA VAL F 187 3.93 -9.79 -38.87
C VAL F 187 4.69 -10.16 -37.59
N THR F 188 5.56 -11.15 -37.69
CA THR F 188 6.46 -11.49 -36.59
C THR F 188 7.49 -10.39 -36.39
N GLU F 189 8.00 -10.29 -35.15
CA GLU F 189 9.14 -9.43 -34.90
C GLU F 189 10.30 -9.88 -35.80
N GLN F 190 11.33 -9.04 -35.85
CA GLN F 190 12.48 -9.38 -36.67
C GLN F 190 13.10 -10.66 -36.13
N ASP F 191 13.36 -11.61 -37.02
CA ASP F 191 13.89 -12.89 -36.58
C ASP F 191 15.28 -12.69 -36.00
N SER F 192 15.54 -13.33 -34.85
CA SER F 192 16.83 -13.17 -34.20
C SER F 192 17.95 -13.86 -34.96
N LYS F 193 17.63 -14.82 -35.83
CA LYS F 193 18.64 -15.59 -36.54
C LYS F 193 18.98 -15.07 -37.93
N ASP F 194 18.03 -14.47 -38.66
CA ASP F 194 18.36 -13.95 -39.98
C ASP F 194 17.83 -12.55 -40.24
N SER F 195 17.42 -11.82 -39.20
CA SER F 195 17.02 -10.41 -39.31
C SER F 195 15.89 -10.19 -40.31
N THR F 196 15.13 -11.24 -40.64
CA THR F 196 14.02 -11.11 -41.57
C THR F 196 12.70 -10.99 -40.84
N TYR F 197 11.69 -10.57 -41.57
CA TYR F 197 10.31 -10.55 -41.10
C TYR F 197 9.50 -11.55 -41.88
N SER F 198 8.52 -12.15 -41.22
CA SER F 198 7.55 -13.01 -41.87
C SER F 198 6.16 -12.42 -41.71
N LEU F 199 5.34 -12.61 -42.73
CA LEU F 199 4.03 -11.99 -42.79
C LEU F 199 3.01 -13.08 -43.14
N SER F 200 1.88 -13.05 -42.45
CA SER F 200 0.77 -13.95 -42.75
C SER F 200 -0.47 -13.09 -42.97
N SER F 201 -1.05 -13.19 -44.17
CA SER F 201 -2.30 -12.54 -44.51
C SER F 201 -3.34 -13.65 -44.61
N THR F 202 -4.36 -13.59 -43.76
CA THR F 202 -5.41 -14.60 -43.73
C THR F 202 -6.67 -13.97 -44.32
N LEU F 203 -7.10 -14.47 -45.47
CA LEU F 203 -8.35 -14.08 -46.09
C LEU F 203 -9.45 -15.00 -45.60
N THR F 204 -10.49 -14.43 -44.99
CA THR F 204 -11.56 -15.19 -44.38
C THR F 204 -12.85 -14.98 -45.16
N LEU F 205 -13.43 -16.07 -45.65
CA LEU F 205 -14.69 -16.04 -46.38
C LEU F 205 -15.64 -17.08 -45.78
N SER F 206 -16.91 -16.95 -46.13
CA SER F 206 -17.87 -18.00 -45.83
C SER F 206 -17.68 -19.16 -46.79
N LYS F 207 -18.06 -20.35 -46.34
CA LYS F 207 -18.03 -21.52 -47.22
C LYS F 207 -18.85 -21.28 -48.47
N ALA F 208 -19.97 -20.55 -48.33
CA ALA F 208 -20.76 -20.16 -49.49
C ALA F 208 -19.93 -19.36 -50.48
N ASP F 209 -19.36 -18.25 -50.01
CA ASP F 209 -18.55 -17.41 -50.89
C ASP F 209 -17.30 -18.14 -51.37
N TYR F 210 -16.74 -19.02 -50.55
CA TYR F 210 -15.56 -19.77 -50.99
C TYR F 210 -15.90 -20.74 -52.10
N GLU F 211 -17.07 -21.38 -52.05
CA GLU F 211 -17.47 -22.34 -53.07
C GLU F 211 -17.96 -21.68 -54.34
N LYS F 212 -18.20 -20.36 -54.31
CA LYS F 212 -18.65 -19.61 -55.48
C LYS F 212 -17.51 -19.15 -56.36
N HIS F 213 -16.26 -19.22 -55.89
CA HIS F 213 -15.11 -18.74 -56.62
C HIS F 213 -14.13 -19.88 -56.90
N LYS F 214 -13.31 -19.69 -57.92
CA LYS F 214 -12.35 -20.70 -58.34
C LYS F 214 -10.89 -20.31 -58.08
N VAL F 215 -10.49 -19.10 -58.45
CA VAL F 215 -9.10 -18.69 -58.39
C VAL F 215 -8.91 -17.80 -57.15
N TYR F 216 -8.06 -18.26 -56.23
CA TYR F 216 -7.71 -17.50 -55.03
C TYR F 216 -6.23 -17.20 -55.10
N ALA F 217 -5.89 -15.92 -55.08
CA ALA F 217 -4.52 -15.46 -55.30
C ALA F 217 -4.17 -14.39 -54.28
N CYS F 218 -2.96 -14.49 -53.74
CA CYS F 218 -2.39 -13.45 -52.91
C CYS F 218 -1.24 -12.84 -53.71
N GLU F 219 -1.33 -11.55 -53.98
CA GLU F 219 -0.27 -10.84 -54.71
C GLU F 219 0.59 -10.07 -53.72
N VAL F 220 1.90 -10.20 -53.87
CA VAL F 220 2.86 -9.64 -52.93
C VAL F 220 3.71 -8.64 -53.68
N THR F 221 3.69 -7.39 -53.25
CA THR F 221 4.65 -6.41 -53.70
C THR F 221 5.66 -6.18 -52.59
N HIS F 222 6.93 -6.15 -52.96
CA HIS F 222 7.98 -6.00 -51.96
C HIS F 222 9.21 -5.44 -52.65
N GLN F 223 10.03 -4.76 -51.86
CA GLN F 223 11.28 -4.18 -52.36
C GLN F 223 12.18 -5.25 -52.98
N GLY F 224 12.15 -6.47 -52.44
CA GLY F 224 12.93 -7.57 -52.95
C GLY F 224 12.34 -8.27 -54.16
N LEU F 225 11.18 -7.84 -54.63
CA LEU F 225 10.54 -8.40 -55.82
C LEU F 225 10.68 -7.44 -57.00
N SER F 226 11.23 -7.93 -58.11
CA SER F 226 11.34 -7.10 -59.30
C SER F 226 9.97 -6.66 -59.79
N SER F 227 9.00 -7.57 -59.69
CA SER F 227 7.61 -7.35 -60.03
C SER F 227 6.81 -8.08 -58.97
N PRO F 228 5.62 -7.59 -58.61
CA PRO F 228 4.82 -8.28 -57.60
C PRO F 228 4.63 -9.75 -57.94
N VAL F 229 4.80 -10.60 -56.92
CA VAL F 229 4.66 -12.04 -57.06
C VAL F 229 3.25 -12.44 -56.67
N THR F 230 2.57 -13.13 -57.59
CA THR F 230 1.20 -13.58 -57.40
C THR F 230 1.18 -15.11 -57.26
N LYS F 231 0.74 -15.59 -56.10
CA LYS F 231 0.59 -17.01 -55.84
C LYS F 231 -0.89 -17.34 -55.74
N SER F 232 -1.33 -18.33 -56.52
CA SER F 232 -2.75 -18.62 -56.64
C SER F 232 -2.97 -20.13 -56.60
N PHE F 233 -4.22 -20.51 -56.36
CA PHE F 233 -4.63 -21.90 -56.45
C PHE F 233 -6.05 -21.93 -56.97
N ASN F 234 -6.32 -22.81 -57.92
CA ASN F 234 -7.66 -23.01 -58.43
C ASN F 234 -8.38 -23.95 -57.47
N ARG F 235 -9.43 -23.44 -56.82
CA ARG F 235 -10.21 -24.20 -55.85
C ARG F 235 -10.54 -25.59 -56.37
N GLY F 236 -10.42 -26.59 -55.49
CA GLY F 236 -10.68 -27.96 -55.82
C GLY F 236 -9.53 -28.70 -56.48
N GLU F 237 -8.66 -27.99 -57.19
CA GLU F 237 -7.54 -28.64 -57.85
C GLU F 237 -6.41 -28.85 -56.84
N CYS F 238 -5.75 -30.00 -56.94
CA CYS F 238 -4.67 -30.36 -56.02
C CYS F 238 -3.33 -29.77 -56.45
#